data_8VSP
#
_entry.id   8VSP
#
loop_
_entity.id
_entity.type
_entity.pdbx_description
1 polymer 'HLA class II histocompatibility antigen, DQ alpha 1 chain'
2 polymer 'HLA class II histocompatibility antigen, DQ beta 1 chain'
3 polymer 'HLA class II histocompatibility antigen gamma chain'
4 non-polymer 2-acetamido-2-deoxy-beta-D-glucopyranose
#
loop_
_entity_poly.entity_id
_entity_poly.type
_entity_poly.pdbx_seq_one_letter_code
_entity_poly.pdbx_strand_id
1 'polypeptide(L)'
;MILNKALMLGALALTTVMSPCGGEDIVADHVASYGVNLYQSYGPSGQYTHEFDGDEQFYVDLGRKETVWCLPVLRQFRFD
PQFALTNIAVLKHNLNSLIKRSNSTAATNEVPEVTVFSKSPVTLGQPNILICLVDNIFPPVVNITWLSNGHSVTEGVSET
SFLSKSDHSFFKISYLTLLPSAEESYDCKVEHWGLDKPLLKHWEPEIPAPMSELTETVVCALGLSVGLVGIVVGTVFIIR
GLRSVGASRHQGPLAAALEVLFQGPGAAEDQVDPRLIDGKHHHHHHHH
;
A,D,G
2 'polypeptide(L)'
;MSWKKALRIPGGLRAATVTLMLAMLSTPVAEGRDSPEDFVYQFKAMCYFTNGTERVRYVTRYIYNREEYARFDSDVEVYR
AVTPLGPPDAEYWNSQKEVLERTRAELDTVCRHNYQLELRTTLQRRVEPTVTISPSRTEALNHHNLLVCSVTDFYPAQIK
VRWFRNDQEETTGVVSTPLIRNGDWTFQILVMLEMTPQHGDVYTCHVEHPSLQNPITVEWRAQSESAQSKMLSGIGGFVL
GLIFLGLGLIIHHRSQKGLLHAAALEVLFQGPGAAEDQVDPRLIDGKHHHHHHHH
;
B,E,H
3 'polypeptide(L)'
;MDYKDDDDAGTSRHRRRSRSCREDQKPVMDDQRDLISNNEQLPMLGRRPGAPESKCSRGALYTGFSILVTLLLAGQATTA
YFLYQQQGRLDKLTVTSQNLQLENLRMKLPKPPKPVSKMRMATPLLMQALPMGALPQGPMQNATKYGNMTEDHVMHLLQN
ADPLKVYPPLKGSFPENLRHLKNTMETIDWKVFESWMHHWLLFEMSRHSLEQKPTDAPPKVLTKCQEEVSHIPAVHPGSF
RPKCDENGNYLPLQCYGSIGYCWCVFPNGTEVPNTRSRGHHNCSESLELEDPSSGLGVTKQDLGPVPM
;
C,F,I
#
# COMPACT_ATOMS: atom_id res chain seq x y z
N ASP A 25 -11.10 38.29 27.27
CA ASP A 25 -10.80 36.92 26.91
C ASP A 25 -11.80 35.98 27.57
N ILE A 26 -11.90 34.77 27.03
CA ILE A 26 -12.85 33.76 27.51
C ILE A 26 -12.08 32.49 27.84
N VAL A 27 -12.33 31.93 29.02
CA VAL A 27 -11.67 30.71 29.48
C VAL A 27 -12.72 29.61 29.53
N ALA A 28 -12.42 28.49 28.86
CA ALA A 28 -13.35 27.38 28.77
C ALA A 28 -12.57 26.09 28.57
N ASP A 29 -13.25 24.97 28.82
CA ASP A 29 -12.60 23.66 28.68
C ASP A 29 -12.32 23.35 27.22
N HIS A 30 -13.31 23.54 26.34
CA HIS A 30 -13.16 23.28 24.92
C HIS A 30 -13.67 24.48 24.14
N VAL A 31 -12.98 24.80 23.04
CA VAL A 31 -13.33 25.91 22.18
C VAL A 31 -13.54 25.37 20.77
N ALA A 32 -14.69 25.67 20.18
CA ALA A 32 -15.01 25.28 18.82
C ALA A 32 -15.40 26.50 18.01
N SER A 33 -14.88 26.57 16.79
CA SER A 33 -15.15 27.67 15.85
C SER A 33 -15.82 27.08 14.61
N TYR A 34 -17.15 27.10 14.60
CA TYR A 34 -17.93 26.48 13.54
C TYR A 34 -18.28 27.46 12.43
N GLY A 35 -17.66 28.63 12.40
CA GLY A 35 -17.98 29.62 11.40
C GLY A 35 -16.77 30.36 10.86
N VAL A 36 -15.62 29.69 10.77
CA VAL A 36 -14.42 30.37 10.30
C VAL A 36 -14.52 30.58 8.80
N ASN A 37 -14.88 31.80 8.40
CA ASN A 37 -15.00 32.18 7.00
C ASN A 37 -13.93 33.21 6.69
N LEU A 38 -13.32 33.09 5.52
CA LEU A 38 -12.25 33.97 5.10
C LEU A 38 -12.53 34.48 3.70
N TYR A 39 -12.13 35.72 3.44
CA TYR A 39 -12.24 36.31 2.12
C TYR A 39 -11.27 37.47 2.02
N GLN A 40 -10.67 37.63 0.84
CA GLN A 40 -9.75 38.73 0.60
C GLN A 40 -9.80 39.13 -0.86
N SER A 41 -9.38 40.36 -1.12
CA SER A 41 -9.50 40.97 -2.44
C SER A 41 -8.31 40.66 -3.35
N TYR A 42 -7.25 40.02 -2.84
CA TYR A 42 -6.07 39.82 -3.65
C TYR A 42 -6.33 38.86 -4.80
N GLY A 43 -7.00 37.74 -4.53
CA GLY A 43 -7.25 36.73 -5.53
C GLY A 43 -8.23 37.16 -6.61
N PRO A 44 -9.51 37.32 -6.24
CA PRO A 44 -10.12 37.15 -4.92
C PRO A 44 -10.17 35.68 -4.50
N SER A 45 -9.97 35.42 -3.21
CA SER A 45 -9.92 34.06 -2.69
C SER A 45 -10.57 34.02 -1.33
N GLY A 46 -11.01 32.82 -0.93
CA GLY A 46 -11.65 32.61 0.35
C GLY A 46 -11.31 31.25 0.90
N GLN A 47 -11.82 30.97 2.09
CA GLN A 47 -11.56 29.71 2.76
C GLN A 47 -12.68 29.44 3.76
N TYR A 48 -13.03 28.16 3.93
CA TYR A 48 -13.99 27.74 4.91
C TYR A 48 -13.43 26.55 5.68
N THR A 49 -13.34 26.69 7.00
CA THR A 49 -12.83 25.62 7.86
C THR A 49 -13.65 25.59 9.14
N HIS A 50 -13.71 24.41 9.74
CA HIS A 50 -14.27 24.22 11.07
C HIS A 50 -13.16 23.77 12.01
N GLU A 51 -13.06 24.40 13.18
CA GLU A 51 -12.00 24.11 14.12
C GLU A 51 -12.58 23.71 15.47
N PHE A 52 -11.94 22.74 16.11
CA PHE A 52 -12.33 22.30 17.45
C PHE A 52 -11.06 22.04 18.25
N ASP A 53 -10.87 22.84 19.30
CA ASP A 53 -9.67 22.77 20.13
C ASP A 53 -8.40 22.98 19.29
N GLY A 54 -8.46 23.92 18.35
CA GLY A 54 -7.29 24.33 17.60
C GLY A 54 -6.90 23.43 16.45
N ASP A 55 -7.67 22.39 16.15
CA ASP A 55 -7.39 21.49 15.04
C ASP A 55 -8.47 21.61 13.99
N GLU A 56 -8.08 21.42 12.74
CA GLU A 56 -9.00 21.58 11.61
C GLU A 56 -9.81 20.30 11.40
N GLN A 57 -11.13 20.43 11.45
CA GLN A 57 -12.01 19.28 11.25
C GLN A 57 -12.20 18.98 9.78
N PHE A 58 -12.44 20.00 8.96
CA PHE A 58 -12.56 19.83 7.52
C PHE A 58 -12.41 21.19 6.87
N TYR A 59 -12.34 21.18 5.53
CA TYR A 59 -12.41 22.40 4.74
C TYR A 59 -13.21 22.13 3.48
N VAL A 60 -13.81 23.18 2.95
CA VAL A 60 -14.64 23.10 1.76
C VAL A 60 -13.89 23.77 0.62
N ASP A 61 -13.47 22.98 -0.36
CA ASP A 61 -12.79 23.50 -1.52
C ASP A 61 -13.79 24.29 -2.36
N LEU A 62 -13.66 25.62 -2.34
CA LEU A 62 -14.66 26.48 -2.97
C LEU A 62 -14.75 26.25 -4.47
N GLY A 63 -13.61 26.11 -5.13
CA GLY A 63 -13.63 25.93 -6.58
C GLY A 63 -14.27 24.62 -6.99
N ARG A 64 -13.96 23.54 -6.29
CA ARG A 64 -14.47 22.22 -6.63
C ARG A 64 -15.77 21.87 -5.94
N LYS A 65 -16.23 22.71 -4.99
CA LYS A 65 -17.49 22.49 -4.28
C LYS A 65 -17.52 21.12 -3.62
N GLU A 66 -16.45 20.81 -2.87
CA GLU A 66 -16.31 19.52 -2.21
C GLU A 66 -15.88 19.74 -0.77
N THR A 67 -16.34 18.86 0.12
CA THR A 67 -15.99 18.90 1.53
C THR A 67 -14.94 17.83 1.81
N VAL A 68 -13.73 18.26 2.19
CA VAL A 68 -12.62 17.36 2.46
C VAL A 68 -12.42 17.30 3.96
N TRP A 69 -12.66 16.12 4.54
CA TRP A 69 -12.52 15.94 5.98
C TRP A 69 -11.07 15.67 6.33
N CYS A 70 -10.59 16.34 7.38
CA CYS A 70 -9.20 16.23 7.79
C CYS A 70 -8.98 15.15 8.85
N LEU A 71 -10.04 14.54 9.37
CA LEU A 71 -9.92 13.50 10.37
C LEU A 71 -10.73 12.29 9.92
N PRO A 72 -10.15 11.09 9.91
CA PRO A 72 -10.88 9.93 9.40
C PRO A 72 -12.16 9.60 10.16
N VAL A 73 -12.20 9.87 11.47
CA VAL A 73 -13.35 9.52 12.29
C VAL A 73 -14.49 10.50 12.05
N LEU A 74 -14.22 11.55 11.28
CA LEU A 74 -15.22 12.57 10.99
C LEU A 74 -15.84 12.43 9.61
N ARG A 75 -15.45 11.41 8.84
CA ARG A 75 -16.02 11.22 7.51
C ARG A 75 -17.43 10.67 7.55
N GLN A 76 -17.90 10.22 8.71
CA GLN A 76 -19.25 9.67 8.84
C GLN A 76 -20.34 10.72 8.80
N PHE A 77 -19.99 11.99 8.96
CA PHE A 77 -20.96 13.08 8.95
C PHE A 77 -21.07 13.68 7.56
N ARG A 78 -21.99 14.63 7.41
CA ARG A 78 -22.24 15.28 6.13
C ARG A 78 -22.34 16.78 6.33
N PHE A 79 -21.64 17.54 5.49
CA PHE A 79 -21.76 18.99 5.44
C PHE A 79 -21.88 19.40 3.98
N ASP A 80 -22.92 20.15 3.65
CA ASP A 80 -23.14 20.55 2.27
C ASP A 80 -22.13 21.61 1.85
N PRO A 81 -21.34 21.38 0.79
CA PRO A 81 -20.39 22.41 0.36
C PRO A 81 -21.05 23.71 -0.06
N GLN A 82 -22.27 23.65 -0.61
CA GLN A 82 -22.97 24.86 -1.02
C GLN A 82 -23.27 25.77 0.17
N PHE A 83 -23.34 25.21 1.38
CA PHE A 83 -23.51 26.04 2.56
C PHE A 83 -22.34 26.99 2.75
N ALA A 84 -21.11 26.52 2.51
CA ALA A 84 -19.94 27.36 2.65
C ALA A 84 -19.93 28.48 1.62
N LEU A 85 -20.35 28.18 0.39
CA LEU A 85 -20.29 29.18 -0.67
C LEU A 85 -21.27 30.32 -0.41
N THR A 86 -22.42 30.02 0.20
CA THR A 86 -23.36 31.08 0.54
C THR A 86 -22.75 32.05 1.55
N ASN A 87 -22.05 31.53 2.55
CA ASN A 87 -21.46 32.38 3.58
C ASN A 87 -20.40 33.31 3.01
N ILE A 88 -19.53 32.78 2.15
CA ILE A 88 -18.43 33.59 1.65
C ILE A 88 -18.94 34.64 0.67
N ALA A 89 -20.04 34.36 -0.02
CA ALA A 89 -20.66 35.39 -0.86
C ALA A 89 -21.14 36.57 -0.04
N VAL A 90 -21.56 36.32 1.20
CA VAL A 90 -21.95 37.41 2.10
C VAL A 90 -20.73 38.23 2.51
N LEU A 91 -19.61 37.56 2.79
CA LEU A 91 -18.41 38.27 3.19
C LEU A 91 -17.89 39.17 2.08
N LYS A 92 -18.04 38.73 0.82
CA LYS A 92 -17.62 39.56 -0.31
C LYS A 92 -18.42 40.85 -0.36
N HIS A 93 -19.74 40.75 -0.21
CA HIS A 93 -20.58 41.94 -0.20
C HIS A 93 -20.30 42.80 1.02
N ASN A 94 -20.06 42.17 2.17
CA ASN A 94 -19.75 42.93 3.37
C ASN A 94 -18.44 43.70 3.22
N LEU A 95 -17.44 43.07 2.59
CA LEU A 95 -16.14 43.71 2.46
C LEU A 95 -16.21 44.97 1.60
N ASN A 96 -16.96 44.93 0.51
CA ASN A 96 -17.07 46.10 -0.35
C ASN A 96 -17.75 47.27 0.37
N SER A 97 -18.72 46.98 1.23
CA SER A 97 -19.32 48.04 2.02
C SER A 97 -18.38 48.57 3.09
N LEU A 98 -17.38 47.78 3.50
CA LEU A 98 -16.45 48.22 4.53
C LEU A 98 -15.25 48.97 3.97
N ILE A 99 -14.86 48.69 2.73
CA ILE A 99 -13.73 49.39 2.13
C ILE A 99 -14.05 50.88 1.98
N LYS A 100 -15.29 51.20 1.64
CA LYS A 100 -15.69 52.60 1.51
C LYS A 100 -15.68 53.30 2.86
N ARG A 101 -16.27 52.66 3.89
CA ARG A 101 -16.32 53.29 5.20
C ARG A 101 -14.94 53.41 5.83
N SER A 102 -14.04 52.48 5.53
CA SER A 102 -12.67 52.54 6.03
C SER A 102 -11.76 53.40 5.17
N ASN A 103 -12.28 53.95 4.08
CA ASN A 103 -11.50 54.80 3.16
C ASN A 103 -10.28 54.06 2.64
N SER A 104 -10.46 52.77 2.34
CA SER A 104 -9.42 51.94 1.71
C SER A 104 -8.16 51.88 2.56
N THR A 105 -8.30 51.31 3.76
CA THR A 105 -7.16 51.01 4.62
C THR A 105 -6.66 49.62 4.28
N ALA A 106 -5.52 49.55 3.61
CA ALA A 106 -4.95 48.26 3.22
C ALA A 106 -4.42 47.52 4.45
N ALA A 107 -4.32 46.21 4.32
CA ALA A 107 -3.81 45.39 5.41
C ALA A 107 -2.34 45.69 5.64
N THR A 108 -1.95 45.77 6.91
CA THR A 108 -0.56 45.98 7.27
C THR A 108 0.15 44.63 7.27
N ASN A 109 1.06 44.43 6.33
CA ASN A 109 1.77 43.17 6.22
C ASN A 109 2.63 42.93 7.45
N GLU A 110 2.65 41.68 7.92
CA GLU A 110 3.37 41.29 9.11
C GLU A 110 4.61 40.48 8.74
N VAL A 111 5.44 40.23 9.75
CA VAL A 111 6.67 39.47 9.59
C VAL A 111 6.40 38.05 10.10
N PRO A 112 6.34 37.05 9.24
CA PRO A 112 6.08 35.69 9.70
C PRO A 112 7.23 35.14 10.54
N GLU A 113 6.87 34.21 11.42
CA GLU A 113 7.83 33.46 12.23
C GLU A 113 7.82 32.02 11.76
N VAL A 114 8.99 31.50 11.39
CA VAL A 114 9.12 30.19 10.78
C VAL A 114 9.90 29.29 11.72
N THR A 115 9.33 28.13 12.03
CA THR A 115 9.96 27.14 12.91
C THR A 115 9.90 25.78 12.23
N VAL A 116 11.03 25.08 12.19
CA VAL A 116 11.13 23.78 11.55
C VAL A 116 11.56 22.76 12.60
N PHE A 117 10.80 21.67 12.70
CA PHE A 117 11.10 20.61 13.66
C PHE A 117 10.58 19.30 13.12
N SER A 118 11.09 18.21 13.69
CA SER A 118 10.73 16.86 13.25
C SER A 118 9.55 16.34 14.07
N LYS A 119 8.64 15.64 13.39
CA LYS A 119 7.46 15.11 14.07
C LYS A 119 7.83 14.03 15.09
N SER A 120 8.81 13.22 14.76
CA SER A 120 9.28 12.14 15.61
C SER A 120 10.79 12.27 15.77
N PRO A 121 11.37 11.67 16.82
CA PRO A 121 12.83 11.71 16.98
C PRO A 121 13.51 11.12 15.76
N VAL A 122 14.58 11.79 15.34
CA VAL A 122 15.20 11.51 14.04
C VAL A 122 16.11 10.29 14.18
N THR A 123 15.66 9.16 13.63
CA THR A 123 16.47 7.96 13.51
C THR A 123 16.72 7.70 12.03
N LEU A 124 18.00 7.56 11.66
CA LEU A 124 18.36 7.43 10.26
C LEU A 124 17.75 6.18 9.65
N GLY A 125 16.91 6.38 8.64
CA GLY A 125 16.30 5.26 7.94
C GLY A 125 14.80 5.17 8.12
N GLN A 126 14.31 5.38 9.35
CA GLN A 126 12.89 5.26 9.59
C GLN A 126 12.15 6.44 8.94
N PRO A 127 10.97 6.21 8.39
CA PRO A 127 10.20 7.31 7.81
C PRO A 127 9.87 8.37 8.85
N ASN A 128 9.87 9.62 8.41
CA ASN A 128 9.56 10.74 9.29
C ASN A 128 8.90 11.83 8.48
N ILE A 129 8.25 12.75 9.19
CA ILE A 129 7.56 13.88 8.58
C ILE A 129 8.16 15.15 9.14
N LEU A 130 8.70 15.99 8.26
CA LEU A 130 9.14 17.32 8.68
C LEU A 130 7.94 18.24 8.86
N ILE A 131 8.07 19.18 9.79
CA ILE A 131 7.01 20.13 10.10
C ILE A 131 7.59 21.53 10.05
N CYS A 132 7.07 22.36 9.16
CA CYS A 132 7.44 23.77 9.07
C CYS A 132 6.23 24.61 9.46
N LEU A 133 6.34 25.31 10.58
CA LEU A 133 5.25 26.10 11.13
C LEU A 133 5.51 27.57 10.86
N VAL A 134 4.71 28.16 9.98
CA VAL A 134 4.76 29.59 9.71
C VAL A 134 3.69 30.25 10.57
N ASP A 135 4.11 31.14 11.47
CA ASP A 135 3.23 31.76 12.44
C ASP A 135 3.14 33.27 12.15
N ASN A 136 2.05 33.87 12.61
CA ASN A 136 1.80 35.30 12.50
C ASN A 136 1.70 35.72 11.03
N ILE A 137 0.91 34.98 10.27
CA ILE A 137 0.70 35.26 8.85
C ILE A 137 -0.44 36.25 8.70
N PHE A 138 -0.17 37.37 8.01
CA PHE A 138 -1.22 38.29 7.63
C PHE A 138 -0.71 39.20 6.52
N PRO A 139 -1.41 39.29 5.37
CA PRO A 139 -2.66 38.62 4.99
C PRO A 139 -2.45 37.13 4.73
N PRO A 140 -3.52 36.34 4.59
CA PRO A 140 -3.34 34.91 4.33
C PRO A 140 -2.82 34.63 2.92
N VAL A 141 -1.63 35.14 2.60
CA VAL A 141 -0.98 34.92 1.31
C VAL A 141 0.46 34.57 1.59
N VAL A 142 0.85 33.32 1.32
CA VAL A 142 2.18 32.84 1.63
C VAL A 142 2.51 31.68 0.70
N ASN A 143 3.79 31.56 0.35
CA ASN A 143 4.31 30.44 -0.42
C ASN A 143 5.30 29.67 0.46
N ILE A 144 4.94 28.45 0.83
CA ILE A 144 5.80 27.59 1.64
C ILE A 144 6.27 26.46 0.74
N THR A 145 7.58 26.38 0.55
CA THR A 145 8.19 25.36 -0.29
C THR A 145 9.37 24.75 0.43
N TRP A 146 9.74 23.55 -0.01
CA TRP A 146 10.84 22.81 0.59
C TRP A 146 12.01 22.74 -0.38
N LEU A 147 13.22 22.88 0.15
CA LEU A 147 14.45 22.82 -0.63
C LEU A 147 15.33 21.71 -0.11
N SER A 148 15.91 20.94 -1.03
CA SER A 148 16.85 19.88 -0.69
C SER A 148 18.14 20.14 -1.48
N ASN A 149 19.15 20.68 -0.79
CA ASN A 149 20.43 21.03 -1.40
C ASN A 149 20.22 21.97 -2.59
N GLY A 150 19.32 22.93 -2.42
CA GLY A 150 19.12 23.97 -3.41
C GLY A 150 18.11 23.67 -4.49
N HIS A 151 17.54 22.48 -4.52
CA HIS A 151 16.56 22.10 -5.54
C HIS A 151 15.20 21.89 -4.90
N SER A 152 14.16 22.37 -5.58
CA SER A 152 12.81 22.27 -5.05
C SER A 152 12.36 20.81 -4.96
N VAL A 153 11.58 20.51 -3.94
CA VAL A 153 11.02 19.17 -3.71
C VAL A 153 9.51 19.24 -3.88
N THR A 154 8.99 18.40 -4.77
CA THR A 154 7.56 18.37 -5.05
C THR A 154 6.98 16.97 -4.85
N GLU A 155 7.62 16.17 -4.00
CA GLU A 155 7.17 14.81 -3.71
C GLU A 155 6.98 14.66 -2.22
N GLY A 156 5.78 14.25 -1.81
CA GLY A 156 5.49 14.08 -0.39
C GLY A 156 5.28 15.35 0.39
N VAL A 157 4.95 16.45 -0.28
CA VAL A 157 4.76 17.74 0.37
C VAL A 157 3.27 17.98 0.52
N SER A 158 2.83 18.30 1.75
CA SER A 158 1.44 18.62 2.02
C SER A 158 1.38 19.80 2.97
N GLU A 159 0.27 20.52 2.92
CA GLU A 159 0.07 21.71 3.75
C GLU A 159 -1.31 21.69 4.38
N THR A 160 -1.43 22.37 5.51
CA THR A 160 -2.71 22.57 6.18
C THR A 160 -3.31 23.90 5.76
N SER A 161 -4.58 24.08 6.09
CA SER A 161 -5.24 25.34 5.80
C SER A 161 -4.78 26.42 6.76
N PHE A 162 -5.06 27.67 6.39
CA PHE A 162 -4.79 28.79 7.30
C PHE A 162 -5.63 28.64 8.55
N LEU A 163 -4.98 28.35 9.67
CA LEU A 163 -5.67 28.13 10.93
C LEU A 163 -5.69 29.43 11.74
N SER A 164 -6.82 29.71 12.37
CA SER A 164 -7.07 31.00 12.97
C SER A 164 -6.34 31.15 14.30
N LYS A 165 -6.17 32.40 14.72
CA LYS A 165 -5.62 32.73 16.03
C LYS A 165 -6.55 33.64 16.80
N SER A 166 -6.11 34.14 17.94
CA SER A 166 -6.91 35.04 18.76
C SER A 166 -6.67 36.50 18.45
N ASP A 167 -5.50 36.83 17.90
CA ASP A 167 -5.21 38.18 17.43
C ASP A 167 -5.62 38.38 15.98
N HIS A 168 -6.37 37.42 15.41
CA HIS A 168 -6.91 37.47 14.06
C HIS A 168 -5.81 37.37 13.00
N SER A 169 -4.72 36.69 13.34
CA SER A 169 -3.69 36.28 12.41
C SER A 169 -3.90 34.81 12.08
N PHE A 170 -2.95 34.21 11.38
CA PHE A 170 -3.08 32.83 10.91
C PHE A 170 -1.76 32.11 11.08
N PHE A 171 -1.82 30.79 11.09
CA PHE A 171 -0.63 29.96 11.03
C PHE A 171 -0.89 28.77 10.13
N LYS A 172 0.14 28.37 9.40
CA LYS A 172 0.07 27.31 8.41
C LYS A 172 1.21 26.34 8.66
N ILE A 173 0.98 25.08 8.28
CA ILE A 173 1.97 24.02 8.50
C ILE A 173 2.16 23.27 7.20
N SER A 174 3.42 23.02 6.83
CA SER A 174 3.77 22.24 5.66
C SER A 174 4.51 21.00 6.10
N TYR A 175 4.12 19.85 5.55
CA TYR A 175 4.72 18.56 5.90
C TYR A 175 5.56 18.06 4.73
N LEU A 176 6.68 17.41 5.05
CA LEU A 176 7.57 16.82 4.06
C LEU A 176 7.91 15.40 4.51
N THR A 177 7.19 14.43 3.96
CA THR A 177 7.49 13.02 4.25
C THR A 177 8.84 12.67 3.67
N LEU A 178 9.82 12.45 4.53
CA LEU A 178 11.20 12.26 4.11
C LEU A 178 11.76 10.99 4.72
N LEU A 179 12.79 10.47 4.08
CA LEU A 179 13.59 9.38 4.65
C LEU A 179 14.93 9.97 5.09
N PRO A 180 15.19 10.10 6.38
CA PRO A 180 16.41 10.79 6.83
C PRO A 180 17.66 10.16 6.26
N SER A 181 18.58 11.02 5.82
CA SER A 181 19.89 10.62 5.35
C SER A 181 20.92 11.55 5.95
N ALA A 182 22.02 10.99 6.44
CA ALA A 182 23.06 11.81 7.06
C ALA A 182 23.72 12.75 6.06
N GLU A 183 23.63 12.46 4.77
CA GLU A 183 24.25 13.28 3.74
C GLU A 183 23.30 14.29 3.12
N GLU A 184 22.04 14.34 3.58
CA GLU A 184 21.02 15.18 2.96
C GLU A 184 20.48 16.17 3.99
N SER A 185 20.27 17.41 3.54
CA SER A 185 19.75 18.48 4.38
C SER A 185 18.57 19.14 3.67
N TYR A 186 17.74 19.81 4.47
CA TYR A 186 16.52 20.41 3.96
C TYR A 186 16.36 21.83 4.50
N ASP A 187 15.62 22.64 3.76
CA ASP A 187 15.27 23.99 4.15
C ASP A 187 13.80 24.24 3.86
N CYS A 188 13.21 25.18 4.60
CA CYS A 188 11.83 25.58 4.40
C CYS A 188 11.83 27.01 3.88
N LYS A 189 11.42 27.19 2.63
CA LYS A 189 11.39 28.49 1.99
C LYS A 189 10.02 29.11 2.18
N VAL A 190 9.97 30.24 2.90
CA VAL A 190 8.72 30.93 3.20
C VAL A 190 8.77 32.29 2.54
N GLU A 191 7.88 32.52 1.59
CA GLU A 191 7.77 33.80 0.89
C GLU A 191 6.52 34.53 1.37
N HIS A 192 6.69 35.77 1.80
CA HIS A 192 5.57 36.59 2.24
C HIS A 192 5.88 38.05 1.96
N TRP A 193 4.83 38.85 1.85
CA TRP A 193 5.00 40.26 1.53
C TRP A 193 5.73 41.01 2.63
N GLY A 194 5.64 40.52 3.86
CA GLY A 194 6.28 41.18 4.98
C GLY A 194 7.75 40.90 5.14
N LEU A 195 8.33 40.09 4.27
CA LEU A 195 9.76 39.78 4.30
C LEU A 195 10.45 40.46 3.14
N ASP A 196 11.56 41.13 3.43
CA ASP A 196 12.30 41.83 2.38
C ASP A 196 12.83 40.85 1.34
N LYS A 197 13.39 39.74 1.79
CA LYS A 197 13.88 38.66 0.95
C LYS A 197 13.30 37.36 1.47
N PRO A 198 13.20 36.34 0.61
CA PRO A 198 12.61 35.07 1.07
C PRO A 198 13.37 34.49 2.25
N LEU A 199 12.62 33.92 3.19
CA LEU A 199 13.15 33.41 4.43
C LEU A 199 13.40 31.91 4.31
N LEU A 200 14.56 31.46 4.76
CA LEU A 200 14.93 30.06 4.74
C LEU A 200 15.18 29.60 6.17
N LYS A 201 14.54 28.50 6.56
CA LYS A 201 14.79 27.87 7.85
C LYS A 201 15.39 26.50 7.59
N HIS A 202 16.56 26.25 8.16
CA HIS A 202 17.35 25.08 7.86
C HIS A 202 17.04 23.93 8.81
N TRP A 203 17.36 22.71 8.38
CA TRP A 203 17.20 21.53 9.21
C TRP A 203 18.21 20.48 8.77
N GLU A 204 19.05 20.02 9.70
CA GLU A 204 20.00 18.94 9.46
C GLU A 204 19.86 17.89 10.54
N PRO A 205 19.92 16.60 10.18
CA PRO A 205 19.81 15.47 11.11
C PRO A 205 20.87 15.50 12.22
N MET A 211 32.96 5.78 15.67
CA MET A 211 32.46 4.67 16.46
C MET A 211 32.86 3.31 15.91
N SER A 212 33.14 3.27 14.61
CA SER A 212 33.55 2.02 13.99
C SER A 212 34.88 1.51 14.51
N GLU A 213 35.85 2.40 14.69
CA GLU A 213 37.14 1.98 15.21
C GLU A 213 37.06 1.48 16.64
N LEU A 214 36.30 2.17 17.49
CA LEU A 214 36.13 1.73 18.86
C LEU A 214 35.41 0.39 18.93
N THR A 215 34.37 0.22 18.10
CA THR A 215 33.65 -1.04 18.07
C THR A 215 34.53 -2.18 17.59
N GLU A 216 35.36 -1.92 16.57
CA GLU A 216 36.27 -2.95 16.08
C GLU A 216 37.28 -3.35 17.14
N THR A 217 37.83 -2.37 17.86
CA THR A 217 38.75 -2.68 18.95
C THR A 217 38.06 -3.44 20.07
N VAL A 218 36.83 -3.03 20.40
CA VAL A 218 36.09 -3.72 21.46
C VAL A 218 35.76 -5.16 21.05
N VAL A 219 35.34 -5.36 19.80
CA VAL A 219 35.01 -6.71 19.34
C VAL A 219 36.24 -7.61 19.37
N CYS A 220 37.39 -7.10 18.93
CA CYS A 220 38.61 -7.91 18.94
C CYS A 220 39.07 -8.20 20.36
N ALA A 221 38.88 -7.24 21.28
CA ALA A 221 39.33 -7.43 22.65
C ALA A 221 38.61 -8.58 23.32
N LEU A 222 37.28 -8.65 23.16
CA LEU A 222 36.52 -9.76 23.72
C LEU A 222 36.82 -11.05 22.96
N GLY A 223 37.11 -10.95 21.67
CA GLY A 223 37.37 -12.13 20.86
C GLY A 223 38.58 -12.90 21.35
N LEU A 224 39.72 -12.20 21.51
CA LEU A 224 40.91 -12.86 22.00
C LEU A 224 40.76 -13.28 23.46
N SER A 225 40.01 -12.52 24.25
CA SER A 225 39.78 -12.89 25.64
C SER A 225 38.97 -14.17 25.74
N VAL A 226 37.83 -14.24 25.05
CA VAL A 226 37.04 -15.46 25.05
C VAL A 226 37.79 -16.60 24.38
N GLY A 227 38.67 -16.28 23.43
CA GLY A 227 39.50 -17.31 22.82
C GLY A 227 40.46 -17.91 23.84
N LEU A 228 41.12 -17.06 24.63
CA LEU A 228 42.02 -17.55 25.66
C LEU A 228 41.27 -18.25 26.79
N VAL A 229 40.05 -17.80 27.07
CA VAL A 229 39.26 -18.42 28.13
C VAL A 229 38.93 -19.87 27.79
N GLY A 230 38.54 -20.13 26.54
CA GLY A 230 38.26 -21.50 26.14
C GLY A 230 39.54 -22.32 26.07
N ILE A 231 40.65 -21.68 25.67
CA ILE A 231 41.93 -22.39 25.60
C ILE A 231 42.38 -22.84 26.98
N VAL A 232 42.19 -21.99 27.99
CA VAL A 232 42.64 -22.33 29.34
C VAL A 232 41.89 -23.55 29.88
N VAL A 233 40.57 -23.57 29.71
CA VAL A 233 39.79 -24.69 30.22
C VAL A 233 40.20 -25.99 29.54
N GLY A 234 40.43 -25.96 28.23
CA GLY A 234 40.90 -27.14 27.53
C GLY A 234 42.26 -27.60 28.08
N THR A 235 43.15 -26.66 28.33
CA THR A 235 44.43 -27.00 28.96
C THR A 235 44.24 -27.39 30.42
N VAL A 236 43.34 -26.71 31.12
CA VAL A 236 43.08 -27.05 32.52
C VAL A 236 42.52 -28.45 32.65
N PHE A 237 41.65 -28.85 31.71
CA PHE A 237 41.05 -30.17 31.77
C PHE A 237 42.12 -31.26 31.70
N ILE A 238 43.12 -31.07 30.83
CA ILE A 238 44.24 -32.00 30.81
C ILE A 238 45.01 -31.96 32.12
N ILE A 239 45.27 -30.75 32.63
CA ILE A 239 46.07 -30.62 33.84
C ILE A 239 45.39 -31.28 35.03
N ARG A 240 44.09 -31.06 35.19
CA ARG A 240 43.35 -31.73 36.25
C ARG A 240 43.35 -33.24 36.03
N GLY A 241 43.15 -33.68 34.79
CA GLY A 241 43.16 -35.11 34.50
C GLY A 241 44.56 -35.69 34.54
N LEU A 242 45.58 -34.85 34.42
CA LEU A 242 46.95 -35.36 34.43
C LEU A 242 47.32 -35.98 35.77
N ARG A 243 46.89 -35.36 36.87
CA ARG A 243 47.24 -35.87 38.19
C ARG A 243 46.64 -37.26 38.42
N SER A 244 45.39 -37.46 38.02
CA SER A 244 44.72 -38.75 38.21
C SER A 244 45.32 -39.81 37.29
N SER B 35 4.68 45.08 -2.80
CA SER B 35 3.66 44.65 -1.86
C SER B 35 2.29 45.19 -2.27
N PRO B 36 1.57 44.41 -3.07
CA PRO B 36 0.25 44.83 -3.52
C PRO B 36 -0.70 45.04 -2.35
N GLU B 37 -1.61 46.00 -2.51
CA GLU B 37 -2.62 46.26 -1.50
C GLU B 37 -3.60 45.09 -1.42
N ASP B 38 -4.05 44.79 -0.21
CA ASP B 38 -4.94 43.66 0.03
C ASP B 38 -5.85 43.98 1.20
N PHE B 39 -7.13 43.65 1.04
CA PHE B 39 -8.13 43.82 2.08
C PHE B 39 -8.68 42.47 2.47
N VAL B 40 -8.70 42.19 3.78
CA VAL B 40 -9.07 40.88 4.29
C VAL B 40 -10.28 41.05 5.22
N TYR B 41 -11.33 40.28 4.95
CA TYR B 41 -12.51 40.23 5.81
C TYR B 41 -12.70 38.80 6.27
N GLN B 42 -12.82 38.61 7.58
CA GLN B 42 -13.00 37.30 8.15
C GLN B 42 -14.13 37.31 9.16
N PHE B 43 -14.78 36.16 9.31
CA PHE B 43 -15.92 35.98 10.19
C PHE B 43 -15.70 34.71 10.98
N LYS B 44 -15.98 34.75 12.28
CA LYS B 44 -15.75 33.61 13.15
C LYS B 44 -16.99 33.39 14.02
N ALA B 45 -17.45 32.14 14.08
CA ALA B 45 -18.55 31.75 14.96
C ALA B 45 -17.99 30.78 15.98
N MET B 46 -17.77 31.26 17.20
CA MET B 46 -17.03 30.52 18.21
C MET B 46 -17.96 30.11 19.35
N CYS B 47 -17.94 28.83 19.70
CA CYS B 47 -18.69 28.28 20.82
C CYS B 47 -17.71 27.94 21.93
N TYR B 48 -18.07 28.30 23.16
CA TYR B 48 -17.24 28.00 24.32
C TYR B 48 -18.00 27.06 25.26
N PHE B 49 -17.39 25.91 25.56
CA PHE B 49 -18.08 24.90 26.41
C PHE B 49 -17.39 24.81 27.78
N THR B 50 -17.98 25.43 28.80
CA THR B 50 -17.42 25.31 30.17
C THR B 50 -18.08 24.10 30.83
N ASN B 51 -17.29 23.24 31.51
CA ASN B 51 -17.84 22.00 32.11
C ASN B 51 -18.51 21.18 31.00
N GLY B 52 -19.66 20.58 31.27
CA GLY B 52 -20.41 19.86 30.21
C GLY B 52 -21.31 20.82 29.48
N THR B 53 -22.49 20.39 29.06
CA THR B 53 -23.38 21.37 28.46
C THR B 53 -23.99 22.31 29.50
N GLU B 54 -23.40 22.38 30.69
CA GLU B 54 -23.96 23.21 31.76
C GLU B 54 -23.95 24.68 31.37
N ARG B 55 -22.80 25.20 30.93
CA ARG B 55 -22.69 26.58 30.50
C ARG B 55 -22.09 26.62 29.11
N VAL B 56 -22.65 27.47 28.25
CA VAL B 56 -22.19 27.66 26.89
C VAL B 56 -22.22 29.14 26.57
N ARG B 57 -21.14 29.65 26.00
CA ARG B 57 -21.08 31.00 25.45
C ARG B 57 -20.98 30.94 23.94
N TYR B 58 -21.60 31.91 23.28
CA TYR B 58 -21.62 31.95 21.82
C TYR B 58 -21.28 33.37 21.38
N VAL B 59 -20.15 33.52 20.70
CA VAL B 59 -19.71 34.82 20.19
C VAL B 59 -19.45 34.69 18.70
N THR B 60 -19.99 35.64 17.93
CA THR B 60 -19.72 35.75 16.51
C THR B 60 -18.97 37.05 16.27
N ARG B 61 -17.81 36.96 15.61
CA ARG B 61 -16.87 38.06 15.49
C ARG B 61 -16.76 38.49 14.04
N TYR B 62 -16.91 39.78 13.80
CA TYR B 62 -16.76 40.37 12.47
C TYR B 62 -15.46 41.16 12.44
N ILE B 63 -14.49 40.66 11.70
CA ILE B 63 -13.13 41.20 11.70
C ILE B 63 -12.85 41.80 10.33
N TYR B 64 -12.26 43.00 10.34
CA TYR B 64 -11.82 43.69 9.12
C TYR B 64 -10.35 44.03 9.29
N ASN B 65 -9.48 43.21 8.69
CA ASN B 65 -8.03 43.39 8.76
C ASN B 65 -7.55 43.41 10.22
N ARG B 66 -7.76 42.28 10.90
CA ARG B 66 -7.32 42.08 12.28
C ARG B 66 -7.96 43.06 13.24
N GLU B 67 -9.12 43.63 12.88
CA GLU B 67 -9.81 44.61 13.72
C GLU B 67 -11.27 44.18 13.83
N GLU B 68 -11.61 43.53 14.93
CA GLU B 68 -12.98 43.13 15.18
C GLU B 68 -13.81 44.35 15.58
N TYR B 69 -14.86 44.63 14.82
CA TYR B 69 -15.67 45.83 15.04
C TYR B 69 -17.07 45.55 15.55
N ALA B 70 -17.69 44.45 15.15
CA ALA B 70 -19.01 44.07 15.60
C ALA B 70 -18.97 42.66 16.14
N ARG B 71 -19.66 42.43 17.25
CA ARG B 71 -19.64 41.14 17.90
C ARG B 71 -20.99 40.85 18.52
N PHE B 72 -21.30 39.57 18.64
CA PHE B 72 -22.47 39.07 19.36
C PHE B 72 -21.99 38.33 20.59
N ASP B 73 -22.65 38.56 21.73
CA ASP B 73 -22.31 37.87 22.96
C ASP B 73 -23.57 37.22 23.52
N SER B 74 -23.51 35.90 23.75
CA SER B 74 -24.66 35.20 24.29
C SER B 74 -24.98 35.64 25.71
N ASP B 75 -23.98 36.12 26.45
CA ASP B 75 -24.22 36.65 27.78
C ASP B 75 -24.79 38.06 27.75
N VAL B 76 -24.97 38.60 26.54
CA VAL B 76 -25.60 39.94 26.36
C VAL B 76 -26.80 39.75 25.44
N GLU B 77 -26.71 38.81 24.49
CA GLU B 77 -27.83 38.53 23.53
C GLU B 77 -28.12 39.77 22.68
N VAL B 78 -27.17 40.72 22.61
CA VAL B 78 -27.39 41.99 21.85
C VAL B 78 -26.10 42.33 21.09
N TYR B 79 -26.21 42.66 19.81
CA TYR B 79 -25.04 43.04 19.04
C TYR B 79 -24.40 44.30 19.62
N ARG B 80 -23.08 44.32 19.66
CA ARG B 80 -22.32 45.44 20.20
C ARG B 80 -21.29 45.89 19.18
N ALA B 81 -20.68 47.04 19.46
CA ALA B 81 -19.66 47.62 18.59
C ALA B 81 -18.35 47.72 19.37
N VAL B 82 -17.26 47.29 18.74
CA VAL B 82 -15.94 47.31 19.37
C VAL B 82 -15.13 48.52 18.91
N THR B 83 -15.14 48.81 17.63
CA THR B 83 -14.39 49.95 17.08
C THR B 83 -15.37 50.96 16.49
N PRO B 84 -14.93 52.16 16.13
CA PRO B 84 -15.87 53.14 15.54
C PRO B 84 -16.56 52.67 14.27
N LEU B 85 -16.14 51.57 13.66
CA LEU B 85 -16.80 51.04 12.48
C LEU B 85 -17.98 50.13 12.83
N GLY B 86 -18.50 50.23 14.04
CA GLY B 86 -19.52 49.32 14.52
C GLY B 86 -20.94 49.83 14.55
N PRO B 87 -21.17 51.06 15.02
CA PRO B 87 -22.54 51.56 15.16
C PRO B 87 -23.34 51.50 13.87
N PRO B 88 -22.74 51.75 12.70
CA PRO B 88 -23.51 51.55 11.45
C PRO B 88 -24.06 50.14 11.29
N ASP B 89 -23.36 49.12 11.77
CA ASP B 89 -23.82 47.75 11.65
C ASP B 89 -24.46 47.21 12.93
N ALA B 90 -24.14 47.78 14.08
CA ALA B 90 -24.67 47.24 15.34
C ALA B 90 -26.16 47.50 15.47
N GLU B 91 -26.59 48.73 15.19
CA GLU B 91 -28.00 49.06 15.32
C GLU B 91 -28.83 48.42 14.21
N TYR B 92 -28.32 48.40 12.98
CA TYR B 92 -29.09 47.88 11.87
C TYR B 92 -29.36 46.39 12.03
N TRP B 93 -28.34 45.61 12.40
CA TRP B 93 -28.55 44.19 12.64
C TRP B 93 -29.49 43.97 13.80
N ASN B 94 -29.35 44.78 14.86
CA ASN B 94 -30.22 44.63 16.02
C ASN B 94 -31.63 45.13 15.75
N SER B 95 -31.81 45.96 14.72
CA SER B 95 -33.14 46.46 14.40
C SER B 95 -34.05 45.33 13.91
N GLN B 96 -33.55 44.52 12.99
CA GLN B 96 -34.33 43.41 12.44
C GLN B 96 -34.53 42.36 13.53
N LYS B 97 -35.76 42.29 14.05
CA LYS B 97 -36.03 41.34 15.13
C LYS B 97 -36.03 39.90 14.64
N GLU B 98 -36.48 39.67 13.40
CA GLU B 98 -36.50 38.31 12.88
C GLU B 98 -35.10 37.73 12.76
N VAL B 99 -34.16 38.51 12.25
CA VAL B 99 -32.79 38.04 12.11
C VAL B 99 -32.11 37.95 13.48
N LEU B 100 -32.36 38.92 14.35
CA LEU B 100 -31.74 38.91 15.67
C LEU B 100 -32.14 37.69 16.47
N GLU B 101 -33.40 37.29 16.39
CA GLU B 101 -33.83 36.06 17.07
C GLU B 101 -33.19 34.83 16.44
N ARG B 102 -32.95 34.85 15.13
CA ARG B 102 -32.33 33.70 14.47
C ARG B 102 -30.92 33.46 14.99
N THR B 103 -30.14 34.53 15.12
CA THR B 103 -28.75 34.37 15.58
C THR B 103 -28.70 33.99 17.05
N ARG B 104 -29.62 34.50 17.86
CA ARG B 104 -29.64 34.16 19.27
C ARG B 104 -29.97 32.70 19.49
N ALA B 105 -30.74 32.10 18.59
CA ALA B 105 -31.09 30.69 18.69
C ALA B 105 -29.97 29.77 18.22
N GLU B 106 -28.91 30.31 17.63
CA GLU B 106 -27.80 29.48 17.18
C GLU B 106 -27.01 28.90 18.34
N LEU B 107 -27.22 29.39 19.57
CA LEU B 107 -26.57 28.80 20.73
C LEU B 107 -26.96 27.34 20.91
N ASP B 108 -28.18 26.99 20.51
CA ASP B 108 -28.69 25.63 20.63
C ASP B 108 -28.61 24.85 19.32
N THR B 109 -28.89 25.50 18.19
CA THR B 109 -28.92 24.80 16.91
C THR B 109 -27.55 24.65 16.28
N VAL B 110 -26.53 25.31 16.80
CA VAL B 110 -25.19 25.21 16.22
C VAL B 110 -24.22 24.66 17.25
N CYS B 111 -24.08 25.35 18.38
CA CYS B 111 -23.13 24.91 19.41
C CYS B 111 -23.58 23.60 20.05
N ARG B 112 -24.82 23.54 20.51
CA ARG B 112 -25.30 22.34 21.20
C ARG B 112 -25.62 21.20 20.25
N HIS B 113 -25.99 21.51 19.01
CA HIS B 113 -26.20 20.46 18.03
C HIS B 113 -24.88 19.78 17.67
N ASN B 114 -23.85 20.57 17.37
CA ASN B 114 -22.58 20.01 16.94
C ASN B 114 -21.87 19.31 18.10
N TYR B 115 -22.00 19.86 19.31
CA TYR B 115 -21.27 19.30 20.44
C TYR B 115 -21.71 17.87 20.74
N GLN B 116 -22.95 17.52 20.44
CA GLN B 116 -23.39 16.14 20.59
C GLN B 116 -22.60 15.21 19.68
N LEU B 117 -22.35 15.65 18.44
CA LEU B 117 -21.53 14.86 17.54
C LEU B 117 -20.06 14.86 17.97
N GLU B 118 -19.63 15.91 18.65
CA GLU B 118 -18.24 15.96 19.12
C GLU B 118 -17.98 14.91 20.18
N LEU B 119 -18.98 14.56 20.97
CA LEU B 119 -18.81 13.56 22.01
C LEU B 119 -18.46 12.20 21.42
N ARG B 120 -19.09 11.83 20.30
CA ARG B 120 -18.92 10.49 19.75
C ARG B 120 -17.58 10.33 19.04
N THR B 121 -17.08 11.38 18.39
CA THR B 121 -15.92 11.24 17.52
C THR B 121 -14.70 11.99 18.02
N THR B 122 -14.79 13.30 18.23
CA THR B 122 -13.58 14.08 18.50
C THR B 122 -13.20 14.02 19.97
N LEU B 123 -14.15 14.30 20.86
CA LEU B 123 -13.87 14.19 22.29
C LEU B 123 -13.56 12.76 22.71
N GLN B 124 -13.99 11.78 21.92
CA GLN B 124 -13.69 10.39 22.18
C GLN B 124 -12.32 9.96 21.68
N ARG B 125 -11.68 10.78 20.85
CA ARG B 125 -10.38 10.41 20.30
C ARG B 125 -9.31 10.47 21.38
N ARG B 126 -8.53 9.39 21.49
CA ARG B 126 -7.42 9.32 22.44
C ARG B 126 -6.30 8.51 21.80
N VAL B 127 -5.08 9.05 21.86
CA VAL B 127 -3.92 8.41 21.26
C VAL B 127 -2.84 8.26 22.32
N GLU B 128 -2.33 7.04 22.48
CA GLU B 128 -1.34 6.77 23.51
C GLU B 128 -0.02 7.44 23.17
N PRO B 129 0.61 8.13 24.11
CA PRO B 129 1.91 8.76 23.83
C PRO B 129 3.03 7.74 23.70
N THR B 130 4.11 8.18 23.07
CA THR B 130 5.35 7.43 22.97
C THR B 130 6.47 8.22 23.62
N VAL B 131 7.33 7.53 24.37
CA VAL B 131 8.39 8.17 25.15
C VAL B 131 9.73 7.59 24.72
N THR B 132 10.68 8.46 24.44
CA THR B 132 12.05 8.06 24.16
C THR B 132 13.00 8.99 24.89
N ILE B 133 14.14 8.45 25.30
CA ILE B 133 15.15 9.18 26.06
C ILE B 133 16.45 9.14 25.30
N SER B 134 17.04 10.30 25.06
CA SER B 134 18.30 10.44 24.35
C SER B 134 19.11 11.53 25.03
N PRO B 135 20.44 11.48 24.90
CA PRO B 135 21.31 12.53 25.45
C PRO B 135 21.27 13.81 24.61
N LEU B 146 22.38 17.46 27.70
CA LEU B 146 21.56 17.04 28.82
C LEU B 146 20.92 15.68 28.53
N LEU B 147 19.71 15.48 29.03
CA LEU B 147 18.94 14.27 28.79
C LEU B 147 17.51 14.68 28.45
N VAL B 148 17.11 14.49 27.20
CA VAL B 148 15.81 14.95 26.71
C VAL B 148 14.85 13.77 26.67
N CYS B 149 13.68 13.95 27.26
CA CYS B 149 12.61 12.96 27.26
C CYS B 149 11.55 13.44 26.28
N SER B 150 11.52 12.84 25.10
CA SER B 150 10.61 13.24 24.05
C SER B 150 9.31 12.44 24.15
N VAL B 151 8.20 13.14 24.32
CA VAL B 151 6.87 12.54 24.33
C VAL B 151 6.17 13.00 23.06
N THR B 152 5.89 12.07 22.15
CA THR B 152 5.42 12.42 20.83
C THR B 152 4.13 11.69 20.49
N ASP B 153 3.33 12.30 19.61
CA ASP B 153 2.15 11.70 19.01
C ASP B 153 1.12 11.29 20.06
N PHE B 154 0.59 12.29 20.76
CA PHE B 154 -0.46 12.06 21.73
C PHE B 154 -1.55 13.10 21.60
N TYR B 155 -2.76 12.73 22.02
CA TYR B 155 -3.93 13.58 22.02
C TYR B 155 -4.86 13.08 23.11
N PRO B 156 -5.50 13.97 23.90
CA PRO B 156 -5.47 15.43 23.85
C PRO B 156 -4.21 16.06 24.47
N ALA B 157 -4.28 17.34 24.85
CA ALA B 157 -3.12 18.09 25.28
C ALA B 157 -2.83 17.97 26.77
N GLN B 158 -3.70 17.32 27.54
CA GLN B 158 -3.46 17.14 28.97
C GLN B 158 -2.40 16.07 29.17
N ILE B 159 -1.33 16.41 29.89
CA ILE B 159 -0.24 15.47 30.14
C ILE B 159 0.58 16.00 31.31
N LYS B 160 1.19 15.08 32.05
CA LYS B 160 2.12 15.40 33.12
C LYS B 160 3.34 14.53 32.98
N VAL B 161 4.52 15.15 33.02
CA VAL B 161 5.79 14.47 32.79
C VAL B 161 6.70 14.75 33.98
N ARG B 162 7.31 13.70 34.51
CA ARG B 162 8.20 13.81 35.67
C ARG B 162 9.52 13.12 35.38
N TRP B 163 10.58 13.63 36.01
CA TRP B 163 11.89 13.03 35.93
C TRP B 163 12.29 12.49 37.29
N PHE B 164 12.88 11.29 37.30
CA PHE B 164 13.25 10.60 38.52
C PHE B 164 14.74 10.32 38.56
N ARG B 165 15.32 10.38 39.75
CA ARG B 165 16.72 10.03 39.99
C ARG B 165 16.74 8.99 41.10
N ASN B 166 16.64 7.71 40.71
CA ASN B 166 16.62 6.60 41.65
C ASN B 166 15.51 6.77 42.68
N ASP B 167 14.27 6.80 42.17
CA ASP B 167 13.07 6.97 42.99
C ASP B 167 13.09 8.29 43.76
N GLN B 168 13.80 9.29 43.23
CA GLN B 168 13.77 10.64 43.75
C GLN B 168 13.43 11.58 42.61
N GLU B 169 12.38 12.36 42.77
CA GLU B 169 11.92 13.27 41.72
C GLU B 169 12.91 14.41 41.58
N GLU B 170 13.71 14.37 40.52
CA GLU B 170 14.72 15.38 40.28
C GLU B 170 14.09 16.68 39.81
N THR B 171 13.82 17.59 40.75
CA THR B 171 13.22 18.88 40.45
C THR B 171 14.23 20.02 40.47
N THR B 172 15.52 19.71 40.58
CA THR B 172 16.54 20.76 40.64
C THR B 172 16.56 21.59 39.37
N GLY B 173 16.89 20.96 38.24
CA GLY B 173 16.86 21.65 36.97
C GLY B 173 16.07 20.89 35.92
N VAL B 174 14.93 21.45 35.51
CA VAL B 174 14.08 20.86 34.49
C VAL B 174 13.57 21.98 33.59
N VAL B 175 13.86 21.90 32.30
CA VAL B 175 13.41 22.88 31.32
C VAL B 175 12.45 22.17 30.37
N SER B 176 11.23 22.70 30.26
CA SER B 176 10.19 22.07 29.47
C SER B 176 9.87 22.93 28.25
N THR B 177 9.99 22.34 27.07
CA THR B 177 9.53 22.99 25.85
C THR B 177 8.00 22.98 25.84
N PRO B 178 7.35 24.10 25.54
CA PRO B 178 5.89 24.15 25.60
C PRO B 178 5.25 23.16 24.64
N LEU B 179 3.95 22.96 24.81
CA LEU B 179 3.21 22.05 23.96
C LEU B 179 3.34 22.45 22.50
N ILE B 180 3.64 21.48 21.65
CA ILE B 180 3.82 21.68 20.22
C ILE B 180 2.67 20.99 19.49
N ARG B 181 1.95 21.74 18.67
CA ARG B 181 0.81 21.23 17.92
C ARG B 181 1.30 20.85 16.53
N ASN B 182 1.43 19.55 16.28
CA ASN B 182 1.94 19.09 15.00
C ASN B 182 1.03 19.48 13.85
N GLY B 183 -0.27 19.61 14.16
CA GLY B 183 -1.26 19.98 13.12
C GLY B 183 -2.15 18.79 12.80
N ASP B 184 -1.62 17.57 12.92
CA ASP B 184 -2.40 16.34 12.61
C ASP B 184 -3.03 15.80 13.90
N TRP B 185 -3.83 16.63 14.58
CA TRP B 185 -4.51 16.20 15.83
C TRP B 185 -3.52 15.49 16.75
N THR B 186 -2.24 15.84 16.68
CA THR B 186 -1.26 15.28 17.59
C THR B 186 -0.57 16.39 18.37
N PHE B 187 0.24 15.99 19.35
CA PHE B 187 0.93 16.94 20.20
C PHE B 187 2.32 16.40 20.54
N GLN B 188 3.20 17.30 20.96
CA GLN B 188 4.53 16.95 21.42
C GLN B 188 4.83 17.71 22.71
N ILE B 189 5.87 17.26 23.40
CA ILE B 189 6.42 17.99 24.54
C ILE B 189 7.81 17.42 24.81
N LEU B 190 8.76 18.31 25.09
CA LEU B 190 10.14 17.93 25.37
C LEU B 190 10.53 18.39 26.77
N VAL B 191 11.09 17.48 27.56
CA VAL B 191 11.57 17.77 28.89
C VAL B 191 13.04 17.37 28.98
N MET B 192 13.88 18.28 29.44
CA MET B 192 15.31 18.02 29.58
C MET B 192 15.76 18.37 30.99
N LEU B 193 16.79 17.67 31.44
CA LEU B 193 17.34 17.89 32.78
C LEU B 193 18.84 17.64 32.76
N GLU B 194 19.56 18.41 33.56
CA GLU B 194 21.00 18.23 33.66
C GLU B 194 21.34 17.00 34.49
N MET B 195 22.49 16.39 34.20
CA MET B 195 22.89 15.14 34.81
C MET B 195 24.27 15.25 35.41
N THR B 196 24.47 14.52 36.50
CA THR B 196 25.80 14.29 37.08
C THR B 196 26.05 12.80 37.05
N PRO B 197 26.77 12.29 36.04
CA PRO B 197 26.85 10.84 35.85
C PRO B 197 27.49 10.13 37.03
N GLN B 198 26.95 8.95 37.33
CA GLN B 198 27.44 8.12 38.41
C GLN B 198 27.41 6.66 37.97
N HIS B 199 28.27 5.85 38.60
CA HIS B 199 28.33 4.43 38.26
C HIS B 199 27.12 3.71 38.85
N GLY B 200 26.36 3.05 37.98
CA GLY B 200 25.15 2.35 38.39
C GLY B 200 23.93 3.23 38.56
N ASP B 201 24.05 4.54 38.32
CA ASP B 201 22.91 5.43 38.47
C ASP B 201 22.02 5.35 37.24
N VAL B 202 20.70 5.39 37.48
CA VAL B 202 19.72 5.29 36.41
C VAL B 202 18.77 6.48 36.48
N TYR B 203 18.19 6.82 35.34
CA TYR B 203 17.22 7.91 35.23
C TYR B 203 15.99 7.39 34.51
N THR B 204 14.81 7.69 35.05
CA THR B 204 13.55 7.28 34.46
C THR B 204 12.65 8.49 34.22
N CYS B 205 12.01 8.53 33.06
CA CYS B 205 11.07 9.58 32.70
C CYS B 205 9.66 9.06 32.93
N HIS B 206 8.88 9.77 33.75
CA HIS B 206 7.55 9.33 34.14
C HIS B 206 6.50 10.22 33.49
N VAL B 207 5.54 9.59 32.81
CA VAL B 207 4.50 10.31 32.09
C VAL B 207 3.14 9.76 32.49
N GLU B 208 2.12 10.58 32.30
CA GLU B 208 0.74 10.17 32.53
C GLU B 208 -0.17 10.98 31.61
N HIS B 209 -1.24 10.35 31.15
CA HIS B 209 -2.08 10.91 30.10
C HIS B 209 -3.48 10.36 30.26
N PRO B 210 -4.51 11.15 29.91
CA PRO B 210 -5.89 10.64 30.04
C PRO B 210 -6.15 9.39 29.22
N SER B 211 -5.41 9.17 28.14
CA SER B 211 -5.60 7.98 27.32
C SER B 211 -5.03 6.71 27.96
N LEU B 212 -4.25 6.85 29.02
CA LEU B 212 -3.55 5.72 29.64
C LEU B 212 -4.19 5.38 30.99
N GLN B 213 -4.51 4.10 31.17
CA GLN B 213 -4.98 3.63 32.46
C GLN B 213 -3.82 3.46 33.44
N ASN B 214 -2.62 3.17 32.95
CA ASN B 214 -1.44 2.99 33.78
C ASN B 214 -0.32 3.87 33.23
N PRO B 215 0.39 4.61 34.08
CA PRO B 215 1.46 5.49 33.60
C PRO B 215 2.57 4.71 32.91
N ILE B 216 3.22 5.37 31.95
CA ILE B 216 4.32 4.79 31.19
C ILE B 216 5.62 5.37 31.70
N THR B 217 6.58 4.50 32.01
CA THR B 217 7.89 4.92 32.49
C THR B 217 8.96 4.27 31.62
N VAL B 218 9.92 5.07 31.17
CA VAL B 218 11.04 4.60 30.37
C VAL B 218 12.33 4.99 31.08
N GLU B 219 13.27 4.05 31.16
CA GLU B 219 14.50 4.23 31.90
C GLU B 219 15.67 4.47 30.95
N TRP B 220 16.81 4.85 31.52
CA TRP B 220 18.03 5.06 30.76
C TRP B 220 19.23 4.77 31.65
N ARG B 221 20.20 4.04 31.11
CA ARG B 221 21.40 3.68 31.86
C ARG B 221 22.66 4.05 31.09
N GLN B 228 31.91 -0.84 24.69
CA GLN B 228 33.33 -1.16 24.84
C GLN B 228 33.65 -1.49 26.29
N SER B 229 32.86 -0.94 27.22
CA SER B 229 33.07 -1.23 28.63
C SER B 229 32.85 -2.70 28.94
N LYS B 230 31.82 -3.31 28.35
CA LYS B 230 31.59 -4.74 28.55
C LYS B 230 32.74 -5.57 27.97
N MET B 231 33.25 -5.17 26.80
CA MET B 231 34.36 -5.88 26.20
C MET B 231 35.62 -5.78 27.06
N LEU B 232 35.90 -4.58 27.58
CA LEU B 232 37.06 -4.41 28.44
C LEU B 232 36.94 -5.20 29.73
N SER B 233 35.75 -5.20 30.34
CA SER B 233 35.55 -5.94 31.58
C SER B 233 35.74 -7.43 31.38
N GLY B 234 35.22 -7.98 30.28
CA GLY B 234 35.40 -9.40 30.00
C GLY B 234 36.85 -9.71 29.65
N ILE B 235 37.56 -8.76 29.05
CA ILE B 235 38.95 -8.99 28.66
C ILE B 235 39.83 -9.26 29.88
N GLY B 236 39.67 -8.47 30.93
CA GLY B 236 40.47 -8.66 32.13
C GLY B 236 40.11 -9.96 32.84
N GLY B 237 38.82 -10.28 32.91
CA GLY B 237 38.40 -11.51 33.60
C GLY B 237 38.87 -12.75 32.86
N PHE B 238 38.77 -12.76 31.53
CA PHE B 238 39.14 -13.95 30.77
C PHE B 238 40.65 -14.16 30.75
N VAL B 239 41.41 -13.08 30.53
CA VAL B 239 42.86 -13.22 30.50
C VAL B 239 43.40 -13.66 31.85
N LEU B 240 42.85 -13.11 32.94
CA LEU B 240 43.23 -13.57 34.27
C LEU B 240 42.83 -15.03 34.47
N GLY B 241 41.65 -15.41 34.02
CA GLY B 241 41.25 -16.81 34.07
C GLY B 241 42.11 -17.67 33.14
N LEU B 242 42.53 -17.10 32.01
CA LEU B 242 43.42 -17.83 31.11
C LEU B 242 44.75 -18.15 31.78
N ILE B 243 45.32 -17.18 32.50
CA ILE B 243 46.55 -17.43 33.24
C ILE B 243 46.29 -18.26 34.48
N PHE B 244 45.07 -18.19 35.03
CA PHE B 244 44.76 -18.96 36.24
C PHE B 244 44.84 -20.45 35.98
N LEU B 245 44.29 -20.91 34.86
CA LEU B 245 44.31 -22.33 34.55
C LEU B 245 45.68 -22.80 34.08
N GLY B 246 46.41 -21.94 33.38
CA GLY B 246 47.72 -22.34 32.84
C GLY B 246 48.70 -22.67 33.96
N LEU B 247 48.68 -21.89 35.05
CA LEU B 247 49.62 -22.11 36.13
C LEU B 247 49.41 -23.46 36.81
N GLY B 248 48.16 -23.90 36.91
CA GLY B 248 47.87 -25.15 37.60
C GLY B 248 48.50 -26.34 36.89
N LEU B 249 48.73 -26.23 35.58
CA LEU B 249 49.34 -27.33 34.85
C LEU B 249 50.76 -27.59 35.35
N ILE B 250 51.55 -26.53 35.53
CA ILE B 250 52.90 -26.70 36.06
C ILE B 250 52.87 -27.22 37.49
N ILE B 251 51.97 -26.69 38.32
CA ILE B 251 51.87 -27.14 39.70
C ILE B 251 51.49 -28.62 39.77
N HIS B 252 50.52 -29.04 38.96
CA HIS B 252 50.18 -30.45 38.88
C HIS B 252 51.35 -31.26 38.32
N HIS B 253 52.05 -30.72 37.34
CA HIS B 253 53.23 -31.39 36.81
C HIS B 253 54.33 -31.50 37.86
N ARG B 254 54.57 -30.41 38.61
CA ARG B 254 55.61 -30.43 39.63
C ARG B 254 55.25 -31.36 40.78
N SER B 255 53.98 -31.35 41.21
CA SER B 255 53.56 -32.23 42.30
C SER B 255 53.67 -33.70 41.89
N GLN B 256 53.25 -34.02 40.67
CA GLN B 256 53.38 -35.40 40.19
C GLN B 256 54.85 -35.80 40.05
N LYS B 257 55.69 -34.89 39.56
CA LYS B 257 57.11 -35.17 39.39
C LYS B 257 57.82 -35.19 40.74
N GLY C 59 62.19 -27.95 19.12
CA GLY C 59 61.12 -28.12 18.15
C GLY C 59 60.10 -27.00 18.17
N ALA C 60 60.23 -26.07 17.22
CA ALA C 60 59.34 -24.94 17.12
C ALA C 60 58.12 -25.20 16.24
N LEU C 61 58.00 -26.41 15.67
CA LEU C 61 56.83 -26.71 14.84
C LEU C 61 55.56 -26.68 15.67
N TYR C 62 55.59 -27.24 16.88
CA TYR C 62 54.41 -27.20 17.73
C TYR C 62 54.12 -25.78 18.20
N THR C 63 55.14 -24.94 18.31
CA THR C 63 54.92 -23.54 18.64
C THR C 63 54.11 -22.85 17.55
N GLY C 64 54.42 -23.16 16.29
CA GLY C 64 53.66 -22.57 15.19
C GLY C 64 52.21 -22.99 15.21
N PHE C 65 51.94 -24.27 15.42
CA PHE C 65 50.56 -24.75 15.44
C PHE C 65 49.77 -24.10 16.57
N SER C 66 50.45 -23.74 17.66
CA SER C 66 49.75 -23.14 18.79
C SER C 66 49.13 -21.81 18.41
N ILE C 67 49.87 -20.98 17.68
CA ILE C 67 49.36 -19.66 17.29
C ILE C 67 48.21 -19.80 16.31
N LEU C 68 48.30 -20.77 15.40
CA LEU C 68 47.26 -20.92 14.38
C LEU C 68 45.92 -21.26 15.00
N VAL C 69 45.90 -22.15 15.99
CA VAL C 69 44.65 -22.54 16.61
C VAL C 69 44.02 -21.38 17.35
N THR C 70 44.82 -20.59 18.08
CA THR C 70 44.29 -19.45 18.80
C THR C 70 43.72 -18.41 17.85
N LEU C 71 44.42 -18.14 16.75
CA LEU C 71 43.88 -17.24 15.74
C LEU C 71 42.64 -17.82 15.09
N LEU C 72 42.60 -19.14 14.90
CA LEU C 72 41.44 -19.78 14.30
C LEU C 72 40.21 -19.63 15.19
N LEU C 73 40.37 -19.82 16.50
CA LEU C 73 39.24 -19.67 17.42
C LEU C 73 38.86 -18.21 17.59
N ALA C 74 39.83 -17.31 17.52
CA ALA C 74 39.51 -15.89 17.54
C ALA C 74 38.66 -15.51 16.34
N GLY C 75 38.97 -16.07 15.17
CA GLY C 75 38.15 -15.81 14.00
C GLY C 75 36.75 -16.36 14.14
N GLN C 76 36.60 -17.51 14.80
CA GLN C 76 35.27 -18.08 14.97
C GLN C 76 34.41 -17.22 15.89
N ALA C 77 35.03 -16.55 16.85
CA ALA C 77 34.27 -15.61 17.68
C ALA C 77 33.69 -14.48 16.84
N THR C 78 34.46 -13.98 15.88
CA THR C 78 33.97 -12.90 15.02
C THR C 78 32.80 -13.36 14.17
N THR C 79 32.87 -14.59 13.63
CA THR C 79 31.74 -15.10 12.86
C THR C 79 30.50 -15.25 13.72
N ALA C 80 30.67 -15.73 14.96
CA ALA C 80 29.52 -15.87 15.84
C ALA C 80 28.92 -14.51 16.20
N TYR C 81 29.77 -13.51 16.42
CA TYR C 81 29.26 -12.19 16.78
C TYR C 81 28.46 -11.58 15.64
N PHE C 82 28.99 -11.67 14.41
CA PHE C 82 28.25 -11.11 13.28
C PHE C 82 27.02 -11.94 12.94
N LEU C 83 27.07 -13.26 13.16
CA LEU C 83 25.90 -14.09 12.93
C LEU C 83 24.78 -13.73 13.89
N TYR C 84 25.12 -13.52 15.17
CA TYR C 84 24.14 -13.06 16.14
C TYR C 84 23.65 -11.66 15.79
N GLN C 85 24.55 -10.81 15.29
CA GLN C 85 24.16 -9.45 14.93
C GLN C 85 23.13 -9.43 13.82
N GLN C 86 23.30 -10.29 12.81
CA GLN C 86 22.36 -10.30 11.69
C GLN C 86 20.99 -10.82 12.09
N GLN C 87 20.92 -11.70 13.10
CA GLN C 87 19.62 -12.21 13.52
C GLN C 87 18.75 -11.10 14.12
N GLY C 88 19.38 -10.05 14.65
CA GLY C 88 18.61 -8.90 15.09
C GLY C 88 17.95 -8.19 13.94
N ARG C 89 18.66 -8.05 12.81
CA ARG C 89 18.07 -7.41 11.63
C ARG C 89 16.91 -8.24 11.08
N LEU C 90 17.09 -9.55 10.97
CA LEU C 90 16.03 -10.40 10.41
C LEU C 90 14.79 -10.37 11.28
N ASP C 91 14.96 -10.42 12.60
CA ASP C 91 13.81 -10.33 13.49
C ASP C 91 13.12 -8.98 13.36
N LYS C 92 13.91 -7.90 13.23
CA LYS C 92 13.32 -6.58 13.01
C LYS C 92 12.70 -6.47 11.64
N LEU C 93 13.36 -7.02 10.61
CA LEU C 93 12.80 -6.97 9.26
C LEU C 93 11.55 -7.83 9.14
N THR C 94 11.49 -8.95 9.86
CA THR C 94 10.30 -9.79 9.83
C THR C 94 9.09 -9.04 10.35
N VAL C 95 9.26 -8.28 11.44
CA VAL C 95 8.14 -7.54 12.02
C VAL C 95 7.66 -6.46 11.05
N THR C 96 8.61 -5.74 10.43
CA THR C 96 8.22 -4.69 9.49
C THR C 96 7.55 -5.26 8.26
N SER C 97 8.05 -6.40 7.76
CA SER C 97 7.44 -7.02 6.60
C SER C 97 6.00 -7.45 6.88
N GLN C 98 5.76 -8.05 8.04
CA GLN C 98 4.42 -8.52 8.36
C GLN C 98 3.48 -7.41 8.82
N ASN C 99 4.03 -6.29 9.32
CA ASN C 99 3.18 -5.13 9.57
C ASN C 99 2.75 -4.48 8.25
N LEU C 100 3.62 -4.51 7.24
CA LEU C 100 3.25 -4.00 5.93
C LEU C 100 2.23 -4.91 5.26
N GLN C 101 2.34 -6.22 5.47
CA GLN C 101 1.34 -7.14 4.94
C GLN C 101 -0.02 -6.89 5.57
N LEU C 102 -0.05 -6.52 6.85
CA LEU C 102 -1.32 -6.23 7.51
C LEU C 102 -2.00 -5.01 6.89
N GLU C 103 -1.21 -4.00 6.56
CA GLU C 103 -1.77 -2.77 5.93
C GLU C 103 -2.45 -3.17 4.62
N ASN C 104 -1.72 -3.90 3.77
CA ASN C 104 -2.29 -4.37 2.49
C ASN C 104 -3.64 -5.04 2.78
N LEU C 105 -3.69 -5.97 3.74
CA LEU C 105 -4.92 -6.69 4.03
C LEU C 105 -6.06 -5.72 4.31
N ARG C 106 -5.79 -4.66 5.07
CA ARG C 106 -6.83 -3.70 5.41
C ARG C 106 -7.15 -2.74 4.27
N MET C 107 -6.27 -2.61 3.29
CA MET C 107 -6.53 -1.72 2.17
C MET C 107 -7.68 -2.21 1.30
N LYS C 108 -8.06 -3.47 1.42
CA LYS C 108 -9.10 -4.07 0.59
C LYS C 108 -10.38 -4.35 1.35
N LEU C 109 -10.51 -3.87 2.58
CA LEU C 109 -11.68 -4.14 3.41
C LEU C 109 -12.29 -2.82 3.87
N PRO C 110 -13.52 -2.49 3.44
CA PRO C 110 -14.17 -1.27 3.95
C PRO C 110 -14.81 -1.49 5.31
N LYS C 111 -15.52 -0.48 5.81
CA LYS C 111 -16.19 -0.57 7.10
C LYS C 111 -17.66 -0.22 6.95
N PRO C 112 -18.55 -0.96 7.60
CA PRO C 112 -19.99 -0.65 7.51
C PRO C 112 -20.29 0.75 8.03
N PRO C 113 -20.87 1.60 7.20
CA PRO C 113 -21.05 3.01 7.60
C PRO C 113 -22.05 3.18 8.72
N LYS C 114 -21.84 4.22 9.51
CA LYS C 114 -22.76 4.63 10.56
C LYS C 114 -23.84 5.54 9.99
N PRO C 115 -24.95 5.72 10.71
CA PRO C 115 -25.99 6.64 10.23
C PRO C 115 -25.45 8.06 10.07
N VAL C 116 -25.97 8.75 9.06
CA VAL C 116 -25.48 10.06 8.67
C VAL C 116 -26.16 11.13 9.53
N SER C 117 -25.35 11.92 10.23
CA SER C 117 -25.83 13.07 10.98
C SER C 117 -25.06 14.30 10.51
N LYS C 118 -25.80 15.35 10.17
CA LYS C 118 -25.20 16.53 9.56
C LYS C 118 -24.62 17.48 10.62
N MET C 119 -23.46 18.04 10.30
CA MET C 119 -22.89 19.11 11.10
C MET C 119 -23.68 20.39 10.89
N ARG C 120 -23.57 21.31 11.85
CA ARG C 120 -24.30 22.57 11.81
C ARG C 120 -23.32 23.73 11.71
N MET C 121 -23.80 24.83 11.15
CA MET C 121 -22.98 26.00 10.87
C MET C 121 -23.74 27.25 11.27
N ALA C 122 -23.03 28.37 11.24
CA ALA C 122 -23.61 29.68 11.46
C ALA C 122 -23.45 30.52 10.21
N THR C 123 -24.41 31.41 9.99
CA THR C 123 -24.39 32.26 8.81
C THR C 123 -24.18 33.70 9.20
N PRO C 124 -23.27 34.42 8.53
CA PRO C 124 -23.11 35.84 8.82
C PRO C 124 -24.28 36.64 8.28
N LEU C 125 -24.23 37.94 8.56
CA LEU C 125 -25.28 38.84 8.11
C LEU C 125 -24.75 39.81 7.06
N LEU C 126 -25.66 40.55 6.46
CA LEU C 126 -25.33 41.52 5.42
C LEU C 126 -25.20 42.90 6.02
N MET C 127 -24.30 43.71 5.45
CA MET C 127 -24.04 45.06 5.95
C MET C 127 -24.94 46.07 5.24
N GLN C 128 -26.24 45.86 5.40
CA GLN C 128 -27.26 46.79 4.88
C GLN C 128 -27.10 47.06 3.39
N ASP D 25 -40.91 -25.68 -0.23
CA ASP D 25 -39.54 -25.29 -0.53
C ASP D 25 -39.27 -25.41 -2.02
N ILE D 26 -38.24 -24.72 -2.50
CA ILE D 26 -37.89 -24.70 -3.92
C ILE D 26 -36.43 -25.14 -4.05
N VAL D 27 -36.18 -26.07 -4.97
CA VAL D 27 -34.84 -26.59 -5.23
C VAL D 27 -34.41 -26.12 -6.61
N ALA D 28 -33.24 -25.48 -6.67
CA ALA D 28 -32.73 -24.91 -7.91
C ALA D 28 -31.21 -24.87 -7.85
N ASP D 29 -30.60 -24.71 -9.03
CA ASP D 29 -29.15 -24.65 -9.12
C ASP D 29 -28.62 -23.37 -8.48
N HIS D 30 -29.20 -22.23 -8.85
CA HIS D 30 -28.77 -20.94 -8.32
C HIS D 30 -29.99 -20.18 -7.84
N VAL D 31 -29.83 -19.46 -6.72
CA VAL D 31 -30.90 -18.66 -6.14
C VAL D 31 -30.42 -17.22 -6.04
N ALA D 32 -31.20 -16.29 -6.57
CA ALA D 32 -30.90 -14.88 -6.48
C ALA D 32 -32.08 -14.13 -5.89
N SER D 33 -31.78 -13.20 -4.99
CA SER D 33 -32.78 -12.38 -4.32
C SER D 33 -32.50 -10.92 -4.65
N TYR D 34 -33.18 -10.42 -5.68
CA TYR D 34 -32.94 -9.08 -6.20
C TYR D 34 -33.87 -8.04 -5.58
N GLY D 35 -34.57 -8.39 -4.51
CA GLY D 35 -35.49 -7.47 -3.90
C GLY D 35 -35.47 -7.49 -2.38
N VAL D 36 -34.32 -7.76 -1.78
CA VAL D 36 -34.27 -7.85 -0.32
C VAL D 36 -34.38 -6.45 0.27
N ASN D 37 -35.58 -6.11 0.73
CA ASN D 37 -35.84 -4.82 1.36
C ASN D 37 -36.17 -5.04 2.82
N LEU D 38 -35.67 -4.17 3.69
CA LEU D 38 -35.86 -4.28 5.12
C LEU D 38 -36.32 -2.94 5.68
N TYR D 39 -37.17 -3.01 6.69
CA TYR D 39 -37.61 -1.82 7.39
C TYR D 39 -38.12 -2.22 8.77
N GLN D 40 -37.88 -1.37 9.76
CA GLN D 40 -38.34 -1.63 11.11
C GLN D 40 -38.58 -0.31 11.82
N SER D 41 -39.41 -0.37 12.85
CA SER D 41 -39.87 0.81 13.55
C SER D 41 -38.95 1.25 14.68
N TYR D 42 -37.92 0.47 15.00
CA TYR D 42 -37.08 0.81 16.14
C TYR D 42 -36.28 2.07 15.90
N GLY D 43 -35.69 2.21 14.71
CA GLY D 43 -34.85 3.34 14.41
C GLY D 43 -35.61 4.64 14.25
N PRO D 44 -36.41 4.76 13.18
CA PRO D 44 -36.68 3.78 12.13
C PRO D 44 -35.48 3.60 11.21
N SER D 45 -35.26 2.37 10.74
CA SER D 45 -34.11 2.04 9.93
C SER D 45 -34.52 1.02 8.87
N GLY D 46 -33.73 0.96 7.80
CA GLY D 46 -33.99 0.04 6.72
C GLY D 46 -32.68 -0.42 6.11
N GLN D 47 -32.80 -1.30 5.11
CA GLN D 47 -31.63 -1.86 4.44
C GLN D 47 -32.05 -2.34 3.06
N TYR D 48 -31.13 -2.21 2.10
CA TYR D 48 -31.33 -2.71 0.76
C TYR D 48 -30.09 -3.49 0.33
N THR D 49 -30.27 -4.76 -0.03
CA THR D 49 -29.19 -5.60 -0.48
C THR D 49 -29.66 -6.48 -1.62
N HIS D 50 -28.72 -6.88 -2.48
CA HIS D 50 -28.95 -7.88 -3.50
C HIS D 50 -28.09 -9.09 -3.20
N GLU D 51 -28.69 -10.28 -3.27
CA GLU D 51 -27.99 -11.51 -2.92
C GLU D 51 -28.06 -12.48 -4.08
N PHE D 52 -26.96 -13.20 -4.31
CA PHE D 52 -26.87 -14.23 -5.33
C PHE D 52 -26.10 -15.40 -4.77
N ASP D 53 -26.77 -16.54 -4.61
CA ASP D 53 -26.19 -17.74 -4.02
C ASP D 53 -25.67 -17.46 -2.61
N GLY D 54 -26.43 -16.69 -1.83
CA GLY D 54 -26.13 -16.47 -0.44
C GLY D 54 -25.06 -15.44 -0.13
N ASP D 55 -24.53 -14.76 -1.13
CA ASP D 55 -23.51 -13.74 -0.93
C ASP D 55 -24.07 -12.38 -1.33
N GLU D 56 -23.59 -11.34 -0.65
CA GLU D 56 -24.10 -9.99 -0.87
C GLU D 56 -23.38 -9.34 -2.04
N GLN D 57 -24.16 -8.92 -3.04
CA GLN D 57 -23.58 -8.28 -4.21
C GLN D 57 -23.29 -6.80 -3.96
N PHE D 58 -24.22 -6.09 -3.34
CA PHE D 58 -24.02 -4.69 -2.98
C PHE D 58 -25.06 -4.31 -1.94
N TYR D 59 -24.90 -3.10 -1.40
CA TYR D 59 -25.91 -2.50 -0.55
C TYR D 59 -25.97 -1.01 -0.83
N VAL D 60 -27.14 -0.43 -0.58
CA VAL D 60 -27.39 0.99 -0.84
C VAL D 60 -27.49 1.69 0.51
N ASP D 61 -26.51 2.53 0.82
CA ASP D 61 -26.53 3.29 2.05
C ASP D 61 -27.64 4.33 1.97
N LEU D 62 -28.72 4.10 2.72
CA LEU D 62 -29.90 4.94 2.59
C LEU D 62 -29.62 6.39 2.97
N GLY D 63 -28.89 6.60 4.05
CA GLY D 63 -28.61 7.97 4.49
C GLY D 63 -27.76 8.74 3.50
N ARG D 64 -26.73 8.10 2.96
CA ARG D 64 -25.82 8.78 2.04
C ARG D 64 -26.23 8.64 0.58
N LYS D 65 -27.26 7.85 0.27
CA LYS D 65 -27.76 7.68 -1.09
C LYS D 65 -26.64 7.24 -2.04
N GLU D 66 -25.91 6.21 -1.64
CA GLU D 66 -24.79 5.70 -2.41
C GLU D 66 -24.87 4.17 -2.50
N THR D 67 -24.43 3.64 -3.63
CA THR D 67 -24.41 2.21 -3.87
C THR D 67 -22.98 1.69 -3.67
N VAL D 68 -22.79 0.84 -2.67
CA VAL D 68 -21.48 0.30 -2.32
C VAL D 68 -21.45 -1.15 -2.77
N TRP D 69 -20.62 -1.46 -3.75
CA TRP D 69 -20.51 -2.82 -4.27
C TRP D 69 -19.58 -3.64 -3.40
N CYS D 70 -20.02 -4.86 -3.08
CA CYS D 70 -19.26 -5.74 -2.21
C CYS D 70 -18.30 -6.66 -2.95
N LEU D 71 -18.35 -6.69 -4.29
CA LEU D 71 -17.48 -7.53 -5.08
C LEU D 71 -16.80 -6.67 -6.15
N PRO D 72 -15.48 -6.73 -6.26
CA PRO D 72 -14.79 -5.85 -7.23
C PRO D 72 -15.22 -6.05 -8.67
N VAL D 73 -15.57 -7.26 -9.06
CA VAL D 73 -15.91 -7.55 -10.46
C VAL D 73 -17.30 -7.03 -10.78
N LEU D 74 -18.02 -6.55 -9.75
CA LEU D 74 -19.37 -6.04 -9.93
C LEU D 74 -19.43 -4.52 -9.97
N ARG D 75 -18.30 -3.83 -9.87
CA ARG D 75 -18.30 -2.38 -9.91
C ARG D 75 -18.54 -1.83 -11.31
N GLN D 76 -18.49 -2.67 -12.34
CA GLN D 76 -18.68 -2.22 -13.71
C GLN D 76 -20.14 -1.92 -14.04
N PHE D 77 -21.07 -2.34 -13.20
CA PHE D 77 -22.49 -2.11 -13.43
C PHE D 77 -22.94 -0.85 -12.70
N ARG D 78 -24.21 -0.50 -12.90
CA ARG D 78 -24.78 0.69 -12.29
C ARG D 78 -26.16 0.37 -11.70
N PHE D 79 -26.38 0.79 -10.47
CA PHE D 79 -27.69 0.71 -9.82
C PHE D 79 -27.98 2.05 -9.16
N ASP D 80 -29.12 2.64 -9.49
CA ASP D 80 -29.46 3.95 -8.95
C ASP D 80 -29.83 3.84 -7.48
N PRO D 81 -29.15 4.55 -6.58
CA PRO D 81 -29.52 4.49 -5.16
C PRO D 81 -30.94 4.94 -4.89
N GLN D 82 -31.45 5.90 -5.66
CA GLN D 82 -32.81 6.39 -5.46
C GLN D 82 -33.84 5.30 -5.69
N PHE D 83 -33.49 4.28 -6.48
CA PHE D 83 -34.40 3.15 -6.66
C PHE D 83 -34.66 2.43 -5.35
N ALA D 84 -33.62 2.26 -4.53
CA ALA D 84 -33.77 1.59 -3.25
C ALA D 84 -34.64 2.41 -2.30
N LEU D 85 -34.49 3.74 -2.31
CA LEU D 85 -35.23 4.58 -1.38
C LEU D 85 -36.73 4.55 -1.67
N THR D 86 -37.10 4.46 -2.96
CA THR D 86 -38.51 4.35 -3.31
C THR D 86 -39.13 3.08 -2.73
N ASN D 87 -38.41 1.95 -2.82
CA ASN D 87 -38.94 0.69 -2.32
C ASN D 87 -39.16 0.72 -0.82
N ILE D 88 -38.20 1.25 -0.07
CA ILE D 88 -38.31 1.22 1.38
C ILE D 88 -39.39 2.17 1.86
N ALA D 89 -39.64 3.25 1.12
CA ALA D 89 -40.76 4.14 1.45
C ALA D 89 -42.09 3.40 1.34
N VAL D 90 -42.19 2.44 0.42
CA VAL D 90 -43.40 1.64 0.32
C VAL D 90 -43.53 0.71 1.52
N LEU D 91 -42.41 0.11 1.96
CA LEU D 91 -42.47 -0.79 3.11
C LEU D 91 -42.89 -0.05 4.37
N LYS D 92 -42.48 1.21 4.53
CA LYS D 92 -42.89 1.99 5.68
C LYS D 92 -44.40 2.19 5.71
N HIS D 93 -44.98 2.54 4.56
CA HIS D 93 -46.43 2.70 4.48
C HIS D 93 -47.14 1.37 4.66
N ASN D 94 -46.57 0.30 4.11
CA ASN D 94 -47.18 -1.02 4.28
C ASN D 94 -47.17 -1.45 5.74
N LEU D 95 -46.09 -1.16 6.45
CA LEU D 95 -45.98 -1.60 7.84
C LEU D 95 -47.03 -0.93 8.72
N ASN D 96 -47.27 0.36 8.52
CA ASN D 96 -48.26 1.05 9.34
C ASN D 96 -49.67 0.49 9.11
N SER D 97 -49.97 0.09 7.88
CA SER D 97 -51.26 -0.55 7.63
C SER D 97 -51.34 -1.94 8.22
N LEU D 98 -50.19 -2.59 8.46
CA LEU D 98 -50.20 -3.94 9.02
C LEU D 98 -50.20 -3.95 10.53
N ILE D 99 -49.66 -2.91 11.18
CA ILE D 99 -49.66 -2.86 12.64
C ILE D 99 -51.07 -2.79 13.17
N LYS D 100 -51.95 -2.06 12.48
CA LYS D 100 -53.34 -1.97 12.90
C LYS D 100 -54.06 -3.30 12.74
N ARG D 101 -53.89 -3.94 11.59
CA ARG D 101 -54.57 -5.22 11.35
C ARG D 101 -54.04 -6.32 12.26
N SER D 102 -52.75 -6.26 12.62
CA SER D 102 -52.17 -7.24 13.54
C SER D 102 -52.38 -6.88 15.00
N ASN D 103 -53.03 -5.75 15.28
CA ASN D 103 -53.30 -5.29 16.64
C ASN D 103 -52.00 -5.16 17.44
N SER D 104 -50.95 -4.67 16.79
CA SER D 104 -49.67 -4.37 17.42
C SER D 104 -49.05 -5.62 18.06
N THR D 105 -48.74 -6.59 17.22
CA THR D 105 -47.99 -7.77 17.65
C THR D 105 -46.51 -7.48 17.49
N ALA D 106 -45.82 -7.26 18.61
CA ALA D 106 -44.39 -6.96 18.56
C ALA D 106 -43.60 -8.20 18.15
N ALA D 107 -42.40 -7.96 17.64
CA ALA D 107 -41.53 -9.05 17.23
C ALA D 107 -41.08 -9.85 18.44
N THR D 108 -41.06 -11.17 18.31
CA THR D 108 -40.59 -12.04 19.37
C THR D 108 -39.07 -12.14 19.26
N ASN D 109 -38.36 -11.58 20.24
CA ASN D 109 -36.91 -11.58 20.21
C ASN D 109 -36.38 -13.00 20.31
N GLU D 110 -35.34 -13.29 19.53
CA GLU D 110 -34.75 -14.61 19.47
C GLU D 110 -33.40 -14.62 20.17
N VAL D 111 -32.86 -15.83 20.33
CA VAL D 111 -31.56 -16.04 20.98
C VAL D 111 -30.52 -16.24 19.88
N PRO D 112 -29.61 -15.30 19.67
CA PRO D 112 -28.60 -15.47 18.62
C PRO D 112 -27.63 -16.60 18.93
N GLU D 113 -27.08 -17.17 17.86
CA GLU D 113 -26.03 -18.18 17.95
C GLU D 113 -24.75 -17.56 17.42
N VAL D 114 -23.69 -17.59 18.22
CA VAL D 114 -22.44 -16.91 17.90
C VAL D 114 -21.35 -17.96 17.72
N THR D 115 -20.66 -17.91 16.59
CA THR D 115 -19.57 -18.82 16.27
C THR D 115 -18.37 -18.01 15.82
N VAL D 116 -17.20 -18.30 16.37
CA VAL D 116 -15.97 -17.59 16.06
C VAL D 116 -14.97 -18.59 15.49
N PHE D 117 -14.41 -18.28 14.33
CA PHE D 117 -13.44 -19.15 13.68
C PHE D 117 -12.51 -18.30 12.82
N SER D 118 -11.36 -18.88 12.48
CA SER D 118 -10.35 -18.18 11.70
C SER D 118 -10.56 -18.44 10.21
N LYS D 119 -10.34 -17.40 9.41
CA LYS D 119 -10.53 -17.53 7.96
C LYS D 119 -9.51 -18.46 7.35
N SER D 120 -8.28 -18.43 7.84
CA SER D 120 -7.19 -19.25 7.36
C SER D 120 -6.57 -19.97 8.55
N PRO D 121 -5.86 -21.08 8.31
CA PRO D 121 -5.18 -21.76 9.41
C PRO D 121 -4.22 -20.81 10.13
N VAL D 122 -4.23 -20.91 11.46
CA VAL D 122 -3.57 -19.91 12.29
C VAL D 122 -2.08 -20.21 12.35
N THR D 123 -1.29 -19.40 11.66
CA THR D 123 0.17 -19.44 11.74
C THR D 123 0.65 -18.15 12.38
N LEU D 124 1.43 -18.26 13.44
CA LEU D 124 1.85 -17.09 14.20
C LEU D 124 2.67 -16.14 13.34
N GLY D 125 2.17 -14.93 13.16
CA GLY D 125 2.89 -13.93 12.40
C GLY D 125 2.21 -13.53 11.10
N GLN D 126 1.68 -14.51 10.37
CA GLN D 126 1.05 -14.20 9.10
C GLN D 126 -0.27 -13.47 9.33
N PRO D 127 -0.62 -12.50 8.49
CA PRO D 127 -1.90 -11.81 8.65
C PRO D 127 -3.07 -12.78 8.52
N ASN D 128 -4.11 -12.52 9.30
CA ASN D 128 -5.30 -13.36 9.27
C ASN D 128 -6.51 -12.49 9.59
N ILE D 129 -7.69 -13.02 9.27
CA ILE D 129 -8.95 -12.34 9.51
C ILE D 129 -9.80 -13.24 10.39
N LEU D 130 -10.18 -12.73 11.57
CA LEU D 130 -11.14 -13.43 12.40
C LEU D 130 -12.55 -13.27 11.84
N ILE D 131 -13.38 -14.29 12.05
CA ILE D 131 -14.75 -14.30 11.56
C ILE D 131 -15.67 -14.64 12.74
N CYS D 132 -16.57 -13.73 13.06
CA CYS D 132 -17.60 -13.94 14.09
C CYS D 132 -18.95 -13.96 13.40
N LEU D 133 -19.60 -15.12 13.40
CA LEU D 133 -20.86 -15.33 12.72
C LEU D 133 -21.97 -15.34 13.76
N VAL D 134 -22.82 -14.31 13.75
CA VAL D 134 -24.01 -14.26 14.58
C VAL D 134 -25.18 -14.74 13.75
N ASP D 135 -25.80 -15.82 14.17
CA ASP D 135 -26.88 -16.47 13.43
C ASP D 135 -28.19 -16.36 14.20
N ASN D 136 -29.29 -16.45 13.46
CA ASN D 136 -30.65 -16.43 14.02
C ASN D 136 -30.93 -15.09 14.69
N ILE D 137 -30.63 -14.01 13.99
CA ILE D 137 -30.85 -12.66 14.50
C ILE D 137 -32.25 -12.22 14.16
N PHE D 138 -33.03 -11.82 15.16
CA PHE D 138 -34.31 -11.19 14.94
C PHE D 138 -34.75 -10.46 16.21
N PRO D 139 -35.08 -9.17 16.14
CA PRO D 139 -35.08 -8.27 14.97
C PRO D 139 -33.67 -7.92 14.50
N PRO D 140 -33.52 -7.32 13.33
CA PRO D 140 -32.16 -6.96 12.87
C PRO D 140 -31.55 -5.82 13.67
N VAL D 141 -31.37 -6.02 14.98
CA VAL D 141 -30.74 -5.04 15.86
C VAL D 141 -29.74 -5.79 16.72
N VAL D 142 -28.46 -5.52 16.51
CA VAL D 142 -27.40 -6.25 17.21
C VAL D 142 -26.16 -5.37 17.25
N ASN D 143 -25.39 -5.51 18.33
CA ASN D 143 -24.09 -4.85 18.48
C ASN D 143 -23.02 -5.93 18.54
N ILE D 144 -22.18 -5.99 17.53
CA ILE D 144 -21.07 -6.95 17.46
C ILE D 144 -19.78 -6.17 17.62
N THR D 145 -19.04 -6.46 18.69
CA THR D 145 -17.80 -5.78 18.98
C THR D 145 -16.73 -6.81 19.33
N TRP D 146 -15.48 -6.40 19.21
CA TRP D 146 -14.34 -7.27 19.49
C TRP D 146 -13.62 -6.78 20.74
N LEU D 147 -13.19 -7.73 21.56
CA LEU D 147 -12.46 -7.45 22.78
C LEU D 147 -11.10 -8.13 22.74
N SER D 148 -10.06 -7.41 23.16
CA SER D 148 -8.71 -7.94 23.26
C SER D 148 -8.23 -7.71 24.68
N ASN D 149 -8.25 -8.79 25.48
CA ASN D 149 -7.86 -8.73 26.89
C ASN D 149 -8.68 -7.68 27.64
N GLY D 150 -9.97 -7.62 27.34
CA GLY D 150 -10.88 -6.76 28.07
C GLY D 150 -11.03 -5.35 27.54
N HIS D 151 -10.29 -4.97 26.50
CA HIS D 151 -10.37 -3.63 25.95
C HIS D 151 -10.91 -3.69 24.53
N SER D 152 -11.79 -2.75 24.20
CA SER D 152 -12.41 -2.72 22.89
C SER D 152 -11.40 -2.46 21.79
N VAL D 153 -11.61 -3.08 20.64
CA VAL D 153 -10.75 -2.92 19.47
C VAL D 153 -11.55 -2.21 18.39
N THR D 154 -11.01 -1.11 17.88
CA THR D 154 -11.67 -0.32 16.85
C THR D 154 -10.77 -0.13 15.64
N GLU D 155 -9.83 -1.05 15.42
CA GLU D 155 -8.90 -0.98 14.30
C GLU D 155 -8.99 -2.28 13.51
N GLY D 156 -9.28 -2.16 12.22
CA GLY D 156 -9.38 -3.33 11.37
C GLY D 156 -10.65 -4.13 11.54
N VAL D 157 -11.71 -3.53 12.07
CA VAL D 157 -12.98 -4.21 12.29
C VAL D 157 -13.95 -3.83 11.19
N SER D 158 -14.54 -4.83 10.54
CA SER D 158 -15.53 -4.62 9.50
C SER D 158 -16.66 -5.62 9.67
N GLU D 159 -17.84 -5.25 9.18
CA GLU D 159 -19.02 -6.09 9.29
C GLU D 159 -19.75 -6.16 7.96
N THR D 160 -20.49 -7.23 7.77
CA THR D 160 -21.36 -7.41 6.61
C THR D 160 -22.78 -6.96 6.95
N SER D 161 -23.59 -6.82 5.92
CA SER D 161 -24.98 -6.46 6.13
C SER D 161 -25.77 -7.64 6.66
N PHE D 162 -26.96 -7.36 7.19
CA PHE D 162 -27.86 -8.42 7.61
C PHE D 162 -28.25 -9.25 6.40
N LEU D 163 -27.78 -10.50 6.34
CA LEU D 163 -28.04 -11.38 5.22
C LEU D 163 -29.23 -12.27 5.53
N SER D 164 -30.09 -12.46 4.55
CA SER D 164 -31.39 -13.09 4.76
C SER D 164 -31.26 -14.60 4.90
N LYS D 165 -32.30 -15.20 5.49
CA LYS D 165 -32.41 -16.65 5.60
C LYS D 165 -33.74 -17.12 5.02
N SER D 166 -34.04 -18.42 5.17
CA SER D 166 -35.29 -18.98 4.67
C SER D 166 -36.40 -18.96 5.71
N ASP D 167 -36.06 -18.91 6.99
CA ASP D 167 -37.04 -18.75 8.05
C ASP D 167 -37.29 -17.28 8.38
N HIS D 168 -36.79 -16.38 7.54
CA HIS D 168 -36.98 -14.93 7.66
C HIS D 168 -36.26 -14.35 8.86
N SER D 169 -35.16 -14.99 9.25
CA SER D 169 -34.22 -14.45 10.21
C SER D 169 -33.02 -13.89 9.45
N PHE D 170 -31.97 -13.52 10.18
CA PHE D 170 -30.81 -12.89 9.56
C PHE D 170 -29.53 -13.42 10.19
N PHE D 171 -28.43 -13.26 9.48
CA PHE D 171 -27.12 -13.54 10.03
C PHE D 171 -26.15 -12.47 9.59
N LYS D 172 -25.22 -12.13 10.48
CA LYS D 172 -24.27 -11.06 10.27
C LYS D 172 -22.87 -11.58 10.60
N ILE D 173 -21.86 -11.01 9.96
CA ILE D 173 -20.48 -11.44 10.12
C ILE D 173 -19.63 -10.22 10.40
N SER D 174 -18.76 -10.32 11.40
CA SER D 174 -17.81 -9.27 11.74
C SER D 174 -16.40 -9.80 11.54
N TYR D 175 -15.56 -9.01 10.88
CA TYR D 175 -14.18 -9.39 10.59
C TYR D 175 -13.23 -8.57 11.44
N LEU D 176 -12.13 -9.19 11.87
CA LEU D 176 -11.10 -8.53 12.66
C LEU D 176 -9.75 -8.90 12.07
N THR D 177 -9.21 -8.02 11.23
CA THR D 177 -7.88 -8.22 10.67
C THR D 177 -6.85 -8.14 11.78
N LEU D 178 -6.24 -9.27 12.12
CA LEU D 178 -5.37 -9.36 13.26
C LEU D 178 -4.04 -9.99 12.86
N LEU D 179 -3.02 -9.71 13.65
CA LEU D 179 -1.74 -10.40 13.53
C LEU D 179 -1.62 -11.35 14.70
N PRO D 180 -1.70 -12.67 14.49
CA PRO D 180 -1.74 -13.61 15.61
C PRO D 180 -0.52 -13.47 16.50
N SER D 181 -0.76 -13.51 17.80
CA SER D 181 0.29 -13.51 18.82
C SER D 181 -0.07 -14.55 19.86
N ALA D 182 0.93 -15.34 20.26
CA ALA D 182 0.69 -16.39 21.25
C ALA D 182 0.28 -15.83 22.60
N GLU D 183 0.60 -14.57 22.88
CA GLU D 183 0.29 -13.94 24.16
C GLU D 183 -1.01 -13.14 24.13
N GLU D 184 -1.71 -13.11 23.00
CA GLU D 184 -2.89 -12.27 22.84
C GLU D 184 -4.10 -13.13 22.52
N SER D 185 -5.24 -12.79 23.12
CA SER D 185 -6.49 -13.51 22.93
C SER D 185 -7.59 -12.51 22.59
N TYR D 186 -8.65 -13.01 21.96
CA TYR D 186 -9.74 -12.16 21.49
C TYR D 186 -11.08 -12.78 21.86
N ASP D 187 -12.08 -11.92 21.96
CA ASP D 187 -13.46 -12.33 22.20
C ASP D 187 -14.38 -11.54 21.28
N CYS D 188 -15.55 -12.11 21.00
CA CYS D 188 -16.57 -11.47 20.18
C CYS D 188 -17.76 -11.17 21.07
N LYS D 189 -18.01 -9.88 21.31
CA LYS D 189 -19.10 -9.45 22.17
C LYS D 189 -20.33 -9.19 21.32
N VAL D 190 -21.38 -9.95 21.57
CA VAL D 190 -22.62 -9.87 20.81
C VAL D 190 -23.73 -9.45 21.77
N GLU D 191 -24.29 -8.27 21.54
CA GLU D 191 -25.39 -7.74 22.34
C GLU D 191 -26.68 -7.80 21.54
N HIS D 192 -27.71 -8.42 22.12
CA HIS D 192 -29.00 -8.51 21.47
C HIS D 192 -30.08 -8.55 22.54
N TRP D 193 -31.29 -8.15 22.15
CA TRP D 193 -32.39 -8.09 23.09
C TRP D 193 -32.77 -9.46 23.61
N GLY D 194 -32.50 -10.51 22.85
CA GLY D 194 -32.85 -11.85 23.26
C GLY D 194 -31.88 -12.51 24.21
N LEU D 195 -30.82 -11.82 24.61
CA LEU D 195 -29.84 -12.33 25.55
C LEU D 195 -29.98 -11.60 26.87
N ASP D 196 -30.04 -12.36 27.97
CA ASP D 196 -30.19 -11.75 29.28
C ASP D 196 -28.99 -10.87 29.61
N LYS D 197 -27.79 -11.35 29.33
CA LYS D 197 -26.55 -10.63 29.50
C LYS D 197 -25.74 -10.73 28.22
N PRO D 198 -24.84 -9.78 27.96
CA PRO D 198 -24.08 -9.83 26.71
C PRO D 198 -23.32 -11.14 26.57
N LEU D 199 -23.27 -11.65 25.35
CA LEU D 199 -22.66 -12.94 25.05
C LEU D 199 -21.24 -12.72 24.55
N LEU D 200 -20.32 -13.52 25.08
CA LEU D 200 -18.92 -13.47 24.68
C LEU D 200 -18.52 -14.82 24.11
N LYS D 201 -17.93 -14.82 22.92
CA LYS D 201 -17.37 -16.02 22.33
C LYS D 201 -15.86 -15.84 22.22
N HIS D 202 -15.12 -16.77 22.81
CA HIS D 202 -13.68 -16.63 22.97
C HIS D 202 -12.93 -17.25 21.79
N TRP D 203 -11.68 -16.83 21.62
CA TRP D 203 -10.81 -17.40 20.60
C TRP D 203 -9.36 -17.23 21.04
N GLU D 204 -8.63 -18.35 21.12
CA GLU D 204 -7.21 -18.34 21.43
C GLU D 204 -6.46 -19.16 20.40
N PRO D 205 -5.28 -18.70 19.96
CA PRO D 205 -4.45 -19.38 18.96
C PRO D 205 -4.03 -20.79 19.39
N MET D 211 10.08 -27.23 22.82
CA MET D 211 10.72 -27.65 21.58
C MET D 211 12.14 -27.12 21.43
N SER D 212 12.42 -26.02 22.14
CA SER D 212 13.76 -25.45 22.08
C SER D 212 14.82 -26.35 22.66
N GLU D 213 14.52 -26.98 23.80
CA GLU D 213 15.48 -27.89 24.42
C GLU D 213 15.75 -29.12 23.56
N LEU D 214 14.70 -29.70 22.99
CA LEU D 214 14.88 -30.86 22.12
C LEU D 214 15.67 -30.49 20.87
N THR D 215 15.37 -29.33 20.28
CA THR D 215 16.10 -28.88 19.10
C THR D 215 17.57 -28.62 19.43
N GLU D 216 17.84 -28.02 20.59
CA GLU D 216 19.22 -27.77 20.98
C GLU D 216 19.98 -29.08 21.18
N THR D 217 19.35 -30.07 21.82
CA THR D 217 19.99 -31.36 21.98
C THR D 217 20.20 -32.05 20.65
N VAL D 218 19.21 -31.97 19.75
CA VAL D 218 19.35 -32.58 18.43
C VAL D 218 20.44 -31.91 17.62
N VAL D 219 20.53 -30.58 17.67
CA VAL D 219 21.56 -29.87 16.92
C VAL D 219 22.96 -30.23 17.43
N CYS D 220 23.12 -30.31 18.75
CA CYS D 220 24.42 -30.68 19.30
C CYS D 220 24.78 -32.12 18.98
N ALA D 221 23.79 -33.01 18.97
CA ALA D 221 24.06 -34.42 18.71
C ALA D 221 24.63 -34.64 17.32
N LEU D 222 24.04 -33.98 16.31
CA LEU D 222 24.59 -34.09 14.96
C LEU D 222 25.90 -33.34 14.84
N GLY D 223 26.07 -32.27 15.62
CA GLY D 223 27.29 -31.47 15.54
C GLY D 223 28.51 -32.29 15.93
N LEU D 224 28.46 -32.93 17.10
CA LEU D 224 29.59 -33.75 17.53
C LEU D 224 29.75 -34.98 16.66
N SER D 225 28.65 -35.52 16.14
CA SER D 225 28.74 -36.68 15.26
C SER D 225 29.44 -36.32 13.95
N VAL D 226 28.98 -35.26 13.29
CA VAL D 226 29.64 -34.82 12.07
C VAL D 226 31.05 -34.34 12.35
N GLY D 227 31.30 -33.83 13.55
CA GLY D 227 32.66 -33.44 13.93
C GLY D 227 33.57 -34.66 14.01
N LEU D 228 33.09 -35.73 14.65
CA LEU D 228 33.88 -36.95 14.72
C LEU D 228 34.01 -37.64 13.37
N VAL D 229 32.99 -37.51 12.52
CA VAL D 229 33.04 -38.12 11.19
C VAL D 229 34.15 -37.51 10.35
N GLY D 230 34.28 -36.18 10.38
CA GLY D 230 35.37 -35.54 9.65
C GLY D 230 36.72 -35.85 10.29
N ILE D 231 36.76 -35.97 11.61
CA ILE D 231 38.01 -36.29 12.30
C ILE D 231 38.51 -37.67 11.91
N VAL D 232 37.59 -38.64 11.80
CA VAL D 232 37.99 -40.01 11.48
C VAL D 232 38.63 -40.08 10.10
N VAL D 233 38.00 -39.44 9.11
CA VAL D 233 38.54 -39.49 7.75
C VAL D 233 39.92 -38.85 7.69
N GLY D 234 40.12 -37.74 8.39
CA GLY D 234 41.44 -37.12 8.43
C GLY D 234 42.45 -38.06 9.07
N THR D 235 42.07 -38.75 10.14
CA THR D 235 42.95 -39.75 10.74
C THR D 235 43.06 -40.98 9.85
N VAL D 236 41.96 -41.38 9.20
CA VAL D 236 42.01 -42.53 8.31
C VAL D 236 42.94 -42.26 7.13
N PHE D 237 42.92 -41.03 6.61
CA PHE D 237 43.77 -40.71 5.47
C PHE D 237 45.24 -40.91 5.81
N ILE D 238 45.65 -40.49 7.01
CA ILE D 238 47.02 -40.78 7.43
C ILE D 238 47.25 -42.27 7.58
N ILE D 239 46.30 -42.99 8.18
CA ILE D 239 46.47 -44.41 8.42
C ILE D 239 46.59 -45.19 7.11
N ARG D 240 45.74 -44.88 6.13
CA ARG D 240 45.87 -45.50 4.82
C ARG D 240 47.19 -45.12 4.16
N GLY D 241 47.57 -43.85 4.27
CA GLY D 241 48.84 -43.41 3.67
C GLY D 241 50.04 -43.89 4.47
N LEU D 242 49.83 -44.26 5.73
CA LEU D 242 50.95 -44.71 6.56
C LEU D 242 51.56 -46.00 6.03
N ARG D 243 50.71 -46.94 5.58
CA ARG D 243 51.22 -48.21 5.10
C ARG D 243 52.10 -48.04 3.87
N SER D 244 51.68 -47.18 2.95
CA SER D 244 52.45 -46.96 1.72
C SER D 244 53.74 -46.21 2.01
N SER E 35 -36.34 -4.56 26.85
CA SER E 35 -36.57 -5.01 25.48
C SER E 35 -37.67 -4.19 24.82
N PRO E 36 -37.29 -3.09 24.18
CA PRO E 36 -38.29 -2.24 23.51
C PRO E 36 -39.03 -2.99 22.42
N GLU E 37 -40.30 -2.64 22.25
CA GLU E 37 -41.10 -3.23 21.19
C GLU E 37 -40.59 -2.80 19.82
N ASP E 38 -40.65 -3.71 18.87
CA ASP E 38 -40.15 -3.46 17.53
C ASP E 38 -40.98 -4.24 16.52
N PHE E 39 -41.32 -3.59 15.41
CA PHE E 39 -42.06 -4.20 14.32
C PHE E 39 -41.19 -4.20 13.08
N VAL E 40 -41.06 -5.36 12.43
CA VAL E 40 -40.17 -5.54 11.30
C VAL E 40 -40.99 -5.97 10.10
N TYR E 41 -40.84 -5.24 8.99
CA TYR E 41 -41.46 -5.59 7.72
C TYR E 41 -40.35 -5.78 6.69
N GLN E 42 -40.35 -6.92 6.01
CA GLN E 42 -39.35 -7.23 5.01
C GLN E 42 -40.03 -7.75 3.75
N PHE E 43 -39.36 -7.51 2.62
CA PHE E 43 -39.85 -7.87 1.30
C PHE E 43 -38.71 -8.53 0.55
N LYS E 44 -38.99 -9.63 -0.13
CA LYS E 44 -37.97 -10.38 -0.86
C LYS E 44 -38.48 -10.70 -2.26
N ALA E 45 -37.64 -10.45 -3.26
CA ALA E 45 -37.92 -10.79 -4.64
C ALA E 45 -36.89 -11.82 -5.06
N MET E 46 -37.29 -13.09 -5.12
CA MET E 46 -36.38 -14.21 -5.29
C MET E 46 -36.58 -14.86 -6.64
N CYS E 47 -35.50 -15.03 -7.39
CA CYS E 47 -35.49 -15.73 -8.66
C CYS E 47 -34.80 -17.08 -8.48
N TYR E 48 -35.40 -18.12 -9.05
CA TYR E 48 -34.83 -19.45 -8.99
C TYR E 48 -34.48 -19.93 -10.39
N PHE E 49 -33.21 -20.29 -10.60
CA PHE E 49 -32.76 -20.70 -11.95
C PHE E 49 -32.44 -22.19 -11.97
N THR E 50 -33.36 -23.01 -12.52
CA THR E 50 -33.10 -24.46 -12.65
C THR E 50 -32.43 -24.69 -14.02
N ASN E 51 -31.36 -25.49 -14.07
CA ASN E 51 -30.61 -25.69 -15.34
C ASN E 51 -30.14 -24.32 -15.85
N GLY E 52 -30.22 -24.08 -17.15
CA GLY E 52 -29.88 -22.74 -17.69
C GLY E 52 -31.10 -21.85 -17.64
N THR E 53 -31.28 -20.97 -18.63
CA THR E 53 -32.53 -20.21 -18.63
C THR E 53 -33.72 -21.06 -19.03
N GLU E 54 -33.59 -22.39 -18.98
CA GLU E 54 -34.68 -23.27 -19.41
C GLU E 54 -35.90 -23.09 -18.55
N ARG E 55 -35.74 -23.17 -17.23
CA ARG E 55 -36.84 -22.98 -16.30
C ARG E 55 -36.46 -21.92 -15.28
N VAL E 56 -37.41 -21.04 -14.98
CA VAL E 56 -37.21 -19.97 -14.01
C VAL E 56 -38.49 -19.83 -13.18
N ARG E 57 -38.33 -19.77 -11.86
CA ARG E 57 -39.42 -19.45 -10.96
C ARG E 57 -39.19 -18.08 -10.34
N TYR E 58 -40.28 -17.37 -10.10
CA TYR E 58 -40.21 -16.01 -9.54
C TYR E 58 -41.22 -15.90 -8.41
N VAL E 59 -40.73 -15.71 -7.19
CA VAL E 59 -41.59 -15.56 -6.02
C VAL E 59 -41.23 -14.27 -5.31
N THR E 60 -42.25 -13.47 -4.99
CA THR E 60 -42.09 -12.28 -4.18
C THR E 60 -42.81 -12.49 -2.86
N ARG E 61 -42.09 -12.30 -1.76
CA ARG E 61 -42.57 -12.66 -0.43
C ARG E 61 -42.76 -11.41 0.42
N TYR E 62 -43.93 -11.29 1.03
CA TYR E 62 -44.26 -10.20 1.93
C TYR E 62 -44.28 -10.75 3.35
N ILE E 63 -43.30 -10.36 4.15
CA ILE E 63 -43.09 -10.91 5.48
C ILE E 63 -43.37 -9.84 6.51
N TYR E 64 -44.10 -10.20 7.56
CA TYR E 64 -44.37 -9.32 8.70
C TYR E 64 -43.95 -10.06 9.97
N ASN E 65 -42.76 -9.73 10.47
CA ASN E 65 -42.20 -10.35 11.67
C ASN E 65 -42.10 -11.87 11.51
N ARG E 66 -41.28 -12.28 10.54
CA ARG E 66 -41.01 -13.69 10.25
C ARG E 66 -42.27 -14.47 9.87
N GLU E 67 -43.30 -13.78 9.38
CA GLU E 67 -44.56 -14.41 9.00
C GLU E 67 -44.93 -13.93 7.61
N GLU E 68 -44.64 -14.74 6.60
CA GLU E 68 -44.99 -14.42 5.22
C GLU E 68 -46.48 -14.64 5.03
N TYR E 69 -47.19 -13.58 4.62
CA TYR E 69 -48.64 -13.62 4.50
C TYR E 69 -49.15 -13.55 3.07
N ALA E 70 -48.46 -12.82 2.20
CA ALA E 70 -48.85 -12.71 0.80
C ALA E 70 -47.65 -13.05 -0.07
N ARG E 71 -47.89 -13.80 -1.14
CA ARG E 71 -46.81 -14.25 -2.01
C ARG E 71 -47.30 -14.28 -3.45
N PHE E 72 -46.35 -14.12 -4.37
CA PHE E 72 -46.57 -14.30 -5.79
C PHE E 72 -45.78 -15.51 -6.26
N ASP E 73 -46.41 -16.35 -7.08
CA ASP E 73 -45.76 -17.54 -7.61
C ASP E 73 -45.87 -17.51 -9.13
N SER E 74 -44.72 -17.59 -9.81
CA SER E 74 -44.73 -17.57 -11.27
C SER E 74 -45.39 -18.81 -11.84
N ASP E 75 -45.37 -19.92 -11.10
CA ASP E 75 -46.07 -21.12 -11.54
C ASP E 75 -47.56 -21.06 -11.28
N VAL E 76 -48.01 -19.94 -10.69
CA VAL E 76 -49.47 -19.71 -10.46
C VAL E 76 -49.83 -18.40 -11.15
N GLU E 77 -48.89 -17.43 -11.19
CA GLU E 77 -49.12 -16.11 -11.83
C GLU E 77 -50.26 -15.37 -11.13
N VAL E 78 -50.60 -15.76 -9.91
CA VAL E 78 -51.74 -15.13 -9.17
C VAL E 78 -51.32 -14.96 -7.71
N TYR E 79 -51.56 -13.77 -7.14
CA TYR E 79 -51.24 -13.53 -5.74
C TYR E 79 -52.07 -14.46 -4.84
N ARG E 80 -51.42 -14.99 -3.81
CA ARG E 80 -52.06 -15.89 -2.87
C ARG E 80 -51.85 -15.38 -1.46
N ALA E 81 -52.56 -16.01 -0.51
CA ALA E 81 -52.48 -15.66 0.90
C ALA E 81 -51.98 -16.87 1.68
N VAL E 82 -51.01 -16.64 2.57
CA VAL E 82 -50.43 -17.70 3.37
C VAL E 82 -51.02 -17.72 4.78
N THR E 83 -51.18 -16.56 5.40
CA THR E 83 -51.73 -16.48 6.74
C THR E 83 -53.03 -15.69 6.69
N PRO E 84 -53.84 -15.67 7.77
CA PRO E 84 -55.09 -14.90 7.73
C PRO E 84 -54.93 -13.41 7.45
N LEU E 85 -53.71 -12.87 7.46
CA LEU E 85 -53.48 -11.47 7.12
C LEU E 85 -53.31 -11.25 5.62
N GLY E 86 -53.77 -12.20 4.81
CA GLY E 86 -53.52 -12.16 3.37
C GLY E 86 -54.68 -11.73 2.50
N PRO E 87 -55.89 -12.22 2.74
CA PRO E 87 -57.02 -11.91 1.86
C PRO E 87 -57.25 -10.42 1.69
N PRO E 88 -57.07 -9.59 2.73
CA PRO E 88 -57.18 -8.13 2.49
C PRO E 88 -56.22 -7.62 1.44
N ASP E 89 -55.04 -8.20 1.30
CA ASP E 89 -54.07 -7.75 0.31
C ASP E 89 -54.02 -8.62 -0.93
N ALA E 90 -54.46 -9.87 -0.85
CA ALA E 90 -54.36 -10.77 -1.99
C ALA E 90 -55.34 -10.37 -3.09
N GLU E 91 -56.59 -10.10 -2.71
CA GLU E 91 -57.59 -9.74 -3.71
C GLU E 91 -57.35 -8.34 -4.26
N TYR E 92 -56.98 -7.39 -3.40
CA TYR E 92 -56.82 -6.01 -3.85
C TYR E 92 -55.68 -5.88 -4.85
N TRP E 93 -54.54 -6.52 -4.56
CA TRP E 93 -53.44 -6.48 -5.52
C TRP E 93 -53.81 -7.19 -6.81
N ASN E 94 -54.53 -8.30 -6.70
CA ASN E 94 -54.94 -9.04 -7.88
C ASN E 94 -56.05 -8.33 -8.65
N SER E 95 -56.77 -7.42 -8.00
CA SER E 95 -57.84 -6.70 -8.69
C SER E 95 -57.27 -5.77 -9.76
N GLN E 96 -56.24 -5.01 -9.42
CA GLN E 96 -55.62 -4.09 -10.37
C GLN E 96 -54.91 -4.88 -11.45
N LYS E 97 -55.50 -4.91 -12.65
CA LYS E 97 -54.91 -5.69 -13.74
C LYS E 97 -53.63 -5.05 -14.26
N GLU E 98 -53.54 -3.72 -14.26
CA GLU E 98 -52.34 -3.07 -14.75
C GLU E 98 -51.13 -3.41 -13.89
N VAL E 99 -51.30 -3.37 -12.56
CA VAL E 99 -50.19 -3.70 -11.67
C VAL E 99 -49.89 -5.19 -11.70
N LEU E 100 -50.94 -6.03 -11.75
CA LEU E 100 -50.73 -7.48 -11.75
C LEU E 100 -49.93 -7.92 -12.98
N GLU E 101 -50.22 -7.33 -14.14
CA GLU E 101 -49.43 -7.64 -15.32
C GLU E 101 -47.99 -7.15 -15.20
N ARG E 102 -47.78 -6.04 -14.50
CA ARG E 102 -46.43 -5.51 -14.33
C ARG E 102 -45.56 -6.48 -13.53
N THR E 103 -46.10 -7.03 -12.44
CA THR E 103 -45.32 -7.93 -11.61
C THR E 103 -45.07 -9.26 -12.30
N ARG E 104 -46.06 -9.73 -13.09
CA ARG E 104 -45.89 -10.99 -13.80
C ARG E 104 -44.80 -10.89 -14.86
N ALA E 105 -44.60 -9.70 -15.41
CA ALA E 105 -43.56 -9.49 -16.42
C ALA E 105 -42.18 -9.37 -15.82
N GLU E 106 -42.07 -9.27 -14.49
CA GLU E 106 -40.75 -9.18 -13.86
C GLU E 106 -39.96 -10.47 -13.97
N LEU E 107 -40.59 -11.58 -14.36
CA LEU E 107 -39.85 -12.81 -14.56
C LEU E 107 -38.81 -12.66 -15.65
N ASP E 108 -39.07 -11.80 -16.63
CA ASP E 108 -38.17 -11.56 -17.74
C ASP E 108 -37.34 -10.29 -17.58
N THR E 109 -37.95 -9.22 -17.06
CA THR E 109 -37.25 -7.94 -16.94
C THR E 109 -36.38 -7.84 -15.69
N VAL E 110 -36.49 -8.79 -14.76
CA VAL E 110 -35.69 -8.73 -13.54
C VAL E 110 -34.82 -9.96 -13.45
N CYS E 111 -35.44 -11.15 -13.42
CA CYS E 111 -34.67 -12.38 -13.28
C CYS E 111 -33.82 -12.66 -14.51
N ARG E 112 -34.42 -12.62 -15.70
CA ARG E 112 -33.69 -12.93 -16.91
C ARG E 112 -32.79 -11.79 -17.37
N HIS E 113 -33.14 -10.56 -17.03
CA HIS E 113 -32.24 -9.44 -17.35
C HIS E 113 -30.98 -9.52 -16.51
N ASN E 114 -31.12 -9.72 -15.20
CA ASN E 114 -29.96 -9.73 -14.31
C ASN E 114 -29.10 -10.96 -14.53
N TYR E 115 -29.74 -12.10 -14.83
CA TYR E 115 -28.99 -13.35 -14.95
C TYR E 115 -28.00 -13.29 -16.11
N GLN E 116 -28.30 -12.50 -17.15
CA GLN E 116 -27.34 -12.32 -18.23
C GLN E 116 -26.07 -11.66 -17.72
N LEU E 117 -26.21 -10.67 -16.83
CA LEU E 117 -25.04 -10.04 -16.24
C LEU E 117 -24.35 -10.97 -15.25
N GLU E 118 -25.10 -11.89 -14.64
CA GLU E 118 -24.49 -12.84 -13.71
C GLU E 118 -23.54 -13.78 -14.42
N LEU E 119 -23.82 -14.10 -15.69
CA LEU E 119 -22.94 -15.00 -16.43
C LEU E 119 -21.55 -14.42 -16.60
N ARG E 120 -21.45 -13.12 -16.85
CA ARG E 120 -20.17 -12.51 -17.17
C ARG E 120 -19.30 -12.33 -15.93
N THR E 121 -19.89 -12.03 -14.77
CA THR E 121 -19.12 -11.63 -13.60
C THR E 121 -19.20 -12.64 -12.46
N THR E 122 -20.41 -12.96 -11.97
CA THR E 122 -20.50 -13.74 -10.74
C THR E 122 -20.38 -15.24 -11.02
N LEU E 123 -21.17 -15.74 -11.97
CA LEU E 123 -21.07 -17.16 -12.34
C LEU E 123 -19.72 -17.48 -12.97
N GLN E 124 -19.00 -16.47 -13.47
CA GLN E 124 -17.67 -16.66 -14.03
C GLN E 124 -16.59 -16.65 -12.97
N ARG E 125 -16.90 -16.21 -11.75
CA ARG E 125 -15.89 -16.14 -10.70
C ARG E 125 -15.50 -17.54 -10.24
N ARG E 126 -14.19 -17.79 -10.19
CA ARG E 126 -13.66 -19.07 -9.72
C ARG E 126 -12.35 -18.80 -9.00
N VAL E 127 -12.21 -19.36 -7.80
CA VAL E 127 -11.02 -19.16 -6.97
C VAL E 127 -10.46 -20.52 -6.61
N GLU E 128 -9.16 -20.71 -6.85
CA GLU E 128 -8.52 -21.98 -6.60
C GLU E 128 -8.41 -22.23 -5.11
N PRO E 129 -8.77 -23.42 -4.63
CA PRO E 129 -8.65 -23.71 -3.19
C PRO E 129 -7.20 -23.88 -2.76
N THR E 130 -6.99 -23.75 -1.46
CA THR E 130 -5.71 -24.02 -0.82
C THR E 130 -5.89 -25.13 0.21
N VAL E 131 -4.94 -26.05 0.26
CA VAL E 131 -5.02 -27.23 1.11
C VAL E 131 -3.82 -27.27 2.04
N THR E 132 -4.07 -27.46 3.32
CA THR E 132 -3.02 -27.66 4.30
C THR E 132 -3.42 -28.80 5.23
N ILE E 133 -2.42 -29.53 5.71
CA ILE E 133 -2.61 -30.68 6.57
C ILE E 133 -1.86 -30.46 7.87
N SER E 134 -2.55 -30.59 8.98
CA SER E 134 -1.98 -30.42 10.31
C SER E 134 -2.58 -31.47 11.24
N PRO E 135 -1.86 -31.84 12.30
CA PRO E 135 -2.39 -32.78 13.29
C PRO E 135 -3.44 -32.16 14.20
N LEU E 146 -6.30 -35.86 15.70
CA LEU E 146 -6.44 -36.54 14.42
C LEU E 146 -5.56 -35.87 13.37
N LEU E 147 -6.04 -35.86 12.13
CA LEU E 147 -5.34 -35.21 11.02
C LEU E 147 -6.38 -34.43 10.22
N VAL E 148 -6.31 -33.10 10.29
CA VAL E 148 -7.30 -32.23 9.68
C VAL E 148 -6.77 -31.70 8.36
N CYS E 149 -7.56 -31.84 7.31
CA CYS E 149 -7.23 -31.32 5.98
C CYS E 149 -8.09 -30.08 5.75
N SER E 150 -7.49 -28.91 5.89
CA SER E 150 -8.20 -27.65 5.76
C SER E 150 -8.17 -27.18 4.31
N VAL E 151 -9.34 -27.00 3.71
CA VAL E 151 -9.47 -26.45 2.37
C VAL E 151 -10.12 -25.08 2.52
N THR E 152 -9.39 -24.03 2.19
CA THR E 152 -9.81 -22.67 2.50
C THR E 152 -9.79 -21.80 1.25
N ASP E 153 -10.64 -20.78 1.26
CA ASP E 153 -10.65 -19.71 0.26
C ASP E 153 -10.90 -20.26 -1.15
N PHE E 154 -12.08 -20.83 -1.34
CA PHE E 154 -12.49 -21.31 -2.65
C PHE E 154 -13.93 -20.92 -2.94
N TYR E 155 -14.24 -20.81 -4.23
CA TYR E 155 -15.57 -20.47 -4.73
C TYR E 155 -15.69 -21.08 -6.12
N PRO E 156 -16.83 -21.68 -6.48
CA PRO E 156 -18.08 -21.83 -5.72
C PRO E 156 -18.05 -22.93 -4.67
N ALA E 157 -19.22 -23.41 -4.25
CA ALA E 157 -19.32 -24.33 -3.12
C ALA E 157 -19.20 -25.79 -3.51
N GLN E 158 -19.14 -26.11 -4.80
CA GLN E 158 -18.99 -27.50 -5.23
C GLN E 158 -17.55 -27.94 -5.01
N ILE E 159 -17.38 -29.03 -4.27
CA ILE E 159 -16.05 -29.55 -3.97
C ILE E 159 -16.20 -31.00 -3.51
N LYS E 160 -15.16 -31.79 -3.77
CA LYS E 160 -15.08 -33.16 -3.28
C LYS E 160 -13.69 -33.38 -2.69
N VAL E 161 -13.65 -33.91 -1.47
CA VAL E 161 -12.40 -34.09 -0.72
C VAL E 161 -12.30 -35.56 -0.31
N ARG E 162 -11.13 -36.15 -0.55
CA ARG E 162 -10.89 -37.55 -0.25
C ARG E 162 -9.61 -37.69 0.57
N TRP E 163 -9.58 -38.71 1.41
CA TRP E 163 -8.39 -39.06 2.19
C TRP E 163 -7.84 -40.40 1.72
N PHE E 164 -6.52 -40.47 1.59
CA PHE E 164 -5.85 -41.65 1.07
C PHE E 164 -4.86 -42.19 2.10
N ARG E 165 -4.73 -43.52 2.13
CA ARG E 165 -3.74 -44.21 2.97
C ARG E 165 -2.93 -45.12 2.06
N ASN E 166 -1.85 -44.57 1.50
CA ASN E 166 -0.97 -45.28 0.57
C ASN E 166 -1.77 -45.85 -0.60
N ASP E 167 -2.37 -44.93 -1.36
CA ASP E 167 -3.18 -45.26 -2.53
C ASP E 167 -4.38 -46.14 -2.16
N GLN E 168 -4.83 -46.04 -0.91
CA GLN E 168 -6.07 -46.68 -0.47
C GLN E 168 -6.94 -45.61 0.16
N GLU E 169 -8.17 -45.46 -0.35
CA GLU E 169 -9.09 -44.44 0.12
C GLU E 169 -9.56 -44.81 1.52
N GLU E 170 -9.03 -44.11 2.53
CA GLU E 170 -9.39 -44.39 3.91
C GLU E 170 -10.78 -43.89 4.24
N THR E 171 -11.78 -44.76 4.11
CA THR E 171 -13.16 -44.42 4.39
C THR E 171 -13.64 -44.95 5.73
N THR E 172 -12.74 -45.49 6.55
CA THR E 172 -13.15 -46.04 7.84
C THR E 172 -13.74 -44.97 8.74
N GLY E 173 -12.94 -43.99 9.12
CA GLY E 173 -13.44 -42.89 9.91
C GLY E 173 -13.10 -41.53 9.32
N VAL E 174 -14.11 -40.81 8.86
CA VAL E 174 -13.93 -39.47 8.29
C VAL E 174 -15.09 -38.60 8.77
N VAL E 175 -14.76 -37.50 9.44
CA VAL E 175 -15.74 -36.56 9.94
C VAL E 175 -15.54 -35.25 9.20
N SER E 176 -16.58 -34.76 8.54
CA SER E 176 -16.50 -33.56 7.71
C SER E 176 -17.29 -32.43 8.35
N THR E 177 -16.62 -31.32 8.59
CA THR E 177 -17.31 -30.10 9.01
C THR E 177 -18.06 -29.52 7.81
N PRO E 178 -19.33 -29.15 7.96
CA PRO E 178 -20.09 -28.67 6.81
C PRO E 178 -19.48 -27.42 6.19
N LEU E 179 -19.98 -27.09 5.00
CA LEU E 179 -19.48 -25.91 4.29
C LEU E 179 -19.64 -24.67 5.15
N ILE E 180 -18.57 -23.87 5.23
CA ILE E 180 -18.55 -22.65 6.00
C ILE E 180 -18.45 -21.48 5.04
N ARG E 181 -19.38 -20.54 5.16
CA ARG E 181 -19.46 -19.37 4.30
C ARG E 181 -18.76 -18.22 5.02
N ASN E 182 -17.55 -17.88 4.57
CA ASN E 182 -16.79 -16.83 5.24
C ASN E 182 -17.49 -15.48 5.14
N GLY E 183 -18.28 -15.31 4.07
CA GLY E 183 -18.99 -14.04 3.85
C GLY E 183 -18.38 -13.26 2.70
N ASP E 184 -17.07 -13.42 2.47
CA ASP E 184 -16.38 -12.70 1.38
C ASP E 184 -16.34 -13.59 0.13
N TRP E 185 -17.51 -14.03 -0.35
CA TRP E 185 -17.58 -14.87 -1.57
C TRP E 185 -16.56 -16.01 -1.50
N THR E 186 -16.22 -16.46 -0.29
CA THR E 186 -15.31 -17.59 -0.13
C THR E 186 -16.00 -18.69 0.66
N PHE E 187 -15.34 -19.84 0.73
CA PHE E 187 -15.88 -21.00 1.43
C PHE E 187 -14.76 -21.75 2.12
N GLN E 188 -15.13 -22.57 3.09
CA GLN E 188 -14.22 -23.45 3.79
C GLN E 188 -14.82 -24.84 3.91
N ILE E 189 -13.97 -25.80 4.25
CA ILE E 189 -14.43 -27.14 4.62
C ILE E 189 -13.27 -27.83 5.32
N LEU E 190 -13.59 -28.55 6.40
CA LEU E 190 -12.59 -29.26 7.19
C LEU E 190 -12.92 -30.75 7.19
N VAL E 191 -11.92 -31.58 6.89
CA VAL E 191 -12.05 -33.03 6.91
C VAL E 191 -10.97 -33.59 7.82
N MET E 192 -11.38 -34.43 8.77
CA MET E 192 -10.46 -35.05 9.70
C MET E 192 -10.66 -36.56 9.70
N LEU E 193 -9.58 -37.29 10.00
CA LEU E 193 -9.61 -38.74 10.04
C LEU E 193 -8.64 -39.24 11.10
N GLU E 194 -9.01 -40.34 11.74
CA GLU E 194 -8.15 -40.94 12.75
C GLU E 194 -6.99 -41.68 12.09
N MET E 195 -5.87 -41.75 12.81
CA MET E 195 -4.64 -42.32 12.28
C MET E 195 -4.10 -43.40 13.19
N THR E 196 -3.47 -44.39 12.58
CA THR E 196 -2.66 -45.38 13.29
C THR E 196 -1.23 -45.26 12.77
N PRO E 197 -0.36 -44.54 13.46
CA PRO E 197 0.95 -44.20 12.89
C PRO E 197 1.78 -45.44 12.58
N GLN E 198 2.50 -45.39 11.47
CA GLN E 198 3.38 -46.47 11.05
C GLN E 198 4.65 -45.87 10.47
N HIS E 199 5.73 -46.67 10.52
CA HIS E 199 7.01 -46.21 10.00
C HIS E 199 6.98 -46.21 8.48
N GLY E 200 7.24 -45.06 7.88
CA GLY E 200 7.21 -44.92 6.43
C GLY E 200 5.84 -44.72 5.84
N ASP E 201 4.79 -44.70 6.65
CA ASP E 201 3.43 -44.53 6.15
C ASP E 201 3.15 -43.05 5.87
N VAL E 202 2.46 -42.80 4.77
CA VAL E 202 2.14 -41.43 4.35
C VAL E 202 0.63 -41.30 4.17
N TYR E 203 0.15 -40.06 4.31
CA TYR E 203 -1.25 -39.75 4.12
C TYR E 203 -1.37 -38.56 3.17
N THR E 204 -2.27 -38.66 2.19
CA THR E 204 -2.48 -37.60 1.21
C THR E 204 -3.96 -37.22 1.20
N CYS E 205 -4.21 -35.91 1.14
CA CYS E 205 -5.56 -35.36 1.06
C CYS E 205 -5.83 -34.98 -0.39
N HIS E 206 -6.89 -35.55 -0.96
CA HIS E 206 -7.20 -35.37 -2.37
C HIS E 206 -8.44 -34.49 -2.51
N VAL E 207 -8.32 -33.43 -3.32
CA VAL E 207 -9.40 -32.46 -3.52
C VAL E 207 -9.63 -32.27 -5.00
N GLU E 208 -10.84 -31.82 -5.33
CA GLU E 208 -11.19 -31.47 -6.70
C GLU E 208 -12.26 -30.39 -6.67
N HIS E 209 -12.21 -29.50 -7.65
CA HIS E 209 -13.03 -28.28 -7.63
C HIS E 209 -13.26 -27.85 -9.06
N PRO E 210 -14.42 -27.25 -9.36
CA PRO E 210 -14.67 -26.80 -10.74
C PRO E 210 -13.67 -25.80 -11.25
N SER E 211 -13.01 -25.05 -10.37
CA SER E 211 -12.00 -24.07 -10.79
C SER E 211 -10.69 -24.72 -11.20
N LEU E 212 -10.51 -26.01 -10.92
CA LEU E 212 -9.24 -26.70 -11.17
C LEU E 212 -9.37 -27.66 -12.33
N GLN E 213 -8.46 -27.56 -13.29
CA GLN E 213 -8.38 -28.53 -14.38
C GLN E 213 -7.74 -29.84 -13.92
N ASN E 214 -6.85 -29.78 -12.93
CA ASN E 214 -6.18 -30.96 -12.40
C ASN E 214 -6.33 -30.98 -10.89
N PRO E 215 -6.69 -32.11 -10.29
CA PRO E 215 -6.88 -32.16 -8.83
C PRO E 215 -5.59 -31.84 -8.08
N ILE E 216 -5.76 -31.27 -6.89
CA ILE E 216 -4.65 -30.91 -6.03
C ILE E 216 -4.55 -31.93 -4.90
N THR E 217 -3.34 -32.46 -4.69
CA THR E 217 -3.09 -33.44 -3.65
C THR E 217 -1.93 -32.94 -2.80
N VAL E 218 -2.10 -32.98 -1.48
CA VAL E 218 -1.06 -32.60 -0.53
C VAL E 218 -0.83 -33.77 0.41
N GLU E 219 0.44 -34.08 0.65
CA GLU E 219 0.85 -35.24 1.44
C GLU E 219 1.30 -34.81 2.82
N TRP E 220 1.49 -35.82 3.69
CA TRP E 220 1.98 -35.58 5.04
C TRP E 220 2.75 -36.80 5.51
N ARG E 221 3.91 -36.58 6.12
CA ARG E 221 4.75 -37.66 6.59
C ARG E 221 5.13 -37.47 8.06
N GLN E 228 14.50 -34.37 15.35
CA GLN E 228 15.46 -35.00 16.25
C GLN E 228 15.80 -36.41 15.78
N SER E 229 14.85 -37.04 15.08
CA SER E 229 15.07 -38.38 14.57
C SER E 229 16.22 -38.41 13.56
N LYS E 230 16.28 -37.41 12.69
CA LYS E 230 17.38 -37.33 11.73
C LYS E 230 18.71 -37.12 12.44
N MET E 231 18.72 -36.28 13.48
CA MET E 231 19.95 -36.05 14.23
C MET E 231 20.40 -37.32 14.94
N LEU E 232 19.47 -38.05 15.55
CA LEU E 232 19.83 -39.29 16.24
C LEU E 232 20.33 -40.34 15.25
N SER E 233 19.69 -40.45 14.08
CA SER E 233 20.12 -41.44 13.11
C SER E 233 21.53 -41.15 12.60
N GLY E 234 21.83 -39.88 12.33
CA GLY E 234 23.17 -39.52 11.89
C GLY E 234 24.19 -39.68 13.00
N ILE E 235 23.78 -39.52 14.26
CA ILE E 235 24.70 -39.63 15.38
C ILE E 235 25.26 -41.05 15.48
N GLY E 236 24.41 -42.05 15.34
CA GLY E 236 24.87 -43.44 15.43
C GLY E 236 25.77 -43.79 14.24
N GLY E 237 25.40 -43.35 13.03
CA GLY E 237 26.18 -43.68 11.85
C GLY E 237 27.55 -43.02 11.89
N PHE E 238 27.62 -41.76 12.31
CA PHE E 238 28.89 -41.05 12.29
C PHE E 238 29.82 -41.56 13.39
N VAL E 239 29.30 -41.76 14.60
CA VAL E 239 30.14 -42.26 15.69
C VAL E 239 30.67 -43.65 15.37
N LEU E 240 29.83 -44.52 14.81
CA LEU E 240 30.30 -45.83 14.38
C LEU E 240 31.35 -45.69 13.28
N GLY E 241 31.13 -44.78 12.33
CA GLY E 241 32.14 -44.52 11.31
C GLY E 241 33.38 -43.88 11.91
N LEU E 242 33.20 -43.06 12.95
CA LEU E 242 34.35 -42.46 13.63
C LEU E 242 35.22 -43.54 14.26
N ILE E 243 34.61 -44.52 14.93
CA ILE E 243 35.37 -45.62 15.49
C ILE E 243 35.85 -46.58 14.40
N PHE E 244 35.15 -46.64 13.27
CA PHE E 244 35.55 -47.55 12.20
C PHE E 244 36.90 -47.17 11.61
N LEU E 245 37.12 -45.87 11.39
CA LEU E 245 38.38 -45.41 10.82
C LEU E 245 39.51 -45.43 11.84
N GLY E 246 39.19 -45.16 13.12
CA GLY E 246 40.23 -45.10 14.14
C GLY E 246 40.91 -46.45 14.34
N LEU E 247 40.14 -47.53 14.28
CA LEU E 247 40.70 -48.86 14.51
C LEU E 247 41.70 -49.24 13.43
N GLY E 248 41.45 -48.83 12.18
CA GLY E 248 42.33 -49.20 11.09
C GLY E 248 43.72 -48.63 11.26
N LEU E 249 43.86 -47.53 12.00
CA LEU E 249 45.18 -46.94 12.22
C LEU E 249 46.07 -47.89 13.01
N ILE E 250 45.52 -48.48 14.08
CA ILE E 250 46.30 -49.44 14.86
C ILE E 250 46.61 -50.69 14.05
N ILE E 251 45.64 -51.18 13.28
CA ILE E 251 45.86 -52.37 12.46
C ILE E 251 46.93 -52.11 11.41
N HIS E 252 46.89 -50.95 10.75
CA HIS E 252 47.95 -50.59 9.82
C HIS E 252 49.27 -50.40 10.54
N HIS E 253 49.23 -49.82 11.75
CA HIS E 253 50.46 -49.69 12.54
C HIS E 253 50.99 -51.05 12.96
N ARG E 254 50.11 -51.95 13.39
CA ARG E 254 50.57 -53.28 13.81
C ARG E 254 51.09 -54.09 12.64
N SER E 255 50.41 -54.02 11.49
CA SER E 255 50.87 -54.76 10.32
C SER E 255 52.22 -54.26 9.83
N GLN E 256 52.41 -52.93 9.81
CA GLN E 256 53.70 -52.37 9.43
C GLN E 256 54.78 -52.74 10.42
N LYS E 257 54.46 -52.70 11.71
CA LYS E 257 55.42 -53.03 12.75
C LYS E 257 55.68 -54.54 12.81
N GLY F 59 53.44 -37.08 27.95
CA GLY F 59 53.15 -35.78 27.37
C GLY F 59 51.67 -35.55 27.12
N ALA F 60 51.02 -34.84 28.04
CA ALA F 60 49.60 -34.55 27.93
C ALA F 60 49.29 -33.27 27.17
N LEU F 61 50.32 -32.55 26.71
CA LEU F 61 50.08 -31.33 25.94
C LEU F 61 49.34 -31.63 24.65
N TYR F 62 49.74 -32.68 23.94
CA TYR F 62 49.04 -33.03 22.72
C TYR F 62 47.64 -33.53 23.00
N THR F 63 47.41 -34.11 24.18
CA THR F 63 46.06 -34.50 24.57
C THR F 63 45.17 -33.28 24.69
N GLY F 64 45.69 -32.20 25.25
CA GLY F 64 44.90 -30.98 25.36
C GLY F 64 44.53 -30.41 24.01
N PHE F 65 45.49 -30.35 23.08
CA PHE F 65 45.21 -29.81 21.76
C PHE F 65 44.16 -30.63 21.03
N SER F 66 44.10 -31.94 21.33
CA SER F 66 43.14 -32.79 20.64
C SER F 66 41.70 -32.37 20.96
N ILE F 67 41.42 -32.07 22.23
CA ILE F 67 40.06 -31.68 22.62
C ILE F 67 39.70 -30.34 22.01
N LEU F 68 40.65 -29.42 21.95
CA LEU F 68 40.36 -28.07 21.45
C LEU F 68 39.93 -28.11 19.99
N VAL F 69 40.60 -28.92 19.17
CA VAL F 69 40.26 -28.98 17.75
C VAL F 69 38.88 -29.57 17.56
N THR F 70 38.54 -30.63 18.29
CA THR F 70 37.22 -31.25 18.17
C THR F 70 36.12 -30.28 18.59
N LEU F 71 36.34 -29.55 19.69
CA LEU F 71 35.37 -28.54 20.08
C LEU F 71 35.31 -27.41 19.07
N LEU F 72 36.45 -27.06 18.46
CA LEU F 72 36.48 -26.00 17.46
C LEU F 72 35.67 -26.38 16.23
N LEU F 73 35.79 -27.63 15.77
CA LEU F 73 35.03 -28.08 14.61
C LEU F 73 33.56 -28.27 14.96
N ALA F 74 33.27 -28.68 16.20
CA ALA F 74 31.88 -28.75 16.63
C ALA F 74 31.23 -27.38 16.60
N GLY F 75 31.97 -26.35 17.01
CA GLY F 75 31.44 -25.00 16.93
C GLY F 75 31.20 -24.54 15.51
N GLN F 76 32.07 -24.95 14.58
CA GLN F 76 31.88 -24.56 13.19
C GLN F 76 30.64 -25.19 12.59
N ALA F 77 30.27 -26.39 13.04
CA ALA F 77 29.02 -26.99 12.61
C ALA F 77 27.83 -26.14 13.02
N THR F 78 27.86 -25.60 14.23
CA THR F 78 26.76 -24.75 14.70
C THR F 78 26.65 -23.48 13.87
N THR F 79 27.78 -22.86 13.53
CA THR F 79 27.74 -21.67 12.68
C THR F 79 27.18 -21.99 11.31
N ALA F 80 27.56 -23.13 10.74
CA ALA F 80 27.04 -23.52 9.44
C ALA F 80 25.54 -23.79 9.49
N TYR F 81 25.07 -24.44 10.56
CA TYR F 81 23.65 -24.73 10.68
C TYR F 81 22.82 -23.46 10.79
N PHE F 82 23.26 -22.51 11.61
CA PHE F 82 22.52 -21.26 11.74
C PHE F 82 22.64 -20.40 10.49
N LEU F 83 23.79 -20.46 9.80
CA LEU F 83 23.95 -19.72 8.56
C LEU F 83 23.00 -20.24 7.50
N TYR F 84 22.87 -21.56 7.38
CA TYR F 84 21.90 -22.15 6.47
C TYR F 84 20.48 -21.82 6.90
N GLN F 85 20.24 -21.78 8.21
CA GLN F 85 18.90 -21.49 8.72
C GLN F 85 18.48 -20.08 8.33
N GLN F 86 19.39 -19.11 8.42
CA GLN F 86 19.02 -17.73 8.11
C GLN F 86 18.75 -17.54 6.63
N GLN F 87 19.38 -18.34 5.76
CA GLN F 87 19.14 -18.18 4.33
C GLN F 87 17.72 -18.55 3.96
N GLY F 88 17.07 -19.40 4.77
CA GLY F 88 15.66 -19.66 4.56
C GLY F 88 14.80 -18.43 4.83
N ARG F 89 15.15 -17.67 5.88
CA ARG F 89 14.40 -16.45 6.17
C ARG F 89 14.58 -15.41 5.08
N LEU F 90 15.82 -15.22 4.61
CA LEU F 90 16.07 -14.21 3.57
C LEU F 90 15.35 -14.56 2.28
N ASP F 91 15.36 -15.84 1.90
CA ASP F 91 14.63 -16.25 0.70
C ASP F 91 13.14 -16.05 0.87
N LYS F 92 12.61 -16.33 2.06
CA LYS F 92 11.20 -16.08 2.33
C LYS F 92 10.91 -14.58 2.41
N LEU F 93 11.79 -13.82 3.05
CA LEU F 93 11.58 -12.38 3.15
C LEU F 93 11.72 -11.71 1.78
N THR F 94 12.60 -12.22 0.92
CA THR F 94 12.73 -11.64 -0.42
C THR F 94 11.44 -11.77 -1.20
N VAL F 95 10.78 -12.92 -1.10
CA VAL F 95 9.53 -13.13 -1.83
C VAL F 95 8.44 -12.21 -1.31
N THR F 96 8.34 -12.07 0.01
CA THR F 96 7.32 -11.19 0.58
C THR F 96 7.59 -9.73 0.23
N SER F 97 8.87 -9.32 0.26
CA SER F 97 9.19 -7.94 -0.09
C SER F 97 8.82 -7.63 -1.53
N GLN F 98 9.12 -8.54 -2.46
CA GLN F 98 8.83 -8.28 -3.86
C GLN F 98 7.38 -8.50 -4.22
N ASN F 99 6.63 -9.30 -3.44
CA ASN F 99 5.19 -9.35 -3.62
C ASN F 99 4.53 -8.06 -3.15
N LEU F 100 5.07 -7.45 -2.10
CA LEU F 100 4.56 -6.16 -1.64
C LEU F 100 4.89 -5.05 -2.63
N GLN F 101 6.06 -5.12 -3.27
CA GLN F 101 6.41 -4.16 -4.31
C GLN F 101 5.45 -4.27 -5.49
N LEU F 102 5.01 -5.48 -5.81
CA LEU F 102 4.08 -5.66 -6.92
C LEU F 102 2.74 -4.99 -6.63
N GLU F 103 2.28 -5.10 -5.38
CA GLU F 103 1.00 -4.46 -4.98
C GLU F 103 1.12 -2.96 -5.22
N ASN F 104 2.18 -2.36 -4.68
CA ASN F 104 2.41 -0.91 -4.89
C ASN F 104 2.29 -0.60 -6.38
N LEU F 105 2.99 -1.35 -7.23
CA LEU F 105 2.97 -1.07 -8.66
C LEU F 105 1.55 -1.04 -9.20
N ARG F 106 0.70 -1.96 -8.74
CA ARG F 106 -0.68 -2.02 -9.22
C ARG F 106 -1.57 -0.95 -8.58
N MET F 107 -1.15 -0.39 -7.44
CA MET F 107 -1.96 0.63 -6.79
C MET F 107 -2.03 1.91 -7.61
N LYS F 108 -1.14 2.10 -8.57
CA LYS F 108 -1.06 3.31 -9.37
C LYS F 108 -1.53 3.11 -10.80
N LEU F 109 -2.11 1.97 -11.13
CA LEU F 109 -2.54 1.67 -12.48
C LEU F 109 -4.02 1.31 -12.50
N PRO F 110 -4.88 2.12 -13.14
CA PRO F 110 -6.30 1.74 -13.24
C PRO F 110 -6.54 0.75 -14.37
N LYS F 111 -7.81 0.42 -14.62
CA LYS F 111 -8.17 -0.51 -15.67
C LYS F 111 -9.20 0.13 -16.60
N PRO F 112 -9.07 -0.05 -17.91
CA PRO F 112 -10.04 0.53 -18.85
C PRO F 112 -11.43 -0.02 -18.59
N PRO F 113 -12.40 0.86 -18.32
CA PRO F 113 -13.72 0.39 -17.92
C PRO F 113 -14.46 -0.30 -19.06
N LYS F 114 -15.34 -1.23 -18.68
CA LYS F 114 -16.23 -1.92 -19.59
C LYS F 114 -17.50 -1.10 -19.78
N PRO F 115 -18.28 -1.37 -20.83
CA PRO F 115 -19.56 -0.67 -21.02
C PRO F 115 -20.49 -0.89 -19.84
N VAL F 116 -21.26 0.16 -19.52
CA VAL F 116 -22.12 0.18 -18.35
C VAL F 116 -23.44 -0.50 -18.68
N SER F 117 -23.79 -1.54 -17.92
CA SER F 117 -25.08 -2.20 -18.01
C SER F 117 -25.72 -2.19 -16.64
N LYS F 118 -26.97 -1.73 -16.57
CA LYS F 118 -27.63 -1.54 -15.29
C LYS F 118 -28.26 -2.83 -14.77
N MET F 119 -28.13 -3.04 -13.47
CA MET F 119 -28.84 -4.12 -12.79
C MET F 119 -30.32 -3.79 -12.71
N ARG F 120 -31.15 -4.83 -12.53
CA ARG F 120 -32.59 -4.66 -12.48
C ARG F 120 -33.10 -5.08 -11.10
N MET F 121 -34.23 -4.51 -10.73
CA MET F 121 -34.80 -4.70 -9.41
C MET F 121 -36.30 -4.94 -9.53
N ALA F 122 -36.91 -5.31 -8.41
CA ALA F 122 -38.36 -5.47 -8.31
C ALA F 122 -38.89 -4.46 -7.30
N THR F 123 -40.12 -4.02 -7.53
CA THR F 123 -40.74 -3.04 -6.66
C THR F 123 -41.92 -3.65 -5.93
N PRO F 124 -42.02 -3.46 -4.62
CA PRO F 124 -43.20 -3.96 -3.90
C PRO F 124 -44.42 -3.12 -4.22
N LEU F 125 -45.54 -3.55 -3.66
CA LEU F 125 -46.81 -2.85 -3.87
C LEU F 125 -47.29 -2.21 -2.58
N LEU F 126 -48.33 -1.41 -2.71
CA LEU F 126 -48.91 -0.69 -1.58
C LEU F 126 -50.09 -1.46 -1.02
N MET F 127 -50.29 -1.36 0.29
CA MET F 127 -51.36 -2.08 0.97
C MET F 127 -52.63 -1.22 1.02
N GLN F 128 -53.11 -0.85 -0.16
CA GLN F 128 -54.37 -0.13 -0.31
C GLN F 128 -54.41 1.16 0.52
N ASP G 25 1.84 18.31 -44.66
CA ASP G 25 2.21 18.04 -43.28
C ASP G 25 2.58 19.34 -42.58
N ILE G 26 2.54 19.31 -41.25
CA ILE G 26 2.83 20.48 -40.42
C ILE G 26 3.93 20.13 -39.44
N VAL G 27 4.93 20.99 -39.34
CA VAL G 27 6.08 20.81 -38.46
C VAL G 27 6.00 21.86 -37.36
N ALA G 28 6.04 21.41 -36.11
CA ALA G 28 5.91 22.30 -34.97
C ALA G 28 6.62 21.69 -33.77
N ASP G 29 6.89 22.53 -32.78
CA ASP G 29 7.57 22.06 -31.57
C ASP G 29 6.68 21.13 -30.76
N HIS G 30 5.43 21.53 -30.52
CA HIS G 30 4.49 20.74 -29.76
C HIS G 30 3.17 20.66 -30.52
N VAL G 31 2.54 19.48 -30.46
CA VAL G 31 1.28 19.24 -31.13
C VAL G 31 0.27 18.80 -30.08
N ALA G 32 -0.88 19.47 -30.05
CA ALA G 32 -1.96 19.11 -29.14
C ALA G 32 -3.24 18.90 -29.93
N SER G 33 -3.98 17.85 -29.58
CA SER G 33 -5.24 17.49 -30.21
C SER G 33 -6.32 17.53 -29.16
N TYR G 34 -7.01 18.67 -29.05
CA TYR G 34 -8.00 18.90 -28.01
C TYR G 34 -9.42 18.54 -28.46
N GLY G 35 -9.55 17.86 -29.58
CA GLY G 35 -10.86 17.51 -30.09
C GLY G 35 -10.96 16.11 -30.66
N VAL G 36 -10.22 15.16 -30.12
CA VAL G 36 -10.24 13.81 -30.66
C VAL G 36 -11.54 13.14 -30.29
N ASN G 37 -12.48 13.11 -31.23
CA ASN G 37 -13.78 12.48 -31.05
C ASN G 37 -13.87 11.27 -31.97
N LEU G 38 -14.45 10.18 -31.46
CA LEU G 38 -14.57 8.95 -32.21
C LEU G 38 -16.00 8.45 -32.13
N TYR G 39 -16.45 7.83 -33.21
CA TYR G 39 -17.76 7.20 -33.23
C TYR G 39 -17.79 6.17 -34.36
N GLN G 40 -18.48 5.06 -34.11
CA GLN G 40 -18.60 4.02 -35.12
C GLN G 40 -19.93 3.29 -34.93
N SER G 41 -20.37 2.66 -36.00
CA SER G 41 -21.69 2.04 -36.05
C SER G 41 -21.70 0.60 -35.53
N TYR G 42 -20.55 0.03 -35.23
CA TYR G 42 -20.51 -1.38 -34.83
C TYR G 42 -21.19 -1.60 -33.48
N GLY G 43 -20.90 -0.75 -32.50
CA GLY G 43 -21.44 -0.91 -31.18
C GLY G 43 -22.93 -0.63 -31.07
N PRO G 44 -23.35 0.63 -31.25
CA PRO G 44 -22.54 1.82 -31.54
C PRO G 44 -21.70 2.25 -30.34
N SER G 45 -20.50 2.74 -30.60
CA SER G 45 -19.56 3.11 -29.54
C SER G 45 -18.80 4.36 -29.97
N GLY G 46 -18.26 5.06 -28.97
CA GLY G 46 -17.51 6.27 -29.22
C GLY G 46 -16.40 6.41 -28.20
N GLN G 47 -15.62 7.49 -28.34
CA GLN G 47 -14.50 7.73 -27.46
C GLN G 47 -14.17 9.22 -27.49
N TYR G 48 -13.74 9.75 -26.34
CA TYR G 48 -13.29 11.13 -26.25
C TYR G 48 -11.97 11.16 -25.49
N THR G 49 -10.94 11.70 -26.12
CA THR G 49 -9.63 11.82 -25.51
C THR G 49 -9.00 13.16 -25.89
N HIS G 50 -8.13 13.65 -25.02
CA HIS G 50 -7.29 14.80 -25.30
C HIS G 50 -5.84 14.36 -25.33
N GLU G 51 -5.11 14.77 -26.36
CA GLU G 51 -3.72 14.35 -26.54
C GLU G 51 -2.82 15.56 -26.64
N PHE G 52 -1.64 15.45 -26.04
CA PHE G 52 -0.62 16.49 -26.09
C PHE G 52 0.73 15.82 -26.27
N ASP G 53 1.38 16.07 -27.42
CA ASP G 53 2.64 15.44 -27.77
C ASP G 53 2.54 13.92 -27.76
N GLY G 54 1.42 13.40 -28.26
CA GLY G 54 1.27 11.97 -28.45
C GLY G 54 0.89 11.18 -27.23
N ASP G 55 0.66 11.82 -26.09
CA ASP G 55 0.26 11.14 -24.87
C ASP G 55 -1.16 11.55 -24.48
N GLU G 56 -1.88 10.62 -23.87
CA GLU G 56 -3.27 10.84 -23.51
C GLU G 56 -3.37 11.59 -22.20
N GLN G 57 -4.05 12.74 -22.22
CA GLN G 57 -4.21 13.54 -21.00
C GLN G 57 -5.36 13.03 -20.15
N PHE G 58 -6.49 12.70 -20.77
CA PHE G 58 -7.62 12.12 -20.06
C PHE G 58 -8.56 11.50 -21.08
N TYR G 59 -9.58 10.80 -20.57
CA TYR G 59 -10.67 10.32 -21.40
C TYR G 59 -11.96 10.42 -20.60
N VAL G 60 -13.07 10.55 -21.32
CA VAL G 60 -14.39 10.70 -20.72
C VAL G 60 -15.15 9.41 -20.97
N ASP G 61 -15.42 8.67 -19.91
CA ASP G 61 -16.19 7.43 -20.01
C ASP G 61 -17.65 7.80 -20.34
N LEU G 62 -18.05 7.53 -21.58
CA LEU G 62 -19.35 8.00 -22.05
C LEU G 62 -20.49 7.37 -21.27
N GLY G 63 -20.40 6.07 -20.99
CA GLY G 63 -21.47 5.41 -20.27
C GLY G 63 -21.64 5.91 -18.85
N ARG G 64 -20.53 6.12 -18.16
CA ARG G 64 -20.57 6.55 -16.76
C ARG G 64 -20.55 8.06 -16.59
N LYS G 65 -20.34 8.81 -17.68
CA LYS G 65 -20.33 10.28 -17.64
C LYS G 65 -19.31 10.79 -16.62
N GLU G 66 -18.09 10.28 -16.70
CA GLU G 66 -17.03 10.63 -15.78
C GLU G 66 -15.75 10.93 -16.57
N THR G 67 -14.96 11.87 -16.04
CA THR G 67 -13.69 12.25 -16.64
C THR G 67 -12.56 11.62 -15.86
N VAL G 68 -11.82 10.72 -16.51
CA VAL G 68 -10.73 9.99 -15.87
C VAL G 68 -9.42 10.56 -16.39
N TRP G 69 -8.66 11.20 -15.51
CA TRP G 69 -7.39 11.80 -15.90
C TRP G 69 -6.28 10.75 -15.90
N CYS G 70 -5.48 10.77 -16.95
CA CYS G 70 -4.42 9.79 -17.13
C CYS G 70 -3.08 10.24 -16.55
N LEU G 71 -2.98 11.49 -16.09
CA LEU G 71 -1.74 12.01 -15.52
C LEU G 71 -2.06 12.63 -14.17
N PRO G 72 -1.33 12.27 -13.11
CA PRO G 72 -1.68 12.79 -11.78
C PRO G 72 -1.59 14.31 -11.66
N VAL G 73 -0.68 14.95 -12.40
CA VAL G 73 -0.49 16.39 -12.27
C VAL G 73 -1.60 17.14 -13.00
N LEU G 74 -2.46 16.40 -13.70
CA LEU G 74 -3.55 17.00 -14.45
C LEU G 74 -4.90 16.87 -13.74
N ARG G 75 -4.94 16.27 -12.55
CA ARG G 75 -6.19 16.14 -11.82
C ARG G 75 -6.66 17.45 -11.20
N GLN G 76 -5.81 18.49 -11.19
CA GLN G 76 -6.18 19.77 -10.61
C GLN G 76 -7.14 20.57 -11.48
N PHE G 77 -7.32 20.19 -12.75
CA PHE G 77 -8.20 20.88 -13.66
C PHE G 77 -9.57 20.23 -13.67
N ARG G 78 -10.49 20.84 -14.42
CA ARG G 78 -11.86 20.35 -14.52
C ARG G 78 -12.31 20.35 -15.97
N PHE G 79 -12.89 19.25 -16.41
CA PHE G 79 -13.53 19.14 -17.72
C PHE G 79 -14.89 18.48 -17.53
N ASP G 80 -15.93 19.13 -18.02
CA ASP G 80 -17.28 18.59 -17.85
C ASP G 80 -17.49 17.38 -18.74
N PRO G 81 -17.84 16.22 -18.20
CA PRO G 81 -18.09 15.05 -19.06
C PRO G 81 -19.22 15.26 -20.05
N GLN G 82 -20.24 16.05 -19.69
CA GLN G 82 -21.36 16.30 -20.60
C GLN G 82 -20.90 17.04 -21.85
N PHE G 83 -19.79 17.76 -21.79
CA PHE G 83 -19.24 18.39 -22.99
C PHE G 83 -18.88 17.36 -24.03
N ALA G 84 -18.27 16.25 -23.61
CA ALA G 84 -17.89 15.19 -24.55
C ALA G 84 -19.10 14.55 -25.18
N LEU G 85 -20.16 14.34 -24.41
CA LEU G 85 -21.35 13.65 -24.93
C LEU G 85 -22.05 14.48 -26.00
N THR G 86 -22.03 15.80 -25.86
CA THR G 86 -22.62 16.67 -26.89
C THR G 86 -21.87 16.52 -28.21
N ASN G 87 -20.54 16.46 -28.17
CA ASN G 87 -19.75 16.36 -29.40
C ASN G 87 -20.02 15.04 -30.12
N ILE G 88 -20.07 13.93 -29.38
CA ILE G 88 -20.22 12.64 -30.04
C ILE G 88 -21.62 12.48 -30.59
N ALA G 89 -22.61 13.13 -29.98
CA ALA G 89 -23.95 13.13 -30.55
C ALA G 89 -23.98 13.81 -31.92
N VAL G 90 -23.12 14.80 -32.12
CA VAL G 90 -23.02 15.43 -33.43
C VAL G 90 -22.39 14.49 -34.44
N LEU G 91 -21.35 13.75 -34.02
CA LEU G 91 -20.71 12.81 -34.93
C LEU G 91 -21.66 11.71 -35.38
N LYS G 92 -22.56 11.27 -34.50
CA LYS G 92 -23.53 10.26 -34.87
C LYS G 92 -24.46 10.77 -35.97
N HIS G 93 -24.96 12.00 -35.82
CA HIS G 93 -25.80 12.58 -36.85
C HIS G 93 -25.03 12.84 -38.14
N ASN G 94 -23.77 13.27 -38.01
CA ASN G 94 -22.94 13.49 -39.19
C ASN G 94 -22.69 12.20 -39.94
N LEU G 95 -22.46 11.10 -39.22
CA LEU G 95 -22.15 9.83 -39.87
C LEU G 95 -23.32 9.32 -40.70
N ASN G 96 -24.54 9.45 -40.18
CA ASN G 96 -25.71 8.98 -40.93
C ASN G 96 -25.90 9.77 -42.22
N SER G 97 -25.60 11.06 -42.20
CA SER G 97 -25.67 11.85 -43.43
C SER G 97 -24.56 11.49 -44.39
N LEU G 98 -23.45 10.93 -43.91
CA LEU G 98 -22.33 10.57 -44.79
C LEU G 98 -22.45 9.18 -45.36
N ILE G 99 -23.14 8.27 -44.66
CA ILE G 99 -23.30 6.91 -45.18
C ILE G 99 -24.12 6.93 -46.48
N LYS G 100 -25.13 7.80 -46.54
CA LYS G 100 -25.94 7.91 -47.74
C LYS G 100 -25.13 8.49 -48.90
N ARG G 101 -24.39 9.57 -48.65
CA ARG G 101 -23.60 10.18 -49.72
C ARG G 101 -22.47 9.29 -50.18
N SER G 102 -21.92 8.47 -49.29
CA SER G 102 -20.86 7.53 -49.66
C SER G 102 -21.40 6.22 -50.20
N ASN G 103 -22.72 6.06 -50.25
CA ASN G 103 -23.37 4.84 -50.75
C ASN G 103 -22.90 3.62 -49.98
N SER G 104 -22.75 3.78 -48.66
CA SER G 104 -22.42 2.68 -47.74
C SER G 104 -21.10 2.01 -48.11
N THR G 105 -20.02 2.79 -48.02
CA THR G 105 -18.66 2.27 -48.18
C THR G 105 -18.17 1.83 -46.81
N ALA G 106 -18.11 0.52 -46.58
CA ALA G 106 -17.66 0.01 -45.30
C ALA G 106 -16.15 0.24 -45.13
N ALA G 107 -15.73 0.25 -43.87
CA ALA G 107 -14.32 0.44 -43.57
C ALA G 107 -13.51 -0.76 -44.06
N THR G 108 -12.35 -0.47 -44.64
CA THR G 108 -11.46 -1.53 -45.10
C THR G 108 -10.60 -1.98 -43.93
N ASN G 109 -10.82 -3.20 -43.45
CA ASN G 109 -10.09 -3.70 -42.30
C ASN G 109 -8.60 -3.82 -42.62
N GLU G 110 -7.77 -3.46 -41.65
CA GLU G 110 -6.33 -3.45 -41.80
C GLU G 110 -5.71 -4.60 -41.02
N VAL G 111 -4.41 -4.80 -41.24
CA VAL G 111 -3.64 -5.83 -40.58
C VAL G 111 -2.86 -5.19 -39.45
N PRO G 112 -3.20 -5.44 -38.18
CA PRO G 112 -2.46 -4.82 -37.08
C PRO G 112 -1.03 -5.33 -36.99
N GLU G 113 -0.16 -4.48 -36.44
CA GLU G 113 1.21 -4.82 -36.14
C GLU G 113 1.37 -4.88 -34.62
N VAL G 114 1.85 -6.00 -34.11
CA VAL G 114 1.91 -6.25 -32.68
C VAL G 114 3.37 -6.36 -32.27
N THR G 115 3.77 -5.57 -31.27
CA THR G 115 5.13 -5.57 -30.75
C THR G 115 5.06 -5.68 -29.23
N VAL G 116 5.85 -6.60 -28.66
CA VAL G 116 5.89 -6.84 -27.23
C VAL G 116 7.29 -6.56 -26.72
N PHE G 117 7.40 -5.73 -25.70
CA PHE G 117 8.68 -5.39 -25.10
C PHE G 117 8.49 -5.03 -23.64
N SER G 118 9.59 -5.08 -22.89
CA SER G 118 9.56 -4.82 -21.46
C SER G 118 9.81 -3.33 -21.19
N LYS G 119 9.08 -2.80 -20.21
CA LYS G 119 9.22 -1.38 -19.88
C LYS G 119 10.59 -1.07 -19.30
N SER G 120 11.13 -1.98 -18.50
CA SER G 120 12.43 -1.85 -17.88
C SER G 120 13.26 -3.07 -18.18
N PRO G 121 14.58 -2.98 -18.08
CA PRO G 121 15.42 -4.17 -18.29
C PRO G 121 15.02 -5.30 -17.35
N VAL G 122 14.98 -6.51 -17.90
CA VAL G 122 14.37 -7.64 -17.20
C VAL G 122 15.38 -8.20 -16.21
N THR G 123 15.13 -7.95 -14.92
CA THR G 123 15.89 -8.57 -13.84
C THR G 123 14.95 -9.48 -13.06
N LEU G 124 15.34 -10.74 -12.90
CA LEU G 124 14.47 -11.73 -12.29
C LEU G 124 14.14 -11.35 -10.85
N GLY G 125 12.86 -11.14 -10.57
CA GLY G 125 12.42 -10.82 -9.24
C GLY G 125 11.85 -9.42 -9.09
N GLN G 126 12.49 -8.44 -9.71
CA GLN G 126 12.02 -7.07 -9.57
C GLN G 126 10.72 -6.89 -10.34
N PRO G 127 9.77 -6.11 -9.82
CA PRO G 127 8.52 -5.87 -10.55
C PRO G 127 8.79 -5.21 -11.89
N ASN G 128 7.99 -5.57 -12.88
CA ASN G 128 8.12 -5.00 -14.22
C ASN G 128 6.75 -4.96 -14.86
N ILE G 129 6.64 -4.17 -15.92
CA ILE G 129 5.40 -4.01 -16.67
C ILE G 129 5.67 -4.41 -18.12
N LEU G 130 4.95 -5.40 -18.61
CA LEU G 130 5.01 -5.73 -20.03
C LEU G 130 4.21 -4.73 -20.85
N ILE G 131 4.67 -4.49 -22.07
CA ILE G 131 4.03 -3.55 -22.96
C ILE G 131 3.76 -4.24 -24.30
N CYS G 132 2.50 -4.32 -24.68
CA CYS G 132 2.09 -4.86 -25.97
C CYS G 132 1.50 -3.72 -26.78
N LEU G 133 2.16 -3.36 -27.87
CA LEU G 133 1.77 -2.24 -28.71
C LEU G 133 1.14 -2.79 -29.99
N VAL G 134 -0.16 -2.59 -30.14
CA VAL G 134 -0.87 -2.93 -31.36
C VAL G 134 -0.98 -1.67 -32.19
N ASP G 135 -0.38 -1.71 -33.39
CA ASP G 135 -0.29 -0.55 -34.26
C ASP G 135 -1.10 -0.79 -35.53
N ASN G 136 -1.50 0.31 -36.16
CA ASN G 136 -2.25 0.29 -37.42
C ASN G 136 -3.61 -0.39 -37.25
N ILE G 137 -4.33 0.01 -36.22
CA ILE G 137 -5.65 -0.54 -35.91
C ILE G 137 -6.69 0.25 -36.68
N PHE G 138 -7.51 -0.45 -37.47
CA PHE G 138 -8.68 0.15 -38.09
C PHE G 138 -9.63 -0.94 -38.55
N PRO G 139 -10.90 -0.92 -38.15
CA PRO G 139 -11.58 0.05 -37.27
C PRO G 139 -11.14 -0.07 -35.82
N PRO G 140 -11.48 0.88 -34.95
CA PRO G 140 -11.09 0.77 -33.54
C PRO G 140 -11.83 -0.33 -32.80
N VAL G 141 -11.68 -1.57 -33.25
CA VAL G 141 -12.29 -2.74 -32.61
C VAL G 141 -11.22 -3.82 -32.52
N VAL G 142 -10.79 -4.13 -31.30
CA VAL G 142 -9.70 -5.07 -31.08
C VAL G 142 -9.84 -5.67 -29.69
N ASN G 143 -9.43 -6.94 -29.56
CA ASN G 143 -9.36 -7.62 -28.27
C ASN G 143 -7.91 -7.95 -27.99
N ILE G 144 -7.34 -7.31 -26.98
CA ILE G 144 -5.97 -7.54 -26.55
C ILE G 144 -6.01 -8.26 -25.21
N THR G 145 -5.48 -9.47 -25.18
CA THR G 145 -5.47 -10.28 -23.98
C THR G 145 -4.09 -10.88 -23.77
N TRP G 146 -3.80 -11.27 -22.54
CA TRP G 146 -2.52 -11.84 -22.18
C TRP G 146 -2.68 -13.31 -21.85
N LEU G 147 -1.71 -14.12 -22.27
CA LEU G 147 -1.70 -15.55 -22.03
C LEU G 147 -0.44 -15.92 -21.27
N SER G 148 -0.58 -16.78 -20.26
CA SER G 148 0.54 -17.30 -19.50
C SER G 148 0.47 -18.82 -19.55
N ASN G 149 1.32 -19.42 -20.39
CA ASN G 149 1.34 -20.87 -20.60
C ASN G 149 -0.04 -21.39 -21.00
N GLY G 150 -0.71 -20.65 -21.87
CA GLY G 150 -1.97 -21.09 -22.45
C GLY G 150 -3.22 -20.71 -21.67
N HIS G 151 -3.08 -20.08 -20.51
CA HIS G 151 -4.23 -19.69 -19.70
C HIS G 151 -4.33 -18.17 -19.62
N SER G 152 -5.55 -17.67 -19.72
CA SER G 152 -5.77 -16.23 -19.71
C SER G 152 -5.39 -15.62 -18.36
N VAL G 153 -4.87 -14.40 -18.41
CA VAL G 153 -4.48 -13.66 -17.22
C VAL G 153 -5.38 -12.46 -17.09
N THR G 154 -6.04 -12.32 -15.94
CA THR G 154 -6.96 -11.23 -15.68
C THR G 154 -6.56 -10.46 -14.42
N GLU G 155 -5.28 -10.50 -14.05
CA GLU G 155 -4.79 -9.81 -12.86
C GLU G 155 -3.65 -8.90 -13.27
N GLY G 156 -3.78 -7.61 -12.96
CA GLY G 156 -2.75 -6.64 -13.30
C GLY G 156 -2.70 -6.22 -14.74
N VAL G 157 -3.79 -6.41 -15.49
CA VAL G 157 -3.85 -6.07 -16.90
C VAL G 157 -4.57 -4.74 -17.06
N SER G 158 -3.94 -3.82 -17.77
CA SER G 158 -4.54 -2.51 -18.05
C SER G 158 -4.25 -2.13 -19.50
N GLU G 159 -5.10 -1.29 -20.06
CA GLU G 159 -4.99 -0.86 -21.44
C GLU G 159 -5.18 0.65 -21.53
N THR G 160 -4.60 1.22 -22.58
CA THR G 160 -4.78 2.63 -22.92
C THR G 160 -5.90 2.78 -23.94
N SER G 161 -6.34 4.02 -24.11
CA SER G 161 -7.37 4.29 -25.10
C SER G 161 -6.78 4.23 -26.51
N PHE G 162 -7.66 4.14 -27.50
CA PHE G 162 -7.22 4.22 -28.89
C PHE G 162 -6.60 5.58 -29.16
N LEU G 163 -5.29 5.61 -29.38
CA LEU G 163 -4.56 6.84 -29.59
C LEU G 163 -4.41 7.10 -31.08
N SER G 164 -4.59 8.34 -31.48
CA SER G 164 -4.71 8.70 -32.88
C SER G 164 -3.36 8.70 -33.58
N LYS G 165 -3.40 8.61 -34.91
CA LYS G 165 -2.22 8.73 -35.75
C LYS G 165 -2.42 9.81 -36.81
N SER G 166 -1.48 9.93 -37.74
CA SER G 166 -1.56 10.91 -38.79
C SER G 166 -2.23 10.37 -40.06
N ASP G 167 -2.20 9.05 -40.25
CA ASP G 167 -2.92 8.42 -41.34
C ASP G 167 -4.34 8.04 -40.94
N HIS G 168 -4.80 8.52 -39.78
CA HIS G 168 -6.15 8.31 -39.28
C HIS G 168 -6.40 6.86 -38.88
N SER G 169 -5.34 6.17 -38.47
CA SER G 169 -5.41 4.87 -37.83
C SER G 169 -5.24 5.07 -36.32
N PHE G 170 -5.09 3.97 -35.59
CA PHE G 170 -5.01 4.04 -34.14
C PHE G 170 -3.97 3.05 -33.65
N PHE G 171 -3.50 3.27 -32.42
CA PHE G 171 -2.65 2.32 -31.74
C PHE G 171 -3.05 2.24 -30.27
N LYS G 172 -2.96 1.04 -29.72
CA LYS G 172 -3.39 0.75 -28.36
C LYS G 172 -2.27 0.01 -27.65
N ILE G 173 -2.21 0.16 -26.34
CA ILE G 173 -1.16 -0.44 -25.52
C ILE G 173 -1.82 -1.16 -24.36
N SER G 174 -1.39 -2.40 -24.10
CA SER G 174 -1.85 -3.18 -22.96
C SER G 174 -0.68 -3.46 -22.04
N TYR G 175 -0.88 -3.24 -20.75
CA TYR G 175 0.16 -3.44 -19.75
C TYR G 175 -0.15 -4.67 -18.91
N LEU G 176 0.90 -5.40 -18.52
CA LEU G 176 0.78 -6.59 -17.69
C LEU G 176 1.82 -6.49 -16.57
N THR G 177 1.39 -6.02 -15.40
CA THR G 177 2.29 -5.96 -14.24
C THR G 177 2.62 -7.38 -13.82
N LEU G 178 3.87 -7.78 -14.02
CA LEU G 178 4.30 -9.15 -13.81
C LEU G 178 5.53 -9.18 -12.91
N LEU G 179 5.72 -10.31 -12.27
CA LEU G 179 6.97 -10.60 -11.56
C LEU G 179 7.76 -11.61 -12.38
N PRO G 180 8.86 -11.22 -13.01
CA PRO G 180 9.56 -12.13 -13.92
C PRO G 180 9.98 -13.41 -13.23
N SER G 181 9.78 -14.53 -13.94
CA SER G 181 10.21 -15.84 -13.49
C SER G 181 10.84 -16.56 -14.67
N ALA G 182 11.99 -17.19 -14.43
CA ALA G 182 12.69 -17.89 -15.51
C ALA G 182 11.88 -19.06 -16.06
N GLU G 183 10.93 -19.58 -15.29
CA GLU G 183 10.13 -20.72 -15.72
C GLU G 183 8.79 -20.32 -16.33
N GLU G 184 8.52 -19.02 -16.44
CA GLU G 184 7.22 -18.54 -16.90
C GLU G 184 7.38 -17.69 -18.15
N SER G 185 6.48 -17.88 -19.11
CA SER G 185 6.49 -17.15 -20.37
C SER G 185 5.10 -16.55 -20.61
N TYR G 186 5.06 -15.52 -21.46
CA TYR G 186 3.84 -14.80 -21.72
C TYR G 186 3.66 -14.56 -23.21
N ASP G 187 2.40 -14.39 -23.62
CA ASP G 187 2.05 -14.06 -24.99
C ASP G 187 1.00 -12.97 -24.98
N CYS G 188 0.94 -12.22 -26.07
CA CYS G 188 -0.05 -11.15 -26.25
C CYS G 188 -0.99 -11.59 -27.37
N LYS G 189 -2.24 -11.87 -27.03
CA LYS G 189 -3.23 -12.31 -27.99
C LYS G 189 -3.99 -11.11 -28.52
N VAL G 190 -3.87 -10.86 -29.82
CA VAL G 190 -4.51 -9.70 -30.46
C VAL G 190 -5.50 -10.24 -31.48
N GLU G 191 -6.78 -9.96 -31.26
CA GLU G 191 -7.84 -10.36 -32.17
C GLU G 191 -8.37 -9.15 -32.91
N HIS G 192 -8.39 -9.23 -34.24
CA HIS G 192 -8.91 -8.14 -35.06
C HIS G 192 -9.50 -8.74 -36.32
N TRP G 193 -10.41 -7.97 -36.93
CA TRP G 193 -11.10 -8.44 -38.13
C TRP G 193 -10.14 -8.63 -39.29
N GLY G 194 -9.05 -7.88 -39.30
CA GLY G 194 -8.08 -7.97 -40.39
C GLY G 194 -7.12 -9.13 -40.31
N LEU G 195 -7.23 -9.96 -39.29
CA LEU G 195 -6.38 -11.13 -39.12
C LEU G 195 -7.20 -12.39 -39.38
N ASP G 196 -6.66 -13.28 -40.21
CA ASP G 196 -7.37 -14.52 -40.51
C ASP G 196 -7.57 -15.36 -39.27
N LYS G 197 -6.53 -15.49 -38.46
CA LYS G 197 -6.55 -16.19 -37.19
C LYS G 197 -5.94 -15.30 -36.13
N PRO G 198 -6.29 -15.50 -34.86
CA PRO G 198 -5.76 -14.62 -33.81
C PRO G 198 -4.25 -14.62 -33.80
N LEU G 199 -3.68 -13.44 -33.55
CA LEU G 199 -2.25 -13.23 -33.59
C LEU G 199 -1.67 -13.33 -32.18
N LEU G 200 -0.58 -14.05 -32.04
CA LEU G 200 0.12 -14.21 -30.77
C LEU G 200 1.53 -13.67 -30.91
N LYS G 201 1.93 -12.79 -30.00
CA LYS G 201 3.29 -12.30 -29.91
C LYS G 201 3.89 -12.78 -28.60
N HIS G 202 5.01 -13.48 -28.69
CA HIS G 202 5.60 -14.17 -27.56
C HIS G 202 6.61 -13.29 -26.83
N TRP G 203 6.88 -13.64 -25.58
CA TRP G 203 7.90 -12.95 -24.79
C TRP G 203 8.43 -13.91 -23.74
N GLU G 204 9.75 -14.11 -23.74
CA GLU G 204 10.42 -14.92 -22.74
C GLU G 204 11.59 -14.14 -22.15
N PRO G 205 11.82 -14.23 -20.84
CA PRO G 205 12.91 -13.53 -20.15
C PRO G 205 14.29 -13.91 -20.67
N MET G 211 26.58 -21.48 -14.03
CA MET G 211 27.37 -20.53 -13.27
C MET G 211 27.63 -20.98 -11.85
N SER G 212 26.77 -21.86 -11.34
CA SER G 212 26.95 -22.36 -9.98
C SER G 212 28.21 -23.19 -9.82
N GLU G 213 28.50 -24.05 -10.80
CA GLU G 213 29.70 -24.86 -10.72
C GLU G 213 30.97 -24.03 -10.78
N LEU G 214 31.00 -23.04 -11.68
CA LEU G 214 32.16 -22.16 -11.78
C LEU G 214 32.35 -21.34 -10.50
N THR G 215 31.24 -20.83 -9.95
CA THR G 215 31.32 -20.07 -8.70
C THR G 215 31.81 -20.94 -7.55
N GLU G 216 31.32 -22.18 -7.48
CA GLU G 216 31.76 -23.09 -6.42
C GLU G 216 33.25 -23.38 -6.54
N THR G 217 33.73 -23.62 -7.77
CA THR G 217 35.15 -23.85 -7.96
C THR G 217 35.97 -22.61 -7.63
N VAL G 218 35.48 -21.44 -8.03
CA VAL G 218 36.19 -20.20 -7.73
C VAL G 218 36.23 -19.93 -6.23
N VAL G 219 35.12 -20.16 -5.53
CA VAL G 219 35.09 -19.94 -4.08
C VAL G 219 36.05 -20.88 -3.36
N CYS G 220 36.09 -22.14 -3.76
CA CYS G 220 37.00 -23.10 -3.13
C CYS G 220 38.45 -22.75 -3.44
N ALA G 221 38.73 -22.27 -4.65
CA ALA G 221 40.10 -21.96 -5.04
C ALA G 221 40.69 -20.86 -4.16
N LEU G 222 39.92 -19.79 -3.93
CA LEU G 222 40.40 -18.74 -3.04
C LEU G 222 40.42 -19.20 -1.59
N GLY G 223 39.51 -20.10 -1.23
CA GLY G 223 39.43 -20.58 0.15
C GLY G 223 40.71 -21.28 0.56
N LEU G 224 41.15 -22.26 -0.24
CA LEU G 224 42.37 -22.99 0.10
C LEU G 224 43.60 -22.08 -0.05
N SER G 225 43.56 -21.15 -1.00
CA SER G 225 44.67 -20.22 -1.16
C SER G 225 44.82 -19.32 0.05
N VAL G 226 43.74 -18.66 0.46
CA VAL G 226 43.79 -17.83 1.66
C VAL G 226 44.05 -18.67 2.91
N GLY G 227 43.63 -19.93 2.89
CA GLY G 227 43.95 -20.83 4.00
C GLY G 227 45.44 -21.08 4.09
N LEU G 228 46.08 -21.37 2.95
CA LEU G 228 47.52 -21.59 2.94
C LEU G 228 48.28 -20.30 3.23
N VAL G 229 47.74 -19.16 2.79
CA VAL G 229 48.41 -17.88 3.05
C VAL G 229 48.51 -17.59 4.54
N GLY G 230 47.43 -17.83 5.28
CA GLY G 230 47.47 -17.63 6.72
C GLY G 230 48.36 -18.66 7.38
N ILE G 231 48.37 -19.89 6.86
CA ILE G 231 49.20 -20.94 7.44
C ILE G 231 50.69 -20.61 7.29
N VAL G 232 51.07 -20.05 6.14
CA VAL G 232 52.47 -19.73 5.90
C VAL G 232 52.97 -18.68 6.89
N VAL G 233 52.20 -17.62 7.08
CA VAL G 233 52.62 -16.56 7.99
C VAL G 233 52.76 -17.08 9.42
N GLY G 234 51.84 -17.94 9.85
CA GLY G 234 51.96 -18.54 11.17
C GLY G 234 53.22 -19.38 11.28
N THR G 235 53.53 -20.15 10.23
CA THR G 235 54.78 -20.90 10.20
C THR G 235 55.97 -19.98 10.03
N VAL G 236 55.84 -18.93 9.21
CA VAL G 236 56.93 -17.99 9.02
C VAL G 236 57.26 -17.27 10.32
N PHE G 237 56.24 -16.93 11.11
CA PHE G 237 56.47 -16.23 12.36
C PHE G 237 57.34 -17.06 13.29
N ILE G 238 57.10 -18.37 13.36
CA ILE G 238 57.98 -19.22 14.14
C ILE G 238 59.38 -19.26 13.54
N ILE G 239 59.47 -19.38 12.21
CA ILE G 239 60.77 -19.49 11.56
C ILE G 239 61.60 -18.23 11.77
N ARG G 240 60.99 -17.06 11.62
CA ARG G 240 61.71 -15.83 11.91
C ARG G 240 62.09 -15.75 13.38
N GLY G 241 61.18 -16.14 14.27
CA GLY G 241 61.48 -16.10 15.70
C GLY G 241 62.42 -17.22 16.10
N LEU G 242 62.54 -18.28 15.29
CA LEU G 242 63.41 -19.39 15.63
C LEU G 242 64.87 -18.97 15.67
N ARG G 243 65.30 -18.14 14.72
CA ARG G 243 66.69 -17.72 14.67
C ARG G 243 67.09 -16.93 15.90
N SER G 244 66.22 -16.03 16.35
CA SER G 244 66.50 -15.20 17.52
C SER G 244 66.48 -16.03 18.80
N SER H 35 -16.43 -10.88 -40.91
CA SER H 35 -16.05 -9.48 -40.79
C SER H 35 -17.24 -8.56 -41.01
N PRO H 36 -17.94 -8.24 -39.92
CA PRO H 36 -19.12 -7.37 -40.04
C PRO H 36 -18.74 -6.00 -40.58
N GLU H 37 -19.67 -5.42 -41.34
CA GLU H 37 -19.46 -4.08 -41.87
C GLU H 37 -19.47 -3.05 -40.74
N ASP H 38 -18.63 -2.03 -40.88
CA ASP H 38 -18.47 -1.02 -39.86
C ASP H 38 -18.12 0.31 -40.51
N PHE H 39 -18.77 1.38 -40.03
CA PHE H 39 -18.51 2.73 -40.51
C PHE H 39 -17.97 3.55 -39.36
N VAL H 40 -16.86 4.24 -39.59
CA VAL H 40 -16.16 4.99 -38.55
C VAL H 40 -16.10 6.45 -38.95
N TYR H 41 -16.54 7.33 -38.06
CA TYR H 41 -16.44 8.77 -38.23
C TYR H 41 -15.64 9.33 -37.07
N GLN H 42 -14.61 10.10 -37.38
CA GLN H 42 -13.75 10.68 -36.37
C GLN H 42 -13.53 12.16 -36.67
N PHE H 43 -13.32 12.93 -35.61
CA PHE H 43 -13.13 14.36 -35.67
C PHE H 43 -11.93 14.73 -34.81
N LYS H 44 -11.07 15.60 -35.32
CA LYS H 44 -9.84 15.97 -34.62
C LYS H 44 -9.70 17.49 -34.64
N ALA H 45 -9.43 18.07 -33.48
CA ALA H 45 -9.14 19.50 -33.36
C ALA H 45 -7.70 19.62 -32.88
N MET H 46 -6.81 19.98 -33.81
CA MET H 46 -5.37 19.94 -33.57
C MET H 46 -4.80 21.34 -33.55
N CYS H 47 -4.05 21.64 -32.50
CA CYS H 47 -3.32 22.90 -32.35
C CYS H 47 -1.84 22.66 -32.54
N TYR H 48 -1.18 23.51 -33.30
CA TYR H 48 0.25 23.41 -33.53
C TYR H 48 0.96 24.64 -32.96
N PHE H 49 1.92 24.39 -32.07
CA PHE H 49 2.61 25.53 -31.40
C PHE H 49 4.06 25.61 -31.88
N THR H 50 4.35 26.55 -32.79
CA THR H 50 5.75 26.75 -33.25
C THR H 50 6.39 27.79 -32.33
N ASN H 51 7.61 27.54 -31.86
CA ASN H 51 8.27 28.47 -30.89
C ASN H 51 7.37 28.59 -29.66
N GLY H 52 7.23 29.80 -29.10
CA GLY H 52 6.30 30.01 -27.98
C GLY H 52 4.91 30.32 -28.52
N THR H 53 4.15 31.18 -27.86
CA THR H 53 2.88 31.54 -28.47
C THR H 53 3.05 32.46 -29.67
N GLU H 54 4.25 32.52 -30.24
CA GLU H 54 4.51 33.42 -31.35
C GLU H 54 3.67 33.05 -32.57
N ARG H 55 3.71 31.79 -32.97
CA ARG H 55 2.92 31.31 -34.09
C ARG H 55 2.11 30.10 -33.66
N VAL H 56 0.84 30.08 -34.08
CA VAL H 56 -0.07 28.98 -33.78
C VAL H 56 -0.88 28.66 -35.01
N ARG H 57 -0.98 27.38 -35.36
CA ARG H 57 -1.87 26.92 -36.40
C ARG H 57 -2.99 26.10 -35.78
N TYR H 58 -4.18 26.18 -36.37
CA TYR H 58 -5.35 25.48 -35.87
C TYR H 58 -6.05 24.80 -37.03
N VAL H 59 -6.07 23.48 -37.01
CA VAL H 59 -6.73 22.69 -38.05
C VAL H 59 -7.73 21.75 -37.40
N THR H 60 -8.95 21.72 -37.92
CA THR H 60 -9.97 20.78 -37.52
C THR H 60 -10.26 19.85 -38.70
N ARG H 61 -10.17 18.54 -38.46
CA ARG H 61 -10.20 17.54 -39.51
C ARG H 61 -11.44 16.68 -39.37
N TYR H 62 -12.19 16.54 -40.46
CA TYR H 62 -13.37 15.69 -40.51
C TYR H 62 -13.03 14.46 -41.34
N ILE H 63 -12.94 13.31 -40.67
CA ILE H 63 -12.47 12.07 -41.29
C ILE H 63 -13.63 11.08 -41.36
N TYR H 64 -13.77 10.43 -42.52
CA TYR H 64 -14.76 9.38 -42.72
C TYR H 64 -14.02 8.15 -43.23
N ASN H 65 -13.76 7.20 -42.32
CA ASN H 65 -13.04 5.96 -42.64
C ASN H 65 -11.68 6.26 -43.24
N ARG H 66 -10.83 6.91 -42.44
CA ARG H 66 -9.45 7.24 -42.82
C ARG H 66 -9.38 8.14 -44.03
N GLU H 67 -10.44 8.89 -44.32
CA GLU H 67 -10.48 9.79 -45.48
C GLU H 67 -10.97 11.15 -45.01
N GLU H 68 -10.04 12.07 -44.80
CA GLU H 68 -10.37 13.43 -44.40
C GLU H 68 -10.91 14.19 -45.60
N TYR H 69 -12.14 14.68 -45.49
CA TYR H 69 -12.80 15.34 -46.61
C TYR H 69 -13.00 16.84 -46.43
N ALA H 70 -13.23 17.30 -45.20
CA ALA H 70 -13.39 18.71 -44.92
C ALA H 70 -12.42 19.11 -43.83
N ARG H 71 -11.81 20.28 -43.97
CA ARG H 71 -10.81 20.74 -43.02
C ARG H 71 -10.90 22.25 -42.87
N PHE H 72 -10.48 22.73 -41.71
CA PHE H 72 -10.31 24.15 -41.43
C PHE H 72 -8.83 24.43 -41.24
N ASP H 73 -8.36 25.52 -41.83
CA ASP H 73 -6.96 25.93 -41.70
C ASP H 73 -6.91 27.36 -41.20
N SER H 74 -6.21 27.57 -40.08
CA SER H 74 -6.11 28.92 -39.53
C SER H 74 -5.32 29.84 -40.45
N ASP H 75 -4.41 29.28 -41.25
CA ASP H 75 -3.68 30.08 -42.22
C ASP H 75 -4.51 30.39 -43.47
N VAL H 76 -5.75 29.88 -43.49
CA VAL H 76 -6.68 30.17 -44.61
C VAL H 76 -7.95 30.78 -43.99
N GLU H 77 -8.30 30.36 -42.77
CA GLU H 77 -9.50 30.87 -42.05
C GLU H 77 -10.77 30.56 -42.85
N VAL H 78 -10.70 29.60 -43.77
CA VAL H 78 -11.87 29.26 -44.64
C VAL H 78 -11.95 27.74 -44.77
N TYR H 79 -13.14 27.16 -44.58
CA TYR H 79 -13.31 25.73 -44.76
C TYR H 79 -13.00 25.31 -46.19
N ARG H 80 -12.31 24.18 -46.33
CA ARG H 80 -11.92 23.66 -47.63
C ARG H 80 -12.38 22.22 -47.75
N ALA H 81 -12.28 21.68 -48.96
CA ALA H 81 -12.66 20.31 -49.26
C ALA H 81 -11.44 19.55 -49.76
N VAL H 82 -11.23 18.35 -49.23
CA VAL H 82 -10.09 17.52 -49.59
C VAL H 82 -10.48 16.45 -50.60
N THR H 83 -11.62 15.79 -50.38
CA THR H 83 -12.08 14.74 -51.28
C THR H 83 -13.40 15.17 -51.91
N PRO H 84 -13.92 14.46 -52.92
CA PRO H 84 -15.20 14.88 -53.52
C PRO H 84 -16.38 14.90 -52.56
N LEU H 85 -16.24 14.38 -51.34
CA LEU H 85 -17.30 14.44 -50.35
C LEU H 85 -17.28 15.74 -49.54
N GLY H 86 -16.62 16.77 -50.05
CA GLY H 86 -16.40 17.99 -49.31
C GLY H 86 -17.29 19.17 -49.67
N PRO H 87 -17.48 19.44 -50.95
CA PRO H 87 -18.24 20.64 -51.36
C PRO H 87 -19.63 20.70 -50.74
N PRO H 88 -20.35 19.58 -50.58
CA PRO H 88 -21.63 19.66 -49.86
C PRO H 88 -21.51 20.23 -48.46
N ASP H 89 -20.40 19.98 -47.76
CA ASP H 89 -20.23 20.49 -46.41
C ASP H 89 -19.35 21.73 -46.33
N ALA H 90 -18.49 21.96 -47.33
CA ALA H 90 -17.57 23.09 -47.26
C ALA H 90 -18.31 24.40 -47.42
N GLU H 91 -19.19 24.49 -48.42
CA GLU H 91 -19.92 25.73 -48.65
C GLU H 91 -20.96 25.98 -47.56
N TYR H 92 -21.66 24.94 -47.13
CA TYR H 92 -22.73 25.12 -46.16
C TYR H 92 -22.20 25.62 -44.83
N TRP H 93 -21.11 25.01 -44.35
CA TRP H 93 -20.51 25.48 -43.10
C TRP H 93 -19.97 26.90 -43.26
N ASN H 94 -19.38 27.20 -44.41
CA ASN H 94 -18.84 28.52 -44.64
C ASN H 94 -19.93 29.55 -44.88
N SER H 95 -21.14 29.11 -45.25
CA SER H 95 -22.24 30.05 -45.47
C SER H 95 -22.67 30.72 -44.17
N GLN H 96 -22.84 29.92 -43.11
CA GLN H 96 -23.25 30.47 -41.81
C GLN H 96 -22.12 31.31 -41.24
N LYS H 97 -22.28 32.64 -41.26
CA LYS H 97 -21.22 33.51 -40.77
C LYS H 97 -21.08 33.43 -39.26
N GLU H 98 -22.19 33.25 -38.54
CA GLU H 98 -22.11 33.18 -37.09
C GLU H 98 -21.29 31.98 -36.63
N VAL H 99 -21.52 30.82 -37.24
CA VAL H 99 -20.76 29.63 -36.88
C VAL H 99 -19.32 29.73 -37.36
N LEU H 100 -19.11 30.26 -38.57
CA LEU H 100 -17.76 30.36 -39.11
C LEU H 100 -16.88 31.24 -38.25
N GLU H 101 -17.43 32.35 -37.74
CA GLU H 101 -16.67 33.19 -36.83
C GLU H 101 -16.39 32.48 -35.51
N ARG H 102 -17.30 31.64 -35.05
CA ARG H 102 -17.10 30.91 -33.80
C ARG H 102 -15.90 29.98 -33.89
N THR H 103 -15.79 29.24 -35.00
CA THR H 103 -14.69 28.29 -35.14
C THR H 103 -13.36 29.01 -35.35
N ARG H 104 -13.38 30.14 -36.05
CA ARG H 104 -12.15 30.89 -36.27
C ARG H 104 -11.61 31.46 -34.96
N ALA H 105 -12.49 31.75 -34.01
CA ALA H 105 -12.05 32.27 -32.72
C ALA H 105 -11.53 31.19 -31.78
N GLU H 106 -11.67 29.92 -32.15
CA GLU H 106 -11.16 28.84 -31.32
C GLU H 106 -9.64 28.80 -31.28
N LEU H 107 -8.96 29.53 -32.17
CA LEU H 107 -7.51 29.60 -32.12
C LEU H 107 -7.02 30.20 -30.82
N ASP H 108 -7.81 31.10 -30.24
CA ASP H 108 -7.47 31.76 -28.99
C ASP H 108 -8.18 31.15 -27.78
N THR H 109 -9.44 30.77 -27.92
CA THR H 109 -10.21 30.25 -26.79
C THR H 109 -9.98 28.77 -26.53
N VAL H 110 -9.30 28.06 -27.43
CA VAL H 110 -9.05 26.63 -27.24
C VAL H 110 -7.55 26.38 -27.19
N CYS H 111 -6.85 26.72 -28.28
CA CYS H 111 -5.41 26.46 -28.33
C CYS H 111 -4.64 27.32 -27.33
N ARG H 112 -4.88 28.63 -27.34
CA ARG H 112 -4.13 29.52 -26.46
C ARG H 112 -4.63 29.47 -25.03
N HIS H 113 -5.90 29.14 -24.81
CA HIS H 113 -6.39 28.97 -23.44
C HIS H 113 -5.76 27.74 -22.81
N ASN H 114 -5.78 26.61 -23.51
CA ASN H 114 -5.27 25.36 -22.93
C ASN H 114 -3.75 25.40 -22.79
N TYR H 115 -3.06 26.04 -23.73
CA TYR H 115 -1.60 26.03 -23.71
C TYR H 115 -1.06 26.73 -22.46
N GLN H 116 -1.80 27.70 -21.92
CA GLN H 116 -1.38 28.32 -20.67
C GLN H 116 -1.37 27.31 -19.53
N LEU H 117 -2.37 26.43 -19.49
CA LEU H 117 -2.38 25.37 -18.49
C LEU H 117 -1.32 24.32 -18.78
N GLU H 118 -0.95 24.14 -20.05
CA GLU H 118 0.09 23.17 -20.39
C GLU H 118 1.44 23.60 -19.83
N LEU H 119 1.69 24.90 -19.73
CA LEU H 119 2.96 25.38 -19.21
C LEU H 119 3.17 24.96 -17.75
N ARG H 120 2.11 24.99 -16.96
CA ARG H 120 2.26 24.73 -15.53
C ARG H 120 2.43 23.25 -15.22
N THR H 121 1.77 22.37 -15.97
CA THR H 121 1.71 20.96 -15.62
C THR H 121 2.44 20.06 -16.61
N THR H 122 2.07 20.08 -17.89
CA THR H 122 2.60 19.08 -18.81
C THR H 122 3.98 19.47 -19.35
N LEU H 123 4.10 20.70 -19.85
CA LEU H 123 5.41 21.17 -20.32
C LEU H 123 6.41 21.29 -19.19
N GLN H 124 5.93 21.38 -17.95
CA GLN H 124 6.81 21.43 -16.79
C GLN H 124 7.24 20.05 -16.32
N ARG H 125 6.61 18.99 -16.81
CA ARG H 125 6.97 17.64 -16.38
C ARG H 125 8.32 17.24 -16.93
N ARG H 126 9.19 16.75 -16.04
CA ARG H 126 10.52 16.27 -16.43
C ARG H 126 10.88 15.09 -15.54
N VAL H 127 11.32 14.00 -16.16
CA VAL H 127 11.67 12.78 -15.44
C VAL H 127 13.09 12.39 -15.80
N GLU H 128 13.92 12.17 -14.78
CA GLU H 128 15.32 11.85 -15.00
C GLU H 128 15.46 10.46 -15.61
N PRO H 129 16.27 10.29 -16.65
CA PRO H 129 16.46 8.97 -17.23
C PRO H 129 17.29 8.05 -16.34
N THR H 130 17.17 6.76 -16.60
CA THR H 130 17.99 5.74 -15.97
C THR H 130 18.76 4.99 -17.04
N VAL H 131 20.03 4.70 -16.77
CA VAL H 131 20.93 4.09 -17.73
C VAL H 131 21.48 2.80 -17.15
N THR H 132 21.41 1.72 -17.93
CA THR H 132 22.02 0.46 -17.57
C THR H 132 22.73 -0.12 -18.79
N ILE H 133 23.82 -0.84 -18.54
CA ILE H 133 24.65 -1.42 -19.58
C ILE H 133 24.71 -2.93 -19.36
N SER H 134 24.39 -3.68 -20.40
CA SER H 134 24.41 -5.13 -20.36
C SER H 134 24.94 -5.64 -21.69
N PRO H 135 25.52 -6.85 -21.72
CA PRO H 135 25.99 -7.45 -22.97
C PRO H 135 24.85 -7.98 -23.83
N LEU H 146 26.49 -7.87 -28.46
CA LEU H 146 27.12 -6.56 -28.41
C LEU H 146 27.07 -5.99 -27.00
N LEU H 147 26.93 -4.67 -26.90
CA LEU H 147 26.81 -3.98 -25.62
C LEU H 147 25.69 -2.95 -25.76
N VAL H 148 24.57 -3.21 -25.08
CA VAL H 148 23.37 -2.38 -25.20
C VAL H 148 23.30 -1.43 -24.02
N CYS H 149 23.11 -0.14 -24.32
CA CYS H 149 22.94 0.90 -23.30
C CYS H 149 21.47 1.28 -23.28
N SER H 150 20.74 0.79 -22.29
CA SER H 150 19.30 1.02 -22.18
C SER H 150 19.05 2.28 -21.38
N VAL H 151 18.37 3.25 -21.99
CA VAL H 151 17.93 4.46 -21.32
C VAL H 151 16.42 4.40 -21.21
N THR H 152 15.90 4.31 -19.99
CA THR H 152 14.50 4.02 -19.77
C THR H 152 13.86 5.06 -18.86
N ASP H 153 12.55 5.23 -19.03
CA ASP H 153 11.71 6.04 -18.15
C ASP H 153 12.18 7.49 -18.08
N PHE H 154 12.09 8.17 -19.22
CA PHE H 154 12.43 9.58 -19.28
C PHE H 154 11.39 10.32 -20.10
N TYR H 155 11.26 11.63 -19.81
CA TYR H 155 10.35 12.53 -20.50
C TYR H 155 10.94 13.93 -20.37
N PRO H 156 10.91 14.76 -21.43
CA PRO H 156 10.36 14.53 -22.77
C PRO H 156 11.24 13.68 -23.68
N ALA H 157 11.03 13.77 -24.99
CA ALA H 157 11.67 12.89 -25.96
C ALA H 157 13.03 13.38 -26.43
N GLN H 158 13.44 14.59 -26.06
CA GLN H 158 14.74 15.09 -26.45
C GLN H 158 15.83 14.42 -25.63
N ILE H 159 16.80 13.80 -26.29
CA ILE H 159 17.88 13.10 -25.61
C ILE H 159 19.01 12.89 -26.62
N LYS H 160 20.24 12.84 -26.09
CA LYS H 160 21.42 12.53 -26.89
C LYS H 160 22.25 11.50 -26.12
N VAL H 161 22.63 10.43 -26.81
CA VAL H 161 23.33 9.31 -26.21
C VAL H 161 24.61 9.07 -27.00
N ARG H 162 25.74 8.93 -26.28
CA ARG H 162 27.04 8.72 -26.89
C ARG H 162 27.72 7.52 -26.26
N TRP H 163 28.55 6.85 -27.05
CA TRP H 163 29.36 5.75 -26.58
C TRP H 163 30.83 6.14 -26.63
N PHE H 164 31.57 5.78 -25.58
CA PHE H 164 32.97 6.15 -25.43
C PHE H 164 33.84 4.91 -25.31
N ARG H 165 35.05 4.99 -25.87
CA ARG H 165 36.06 3.94 -25.76
C ARG H 165 37.33 4.59 -25.22
N ASN H 166 37.44 4.64 -23.89
CA ASN H 166 38.58 5.26 -23.20
C ASN H 166 38.77 6.71 -23.66
N ASP H 167 37.74 7.51 -23.39
CA ASP H 167 37.72 8.93 -23.76
C ASP H 167 37.86 9.13 -25.27
N GLN H 168 37.43 8.14 -26.04
CA GLN H 168 37.32 8.26 -27.49
C GLN H 168 35.92 7.88 -27.89
N GLU H 169 35.24 8.78 -28.59
CA GLU H 169 33.84 8.55 -28.99
C GLU H 169 33.80 7.48 -30.07
N GLU H 170 33.38 6.28 -29.70
CA GLU H 170 33.34 5.15 -30.63
C GLU H 170 32.17 5.32 -31.61
N THR H 171 32.44 5.90 -32.77
CA THR H 171 31.43 6.11 -33.79
C THR H 171 31.54 5.12 -34.94
N THR H 172 32.38 4.09 -34.80
CA THR H 172 32.55 3.12 -35.87
C THR H 172 31.25 2.38 -36.16
N GLY H 173 30.76 1.61 -35.19
CA GLY H 173 29.49 0.94 -35.34
C GLY H 173 28.55 1.20 -34.18
N VAL H 174 27.46 1.90 -34.45
CA VAL H 174 26.45 2.21 -33.44
C VAL H 174 25.08 2.08 -34.10
N VAL H 175 24.24 1.21 -33.56
CA VAL H 175 22.89 1.00 -34.06
C VAL H 175 21.92 1.44 -32.97
N SER H 176 21.03 2.38 -33.30
CA SER H 176 20.12 2.97 -32.34
C SER H 176 18.69 2.53 -32.64
N THR H 177 18.04 1.93 -31.66
CA THR H 177 16.61 1.66 -31.77
C THR H 177 15.85 2.97 -31.62
N PRO H 178 14.88 3.25 -32.49
CA PRO H 178 14.18 4.54 -32.43
C PRO H 178 13.47 4.73 -31.10
N LEU H 179 13.03 5.96 -30.87
CA LEU H 179 12.33 6.30 -29.65
C LEU H 179 11.10 5.41 -29.48
N ILE H 180 10.94 4.86 -28.28
CA ILE H 180 9.83 3.98 -27.95
C ILE H 180 8.95 4.70 -26.94
N ARG H 181 7.66 4.82 -27.26
CA ARG H 181 6.69 5.50 -26.41
C ARG H 181 5.98 4.45 -25.57
N ASN H 182 6.33 4.37 -24.29
CA ASN H 182 5.74 3.36 -23.42
C ASN H 182 4.24 3.54 -23.28
N GLY H 183 3.79 4.79 -23.41
CA GLY H 183 2.35 5.10 -23.26
C GLY H 183 2.09 5.85 -21.97
N ASP H 184 2.90 5.59 -20.94
CA ASP H 184 2.71 6.26 -19.62
C ASP H 184 3.61 7.50 -19.56
N TRP H 185 3.44 8.43 -20.51
CA TRP H 185 4.24 9.69 -20.53
C TRP H 185 5.72 9.37 -20.31
N THR H 186 6.18 8.18 -20.72
CA THR H 186 7.59 7.85 -20.62
C THR H 186 8.13 7.50 -22.00
N PHE H 187 9.45 7.34 -22.07
CA PHE H 187 10.12 7.03 -23.33
C PHE H 187 11.26 6.07 -23.07
N GLN H 188 11.70 5.41 -24.14
CA GLN H 188 12.86 4.53 -24.10
C GLN H 188 13.74 4.81 -25.30
N ILE H 189 14.97 4.30 -25.24
CA ILE H 189 15.87 4.29 -26.39
C ILE H 189 16.98 3.30 -26.10
N LEU H 190 17.35 2.51 -27.09
CA LEU H 190 18.39 1.51 -26.96
C LEU H 190 19.52 1.80 -27.95
N VAL H 191 20.75 1.81 -27.46
CA VAL H 191 21.93 2.01 -28.28
C VAL H 191 22.88 0.85 -28.05
N MET H 192 23.33 0.23 -29.15
CA MET H 192 24.24 -0.90 -29.08
C MET H 192 25.44 -0.65 -29.97
N LEU H 193 26.58 -1.23 -29.59
CA LEU H 193 27.81 -1.09 -30.34
C LEU H 193 28.64 -2.35 -30.23
N GLU H 194 29.35 -2.68 -31.30
CA GLU H 194 30.21 -3.85 -31.30
C GLU H 194 31.48 -3.58 -30.49
N MET H 195 32.04 -4.65 -29.93
CA MET H 195 33.18 -4.54 -29.03
C MET H 195 34.31 -5.46 -29.48
N THR H 196 35.53 -5.01 -29.24
CA THR H 196 36.73 -5.84 -29.36
C THR H 196 37.38 -5.89 -27.99
N PRO H 197 37.13 -6.94 -27.20
CA PRO H 197 37.54 -6.93 -25.80
C PRO H 197 39.05 -6.81 -25.64
N GLN H 198 39.46 -6.06 -24.62
CA GLN H 198 40.86 -5.86 -24.30
C GLN H 198 41.04 -5.87 -22.79
N HIS H 199 42.24 -6.21 -22.36
CA HIS H 199 42.54 -6.25 -20.94
C HIS H 199 42.66 -4.83 -20.38
N GLY H 200 41.84 -4.51 -19.38
CA GLY H 200 41.82 -3.19 -18.79
C GLY H 200 41.02 -2.16 -19.55
N ASP H 201 40.41 -2.53 -20.68
CA ASP H 201 39.63 -1.59 -21.47
C ASP H 201 38.25 -1.41 -20.86
N VAL H 202 37.77 -0.17 -20.87
CA VAL H 202 36.48 0.18 -20.29
C VAL H 202 35.62 0.88 -21.33
N TYR H 203 34.31 0.78 -21.17
CA TYR H 203 33.35 1.43 -22.04
C TYR H 203 32.36 2.21 -21.19
N THR H 204 32.08 3.45 -21.57
CA THR H 204 31.14 4.30 -20.86
C THR H 204 30.07 4.81 -21.81
N CYS H 205 28.82 4.79 -21.37
CA CYS H 205 27.69 5.31 -22.11
C CYS H 205 27.34 6.69 -21.60
N HIS H 206 27.35 7.68 -22.49
CA HIS H 206 27.16 9.08 -22.13
C HIS H 206 25.80 9.56 -22.61
N VAL H 207 25.02 10.12 -21.69
CA VAL H 207 23.67 10.58 -21.99
C VAL H 207 23.51 12.02 -21.52
N GLU H 208 22.55 12.71 -22.12
CA GLU H 208 22.19 14.07 -21.72
C GLU H 208 20.72 14.30 -22.03
N HIS H 209 20.05 15.08 -21.19
CA HIS H 209 18.61 15.21 -21.24
C HIS H 209 18.23 16.58 -20.68
N PRO H 210 17.16 17.19 -21.18
CA PRO H 210 16.76 18.51 -20.64
C PRO H 210 16.45 18.49 -19.16
N SER H 211 16.05 17.34 -18.61
CA SER H 211 15.76 17.25 -17.19
C SER H 211 17.00 17.22 -16.32
N LEU H 212 18.18 17.06 -16.91
CA LEU H 212 19.43 16.89 -16.16
C LEU H 212 20.29 18.15 -16.30
N GLN H 213 20.73 18.67 -15.16
CA GLN H 213 21.71 19.76 -15.17
C GLN H 213 23.11 19.26 -15.49
N ASN H 214 23.43 18.01 -15.14
CA ASN H 214 24.72 17.43 -15.38
C ASN H 214 24.53 16.09 -16.08
N PRO H 215 25.29 15.80 -17.14
CA PRO H 215 25.11 14.53 -17.86
C PRO H 215 25.41 13.33 -16.98
N ILE H 216 24.74 12.22 -17.28
CA ILE H 216 24.90 10.97 -16.55
C ILE H 216 25.74 10.01 -17.39
N THR H 217 26.77 9.45 -16.79
CA THR H 217 27.65 8.51 -17.46
C THR H 217 27.74 7.24 -16.63
N VAL H 218 27.57 6.09 -17.28
CA VAL H 218 27.66 4.79 -16.64
C VAL H 218 28.72 3.98 -17.37
N GLU H 219 29.60 3.32 -16.63
CA GLU H 219 30.73 2.59 -17.17
C GLU H 219 30.48 1.09 -17.13
N TRP H 220 31.36 0.35 -17.79
CA TRP H 220 31.28 -1.11 -17.80
C TRP H 220 32.69 -1.67 -17.97
N ARG H 221 33.02 -2.69 -17.18
CA ARG H 221 34.33 -3.31 -17.23
C ARG H 221 34.23 -4.83 -17.40
N GLN H 228 35.59 -15.36 -11.25
CA GLN H 228 36.52 -16.46 -11.14
C GLN H 228 37.96 -15.99 -11.39
N SER H 229 38.09 -14.92 -12.19
CA SER H 229 39.40 -14.37 -12.47
C SER H 229 40.09 -13.85 -11.21
N LYS H 230 39.33 -13.19 -10.34
CA LYS H 230 39.89 -12.72 -9.08
C LYS H 230 40.31 -13.89 -8.20
N MET H 231 39.50 -14.95 -8.17
CA MET H 231 39.85 -16.13 -7.37
C MET H 231 41.10 -16.80 -7.90
N LEU H 232 41.22 -16.92 -9.23
CA LEU H 232 42.41 -17.53 -9.81
C LEU H 232 43.66 -16.69 -9.56
N SER H 233 43.53 -15.37 -9.68
CA SER H 233 44.68 -14.49 -9.45
C SER H 233 45.17 -14.59 -8.02
N GLY H 234 44.25 -14.60 -7.06
CA GLY H 234 44.64 -14.73 -5.66
C GLY H 234 45.20 -16.11 -5.35
N ILE H 235 44.74 -17.14 -6.07
CA ILE H 235 45.20 -18.50 -5.83
C ILE H 235 46.70 -18.63 -6.12
N GLY H 236 47.15 -18.07 -7.24
CA GLY H 236 48.57 -18.14 -7.57
C GLY H 236 49.43 -17.34 -6.60
N GLY H 237 48.96 -16.14 -6.22
CA GLY H 237 49.73 -15.30 -5.32
C GLY H 237 49.85 -15.91 -3.94
N PHE H 238 48.75 -16.48 -3.41
CA PHE H 238 48.78 -17.02 -2.07
C PHE H 238 49.59 -18.31 -1.99
N VAL H 239 49.40 -19.21 -2.97
CA VAL H 239 50.15 -20.47 -2.96
C VAL H 239 51.65 -20.21 -3.10
N LEU H 240 52.02 -19.27 -3.97
CA LEU H 240 53.43 -18.89 -4.08
C LEU H 240 53.92 -18.27 -2.78
N GLY H 241 53.11 -17.43 -2.15
CA GLY H 241 53.47 -16.88 -0.84
C GLY H 241 53.48 -17.97 0.22
N LEU H 242 52.59 -18.97 0.09
CA LEU H 242 52.60 -20.08 1.02
C LEU H 242 53.91 -20.86 0.95
N ILE H 243 54.39 -21.13 -0.27
CA ILE H 243 55.68 -21.79 -0.42
C ILE H 243 56.83 -20.86 -0.10
N PHE H 244 56.63 -19.55 -0.26
CA PHE H 244 57.71 -18.59 0.01
C PHE H 244 58.09 -18.61 1.48
N LEU H 245 57.10 -18.63 2.37
CA LEU H 245 57.39 -18.62 3.80
C LEU H 245 57.88 -19.98 4.29
N GLY H 246 57.39 -21.07 3.70
CA GLY H 246 57.76 -22.40 4.16
C GLY H 246 59.24 -22.67 3.96
N LEU H 247 59.80 -22.20 2.84
CA LEU H 247 61.20 -22.47 2.54
C LEU H 247 62.12 -21.79 3.55
N GLY H 248 61.75 -20.60 4.03
CA GLY H 248 62.61 -19.85 4.95
C GLY H 248 62.80 -20.60 6.26
N LEU H 249 61.84 -21.47 6.63
CA LEU H 249 61.97 -22.22 7.87
C LEU H 249 63.16 -23.17 7.80
N ILE H 250 63.31 -23.88 6.69
CA ILE H 250 64.46 -24.78 6.53
C ILE H 250 65.76 -23.98 6.47
N ILE H 251 65.77 -22.86 5.75
CA ILE H 251 66.98 -22.04 5.65
C ILE H 251 67.39 -21.50 7.02
N HIS H 252 66.41 -21.01 7.79
CA HIS H 252 66.71 -20.59 9.15
C HIS H 252 67.14 -21.76 10.01
N HIS H 253 66.52 -22.93 9.82
CA HIS H 253 66.95 -24.12 10.54
C HIS H 253 68.36 -24.55 10.15
N ARG H 254 68.66 -24.51 8.85
CA ARG H 254 69.99 -24.91 8.39
C ARG H 254 71.05 -23.92 8.86
N SER H 255 70.75 -22.62 8.78
CA SER H 255 71.72 -21.61 9.22
C SER H 255 71.99 -21.73 10.71
N GLN H 256 70.95 -21.93 11.52
CA GLN H 256 71.14 -22.11 12.95
C GLN H 256 71.92 -23.40 13.25
N LYS H 257 71.61 -24.47 12.53
CA LYS H 257 72.29 -25.75 12.73
C LYS H 257 73.70 -25.70 12.17
N GLY I 59 56.23 -40.95 13.28
CA GLY I 59 55.01 -40.46 13.90
C GLY I 59 54.10 -39.72 12.95
N ALA I 60 53.08 -40.41 12.45
CA ALA I 60 52.13 -39.83 11.51
C ALA I 60 50.94 -39.17 12.19
N LEU I 61 50.87 -39.20 13.51
CA LEU I 61 49.76 -38.56 14.21
C LEU I 61 49.76 -37.05 13.97
N TYR I 62 50.93 -36.43 14.04
CA TYR I 62 50.99 -35.00 13.77
C TYR I 62 50.70 -34.68 12.32
N THR I 63 50.98 -35.62 11.41
CA THR I 63 50.61 -35.43 10.01
C THR I 63 49.11 -35.35 9.86
N GLY I 64 48.38 -36.20 10.60
CA GLY I 64 46.93 -36.15 10.54
C GLY I 64 46.38 -34.84 11.03
N PHE I 65 46.88 -34.35 12.16
CA PHE I 65 46.39 -33.09 12.71
C PHE I 65 46.64 -31.94 11.75
N SER I 66 47.70 -32.02 10.96
CA SER I 66 48.02 -30.94 10.03
C SER I 66 46.92 -30.76 8.99
N ILE I 67 46.40 -31.86 8.45
CA ILE I 67 45.37 -31.76 7.42
C ILE I 67 44.08 -31.23 8.02
N LEU I 68 43.75 -31.64 9.25
CA LEU I 68 42.50 -31.23 9.86
C LEU I 68 42.44 -29.73 10.06
N VAL I 69 43.55 -29.12 10.49
CA VAL I 69 43.55 -27.68 10.74
C VAL I 69 43.38 -26.91 9.43
N THR I 70 44.07 -27.35 8.37
CA THR I 70 43.95 -26.67 7.08
C THR I 70 42.54 -26.77 6.54
N LEU I 71 41.92 -27.95 6.64
CA LEU I 71 40.53 -28.09 6.24
C LEU I 71 39.61 -27.26 7.13
N LEU I 72 39.94 -27.16 8.42
CA LEU I 72 39.12 -26.37 9.32
C LEU I 72 39.16 -24.89 8.97
N LEU I 73 40.34 -24.37 8.63
CA LEU I 73 40.44 -22.97 8.24
C LEU I 73 39.85 -22.73 6.87
N ALA I 74 39.94 -23.71 5.97
CA ALA I 74 39.27 -23.59 4.68
C ALA I 74 37.77 -23.49 4.85
N GLY I 75 37.22 -24.27 5.78
CA GLY I 75 35.80 -24.17 6.06
C GLY I 75 35.40 -22.82 6.63
N GLN I 76 36.28 -22.23 7.47
CA GLN I 76 35.96 -20.93 8.04
C GLN I 76 35.93 -19.85 6.98
N ALA I 77 36.75 -19.98 5.92
CA ALA I 77 36.67 -19.04 4.82
C ALA I 77 35.31 -19.09 4.14
N THR I 78 34.76 -20.28 3.97
CA THR I 78 33.45 -20.42 3.35
C THR I 78 32.37 -19.76 4.19
N THR I 79 32.42 -19.94 5.51
CA THR I 79 31.45 -19.29 6.38
C THR I 79 31.55 -17.77 6.30
N ALA I 80 32.78 -17.25 6.26
CA ALA I 80 32.97 -15.81 6.15
C ALA I 80 32.44 -15.28 4.82
N TYR I 81 32.68 -16.01 3.74
CA TYR I 81 32.22 -15.57 2.43
C TYR I 81 30.70 -15.51 2.36
N PHE I 82 30.03 -16.55 2.86
CA PHE I 82 28.58 -16.55 2.84
C PHE I 82 28.01 -15.54 3.83
N LEU I 83 28.68 -15.33 4.96
CA LEU I 83 28.22 -14.32 5.91
C LEU I 83 28.30 -12.93 5.32
N TYR I 84 29.39 -12.62 4.61
CA TYR I 84 29.49 -11.35 3.91
C TYR I 84 28.46 -11.27 2.79
N GLN I 85 28.20 -12.40 2.11
CA GLN I 85 27.22 -12.40 1.03
C GLN I 85 25.83 -12.05 1.52
N GLN I 86 25.44 -12.59 2.68
CA GLN I 86 24.10 -12.33 3.20
C GLN I 86 23.92 -10.89 3.64
N GLN I 87 25.00 -10.23 4.06
CA GLN I 87 24.87 -8.84 4.49
C GLN I 87 24.52 -7.93 3.32
N GLY I 88 24.84 -8.34 2.10
CA GLY I 88 24.38 -7.60 0.94
C GLY I 88 22.88 -7.68 0.77
N ARG I 89 22.31 -8.86 1.01
CA ARG I 89 20.86 -9.00 0.92
C ARG I 89 20.15 -8.19 1.98
N LEU I 90 20.63 -8.23 3.22
CA LEU I 90 19.98 -7.49 4.30
C LEU I 90 20.03 -5.99 4.06
N ASP I 91 21.17 -5.49 3.59
CA ASP I 91 21.27 -4.07 3.26
C ASP I 91 20.33 -3.70 2.12
N LYS I 92 20.22 -4.58 1.12
CA LYS I 92 19.28 -4.33 0.03
C LYS I 92 17.84 -4.48 0.50
N LEU I 93 17.56 -5.49 1.33
CA LEU I 93 16.20 -5.67 1.85
C LEU I 93 15.80 -4.55 2.79
N THR I 94 16.76 -4.01 3.55
CA THR I 94 16.44 -2.89 4.45
C THR I 94 15.98 -1.68 3.66
N VAL I 95 16.64 -1.39 2.54
CA VAL I 95 16.26 -0.23 1.73
C VAL I 95 14.87 -0.42 1.13
N THR I 96 14.59 -1.63 0.62
CA THR I 96 13.28 -1.88 0.04
C THR I 96 12.18 -1.84 1.10
N SER I 97 12.45 -2.37 2.29
CA SER I 97 11.46 -2.34 3.35
C SER I 97 11.13 -0.91 3.76
N GLN I 98 12.15 -0.06 3.90
CA GLN I 98 11.90 1.31 4.33
C GLN I 98 11.39 2.20 3.20
N ASN I 99 11.64 1.84 1.94
CA ASN I 99 10.98 2.55 0.85
C ASN I 99 9.50 2.20 0.79
N LEU I 100 9.15 0.97 1.12
CA LEU I 100 7.75 0.57 1.17
C LEU I 100 7.04 1.24 2.35
N GLN I 101 7.74 1.40 3.48
CA GLN I 101 7.18 2.12 4.61
C GLN I 101 6.89 3.57 4.26
N LEU I 102 7.74 4.18 3.43
CA LEU I 102 7.53 5.57 3.02
C LEU I 102 6.26 5.71 2.21
N GLU I 103 6.02 4.74 1.31
CA GLU I 103 4.79 4.76 0.46
C GLU I 103 3.58 4.75 1.39
N ASN I 104 3.54 3.80 2.31
CA ASN I 104 2.42 3.73 3.28
C ASN I 104 2.23 5.11 3.91
N LEU I 105 3.29 5.73 4.41
CA LEU I 105 3.17 7.03 5.07
C LEU I 105 2.48 8.03 4.17
N ARG I 106 2.81 8.04 2.88
CA ARG I 106 2.21 8.99 1.95
C ARG I 106 0.80 8.59 1.52
N MET I 107 0.43 7.34 1.70
CA MET I 107 -0.91 6.90 1.32
C MET I 107 -1.98 7.53 2.20
N LYS I 108 -1.61 8.07 3.35
CA LYS I 108 -2.56 8.63 4.31
C LYS I 108 -2.50 10.15 4.39
N LEU I 109 -1.77 10.80 3.49
CA LEU I 109 -1.61 12.24 3.51
C LEU I 109 -2.04 12.85 2.18
N PRO I 110 -3.10 13.65 2.14
CA PRO I 110 -3.48 14.32 0.88
C PRO I 110 -2.65 15.56 0.63
N LYS I 111 -2.98 16.31 -0.43
CA LYS I 111 -2.26 17.52 -0.78
C LYS I 111 -3.25 18.67 -0.92
N PRO I 112 -2.91 19.85 -0.41
CA PRO I 112 -3.81 21.00 -0.54
C PRO I 112 -4.05 21.35 -2.00
N PRO I 113 -5.32 21.34 -2.42
CA PRO I 113 -5.61 21.51 -3.85
C PRO I 113 -5.29 22.92 -4.34
N LYS I 114 -4.95 23.00 -5.62
CA LYS I 114 -4.73 24.25 -6.32
C LYS I 114 -6.04 24.80 -6.86
N PRO I 115 -6.10 26.08 -7.20
CA PRO I 115 -7.33 26.64 -7.78
C PRO I 115 -7.71 25.93 -9.07
N VAL I 116 -9.01 25.80 -9.28
CA VAL I 116 -9.57 25.02 -10.39
C VAL I 116 -9.62 25.89 -11.64
N SER I 117 -8.96 25.45 -12.70
CA SER I 117 -9.01 26.09 -14.01
C SER I 117 -9.46 25.06 -15.03
N LYS I 118 -10.49 25.40 -15.81
CA LYS I 118 -11.10 24.43 -16.72
C LYS I 118 -10.34 24.34 -18.03
N MET I 119 -10.21 23.11 -18.54
CA MET I 119 -9.68 22.88 -19.87
C MET I 119 -10.71 23.30 -20.91
N ARG I 120 -10.24 23.57 -22.12
CA ARG I 120 -11.10 24.03 -23.20
C ARG I 120 -11.11 23.00 -24.32
N MET I 121 -12.20 23.00 -25.08
CA MET I 121 -12.44 22.01 -26.12
C MET I 121 -12.97 22.71 -27.37
N ALA I 122 -13.05 21.95 -28.44
CA ALA I 122 -13.64 22.41 -29.70
C ALA I 122 -14.85 21.54 -30.02
N THR I 123 -15.83 22.16 -30.67
CA THR I 123 -17.06 21.46 -31.00
C THR I 123 -17.19 21.30 -32.50
N PRO I 124 -17.51 20.10 -32.98
CA PRO I 124 -17.73 19.92 -34.42
C PRO I 124 -19.02 20.57 -34.86
N LEU I 125 -19.27 20.52 -36.16
CA LEU I 125 -20.47 21.09 -36.74
C LEU I 125 -21.38 20.00 -37.28
N LEU I 126 -22.59 20.40 -37.66
CA LEU I 126 -23.59 19.49 -38.18
C LEU I 126 -23.56 19.51 -39.70
N MET I 127 -23.86 18.35 -40.30
CA MET I 127 -23.83 18.21 -41.76
C MET I 127 -25.21 18.51 -42.35
N GLN I 128 -25.67 19.74 -42.10
CA GLN I 128 -26.91 20.26 -42.68
C GLN I 128 -28.11 19.35 -42.39
#